data_6SVM
#
_entry.id   6SVM
#
_cell.length_a   151.995
_cell.length_b   151.995
_cell.length_c   165.803
_cell.angle_alpha   90.000
_cell.angle_beta   90.000
_cell.angle_gamma   90.000
#
_symmetry.space_group_name_H-M   'P 41 21 2'
#
loop_
_entity.id
_entity.type
_entity.pdbx_description
1 polymer 'Glutamine--fructose-6-phosphate aminotransferase [isomerizing] 1'
2 non-polymer GLUCOSE-6-PHOSPHATE
3 non-polymer 'GLUTAMIC ACID'
4 non-polymer URIDINE-DIPHOSPHATE-N-ACETYLGALACTOSAMINE
5 non-polymer 'MAGNESIUM ION'
6 water water
#
_entity_poly.entity_id   1
_entity_poly.type   'polypeptide(L)'
_entity_poly.pdbx_seq_one_letter_code
;MCGIFAYLNYHVPRTRREILETLIKGLQRLEYRGYDSAGVGFDGGNDKDWEANACKIQLIKKKGKVKALDEEVHKQQDMD
LDIEFDVHLGIAHTRWATHGEPSPVNSHPQRSDKNNEFIVIHNGIITNYKDLKKFLESKGYDFESETDTETIAKLVKYMY
DNRESQDTSFTTLVERVIQQLEGAFALVFKSVHFPGQAVGTRRGSPLLIGVRSEHKLSTDHIPILYRTGKDKKGSCNLSR
VDSTTCLFPVEEKAVEYYFASDASAVIEHTNRVIFLEDDDVAAVVDGRLSIHRIKRTAGHHHHHHDHPGRAVQTLQMELQ
QIMKGNFSSFMQKEIFEQPESVVNTMRGRVNFDDYTVNLGGLKDHIKEIQRCRRLILIACGTSYHAGVATRQVLEELTEL
PVMVELASDFLDRNTPVFRDDVCFFLSQSGETADTLMGLRYCKERGALTVGITNTVGSSISRETDCGVHINAGPEIGVAS
TKAYTSQFVSLVMFALMMCDDRISMQERRKEIMLGLKRLPDLIKEVLSMDDEIQKLATELYHQKSVLIMGRGYHYATCLE
GALKIKEITYMHSEGILAGELKHGPLALVDKLMPVIMIIMRDHTYAKCQNALQQVVARQGRPVVICDKEDTETIKNTKRT
IKVPHSVDCLQGILSVIPLQLLAFHLAVLRGYDVDFPRNLAKSVTVE
;
_entity_poly.pdbx_strand_id   A,B
#
# COMPACT_ATOMS: atom_id res chain seq x y z
N CYS A 2 2.00 -15.03 -29.54
CA CYS A 2 2.23 -15.19 -28.10
C CYS A 2 3.33 -16.23 -27.86
N GLY A 3 3.26 -17.33 -28.59
CA GLY A 3 4.27 -18.36 -28.52
C GLY A 3 4.84 -18.65 -29.90
N ILE A 4 6.16 -18.70 -30.01
CA ILE A 4 6.85 -18.97 -31.26
C ILE A 4 7.70 -20.22 -31.09
N PHE A 5 7.69 -21.08 -32.10
CA PHE A 5 8.55 -22.27 -32.11
C PHE A 5 8.81 -22.67 -33.56
N ALA A 6 10.09 -22.80 -33.90
CA ALA A 6 10.48 -23.25 -35.22
C ALA A 6 11.61 -24.26 -35.08
N TYR A 7 11.54 -25.33 -35.88
CA TYR A 7 12.49 -26.44 -35.79
C TYR A 7 13.15 -26.62 -37.15
N LEU A 8 14.47 -26.48 -37.18
CA LEU A 8 15.24 -26.60 -38.42
C LEU A 8 16.17 -27.80 -38.29
N ASN A 9 15.86 -28.87 -39.02
CA ASN A 9 16.73 -30.03 -39.09
C ASN A 9 17.57 -29.91 -40.35
N TYR A 10 18.89 -29.83 -40.18
CA TYR A 10 19.82 -29.68 -41.29
C TYR A 10 20.68 -30.93 -41.38
N HIS A 11 20.46 -31.74 -42.42
CA HIS A 11 21.15 -33.01 -42.62
C HIS A 11 20.95 -33.95 -41.42
N VAL A 12 19.80 -33.79 -40.75
CA VAL A 12 19.30 -34.77 -39.80
C VAL A 12 17.97 -35.28 -40.34
N PRO A 13 17.97 -36.41 -41.03
CA PRO A 13 16.73 -36.87 -41.68
C PRO A 13 15.58 -37.00 -40.70
N ARG A 14 14.45 -36.37 -41.04
CA ARG A 14 13.22 -36.46 -40.28
C ARG A 14 12.07 -36.60 -41.26
N THR A 15 11.13 -37.49 -40.93
CA THR A 15 9.91 -37.58 -41.74
C THR A 15 9.00 -36.38 -41.46
N ARG A 16 8.04 -36.18 -42.36
CA ARG A 16 7.07 -35.12 -42.16
C ARG A 16 6.31 -35.31 -40.85
N ARG A 17 5.96 -36.55 -40.52
CA ARG A 17 5.30 -36.83 -39.26
C ARG A 17 6.15 -36.33 -38.09
N GLU A 18 7.42 -36.71 -38.05
CA GLU A 18 8.29 -36.32 -36.95
C GLU A 18 8.40 -34.81 -36.87
N ILE A 19 8.52 -34.12 -38.01
CA ILE A 19 8.62 -32.67 -38.01
C ILE A 19 7.36 -32.05 -37.39
N LEU A 20 6.19 -32.52 -37.84
CA LEU A 20 4.94 -31.96 -37.34
C LEU A 20 4.74 -32.26 -35.86
N GLU A 21 5.10 -33.46 -35.41
CA GLU A 21 5.02 -33.77 -33.99
C GLU A 21 5.93 -32.87 -33.17
N THR A 22 7.08 -32.49 -33.73
CA THR A 22 7.99 -31.62 -33.01
C THR A 22 7.45 -30.20 -32.91
N LEU A 23 6.79 -29.73 -33.97
CA LEU A 23 6.15 -28.42 -33.91
C LEU A 23 5.01 -28.41 -32.90
N ILE A 24 4.12 -29.40 -32.98
CA ILE A 24 3.01 -29.49 -32.04
C ILE A 24 3.53 -29.57 -30.62
N LYS A 25 4.50 -30.44 -30.37
CA LYS A 25 5.05 -30.58 -29.02
C LYS A 25 5.64 -29.26 -28.55
N GLY A 26 6.19 -28.46 -29.47
CA GLY A 26 6.73 -27.17 -29.07
C GLY A 26 5.66 -26.20 -28.60
N LEU A 27 4.54 -26.15 -29.32
CA LEU A 27 3.43 -25.29 -28.92
C LEU A 27 2.83 -25.74 -27.59
N GLN A 28 2.82 -27.05 -27.33
CA GLN A 28 2.29 -27.52 -26.05
C GLN A 28 3.04 -26.91 -24.87
N ARG A 29 4.34 -26.65 -25.04
CA ARG A 29 5.12 -26.02 -23.99
C ARG A 29 4.82 -24.53 -23.84
N LEU A 30 4.07 -23.94 -24.77
CA LEU A 30 3.78 -22.51 -24.76
C LEU A 30 2.31 -22.21 -24.45
N GLU A 31 1.47 -23.22 -24.25
CA GLU A 31 0.05 -22.98 -24.05
C GLU A 31 -0.22 -22.22 -22.76
N TYR A 32 0.59 -22.45 -21.71
CA TYR A 32 0.34 -21.81 -20.41
C TYR A 32 0.33 -20.30 -20.51
N ARG A 33 0.94 -19.73 -21.54
CA ARG A 33 0.90 -18.29 -21.75
C ARG A 33 -0.45 -17.80 -22.26
N GLY A 34 -1.42 -18.70 -22.46
CA GLY A 34 -2.72 -18.30 -22.97
C GLY A 34 -2.70 -18.05 -24.46
N TYR A 35 -3.80 -18.34 -25.14
CA TYR A 35 -3.87 -18.16 -26.58
C TYR A 35 -5.28 -18.50 -27.03
N ASP A 36 -5.62 -18.09 -28.26
CA ASP A 36 -6.92 -18.32 -28.86
C ASP A 36 -6.88 -19.05 -30.18
N SER A 37 -5.70 -19.26 -30.75
CA SER A 37 -5.57 -19.92 -32.05
C SER A 37 -4.11 -20.33 -32.22
N ALA A 38 -3.87 -21.21 -33.20
CA ALA A 38 -2.53 -21.71 -33.44
C ALA A 38 -2.42 -22.17 -34.88
N GLY A 39 -1.19 -22.17 -35.40
CA GLY A 39 -0.95 -22.60 -36.76
C GLY A 39 0.47 -23.06 -36.97
N VAL A 40 0.68 -23.77 -38.07
CA VAL A 40 1.99 -24.31 -38.42
C VAL A 40 2.23 -24.13 -39.90
N GLY A 41 3.51 -23.98 -40.26
CA GLY A 41 3.91 -23.88 -41.66
C GLY A 41 5.06 -24.82 -41.97
N PHE A 42 4.94 -25.56 -43.07
CA PHE A 42 5.91 -26.58 -43.43
C PHE A 42 5.95 -26.72 -44.94
N ASP A 43 6.79 -27.63 -45.42
CA ASP A 43 6.92 -27.88 -46.85
C ASP A 43 5.85 -28.88 -47.28
N GLY A 44 4.96 -28.44 -48.18
CA GLY A 44 3.98 -29.33 -48.75
C GLY A 44 4.57 -30.18 -49.85
N GLY A 45 3.69 -30.89 -50.55
CA GLY A 45 4.11 -31.75 -51.63
C GLY A 45 4.43 -33.17 -51.17
N ASN A 46 4.10 -34.15 -51.99
CA ASN A 46 4.31 -35.56 -51.65
C ASN A 46 5.33 -36.23 -52.55
N ASP A 47 6.19 -35.46 -53.20
CA ASP A 47 7.25 -36.02 -54.01
C ASP A 47 8.25 -36.75 -53.11
N LYS A 48 8.51 -38.02 -53.42
CA LYS A 48 9.37 -38.84 -52.57
C LYS A 48 10.75 -38.22 -52.37
N ASP A 49 11.19 -37.35 -53.28
CA ASP A 49 12.45 -36.63 -53.12
C ASP A 49 12.17 -35.29 -52.43
N TRP A 50 12.74 -35.11 -51.23
CA TRP A 50 12.48 -33.91 -50.46
C TRP A 50 12.96 -32.65 -51.15
N GLU A 51 13.91 -32.77 -52.08
CA GLU A 51 14.50 -31.58 -52.71
C GLU A 51 13.50 -30.87 -53.62
N ALA A 52 12.54 -31.60 -54.18
CA ALA A 52 11.56 -30.99 -55.08
C ALA A 52 10.39 -30.37 -54.33
N ASN A 53 10.19 -30.73 -53.06
CA ASN A 53 9.10 -30.20 -52.26
C ASN A 53 9.45 -28.91 -51.54
N ALA A 54 10.57 -28.29 -51.89
CA ALA A 54 11.03 -27.08 -51.21
C ALA A 54 10.42 -25.82 -51.79
N CYS A 55 9.56 -25.93 -52.80
CA CYS A 55 8.89 -24.77 -53.41
C CYS A 55 7.39 -24.79 -53.16
N LYS A 56 6.94 -25.52 -52.15
CA LYS A 56 5.50 -25.64 -51.84
C LYS A 56 5.35 -25.55 -50.33
N ILE A 57 5.01 -24.36 -49.83
CA ILE A 57 4.78 -24.16 -48.40
C ILE A 57 3.31 -24.38 -48.11
N GLN A 58 3.03 -25.27 -47.15
CA GLN A 58 1.67 -25.57 -46.73
C GLN A 58 1.44 -24.99 -45.33
N LEU A 59 0.25 -24.44 -45.13
CA LEU A 59 -0.14 -23.84 -43.87
C LEU A 59 -1.35 -24.57 -43.31
N ILE A 60 -1.36 -24.79 -42.00
CA ILE A 60 -2.49 -25.35 -41.29
C ILE A 60 -2.71 -24.46 -40.06
N LYS A 61 -3.73 -23.60 -40.13
CA LYS A 61 -4.05 -22.67 -39.06
C LYS A 61 -5.49 -22.88 -38.63
N LYS A 62 -5.76 -22.67 -37.36
CA LYS A 62 -7.09 -22.96 -36.82
C LYS A 62 -7.30 -22.18 -35.54
N LYS A 63 -8.54 -21.75 -35.32
CA LYS A 63 -8.93 -21.18 -34.04
C LYS A 63 -9.22 -22.32 -33.07
N GLY A 64 -8.69 -22.22 -31.86
CA GLY A 64 -8.91 -23.24 -30.85
C GLY A 64 -7.59 -23.61 -30.20
N LYS A 65 -7.62 -24.73 -29.49
CA LYS A 65 -6.46 -25.20 -28.75
C LYS A 65 -5.55 -26.02 -29.65
N VAL A 66 -4.28 -26.13 -29.24
CA VAL A 66 -3.29 -26.88 -30.01
C VAL A 66 -3.76 -28.30 -30.25
N LYS A 67 -4.49 -28.89 -29.30
CA LYS A 67 -5.04 -30.23 -29.51
C LYS A 67 -5.86 -30.30 -30.80
N ALA A 68 -6.75 -29.33 -30.99
CA ALA A 68 -7.55 -29.28 -32.21
C ALA A 68 -6.66 -29.14 -33.44
N LEU A 69 -5.58 -28.37 -33.32
CA LEU A 69 -4.64 -28.24 -34.43
C LEU A 69 -3.98 -29.58 -34.74
N ASP A 70 -3.53 -30.30 -33.70
CA ASP A 70 -2.91 -31.60 -33.91
C ASP A 70 -3.87 -32.55 -34.62
N GLU A 71 -5.15 -32.53 -34.24
CA GLU A 71 -6.14 -33.33 -34.94
C GLU A 71 -6.28 -32.89 -36.39
N GLU A 72 -6.30 -31.58 -36.62
CA GLU A 72 -6.41 -31.07 -37.98
C GLU A 72 -5.21 -31.49 -38.82
N VAL A 73 -4.02 -31.55 -38.21
CA VAL A 73 -2.81 -31.95 -38.93
C VAL A 73 -2.98 -33.36 -39.48
N HIS A 74 -3.20 -34.33 -38.59
CA HIS A 74 -3.36 -35.72 -39.00
C HIS A 74 -4.64 -35.96 -39.80
N LYS A 75 -5.56 -35.00 -39.82
CA LYS A 75 -6.80 -35.12 -40.57
C LYS A 75 -6.68 -34.53 -41.98
N GLN A 76 -5.63 -34.94 -42.69
CA GLN A 76 -5.33 -34.45 -44.04
C GLN A 76 -5.25 -35.64 -44.98
N GLN A 77 -6.20 -35.72 -45.91
CA GLN A 77 -6.26 -36.85 -46.84
C GLN A 77 -5.20 -36.75 -47.93
N ASP A 78 -4.81 -35.54 -48.32
CA ASP A 78 -3.91 -35.33 -49.44
C ASP A 78 -2.46 -35.13 -49.00
N MET A 79 -2.15 -35.38 -47.74
CA MET A 79 -0.80 -35.16 -47.21
C MET A 79 -0.19 -36.49 -46.79
N ASP A 80 1.03 -36.74 -47.27
CA ASP A 80 1.76 -37.96 -46.94
C ASP A 80 2.79 -37.66 -45.85
N LEU A 81 2.59 -38.25 -44.68
CA LEU A 81 3.43 -37.97 -43.53
C LEU A 81 4.71 -38.78 -43.51
N ASP A 82 4.99 -39.58 -44.54
CA ASP A 82 6.14 -40.46 -44.54
C ASP A 82 7.33 -39.93 -45.32
N ILE A 83 7.17 -38.85 -46.09
CA ILE A 83 8.30 -38.31 -46.84
C ILE A 83 9.40 -37.91 -45.86
N GLU A 84 10.63 -38.30 -46.19
CA GLU A 84 11.80 -38.00 -45.37
C GLU A 84 12.47 -36.74 -45.90
N PHE A 85 12.77 -35.81 -44.99
CA PHE A 85 13.42 -34.54 -45.33
C PHE A 85 14.81 -34.53 -44.71
N ASP A 86 15.84 -34.43 -45.57
CA ASP A 86 17.19 -34.24 -45.06
C ASP A 86 17.37 -32.85 -44.49
N VAL A 87 16.73 -31.85 -45.11
CA VAL A 87 16.77 -30.47 -44.66
C VAL A 87 15.35 -29.92 -44.68
N HIS A 88 14.97 -29.23 -43.60
CA HIS A 88 13.61 -28.70 -43.53
C HIS A 88 13.52 -27.68 -42.41
N LEU A 89 12.64 -26.70 -42.61
CA LEU A 89 12.33 -25.70 -41.59
C LEU A 89 10.82 -25.69 -41.39
N GLY A 90 10.38 -25.93 -40.16
CA GLY A 90 8.97 -25.82 -39.80
C GLY A 90 8.81 -24.75 -38.74
N ILE A 91 7.73 -23.97 -38.85
CA ILE A 91 7.46 -22.89 -37.91
C ILE A 91 6.06 -23.09 -37.34
N ALA A 92 5.87 -22.62 -36.12
CA ALA A 92 4.62 -22.82 -35.39
C ALA A 92 4.39 -21.64 -34.47
N HIS A 93 3.12 -21.40 -34.16
CA HIS A 93 2.76 -20.17 -33.45
C HIS A 93 1.43 -20.38 -32.71
N THR A 94 1.36 -19.87 -31.48
CA THR A 94 0.12 -19.70 -30.75
C THR A 94 -0.15 -18.21 -30.63
N ARG A 95 -1.38 -17.80 -30.93
CA ARG A 95 -1.73 -16.40 -31.08
C ARG A 95 -2.57 -15.93 -29.90
N TRP A 96 -2.26 -14.72 -29.42
CA TRP A 96 -3.11 -13.98 -28.49
C TRP A 96 -3.61 -12.77 -29.27
N ALA A 97 -4.82 -12.88 -29.80
CA ALA A 97 -5.33 -11.91 -30.76
C ALA A 97 -5.32 -10.50 -30.18
N THR A 98 -4.71 -9.57 -30.92
CA THR A 98 -4.77 -8.15 -30.61
C THR A 98 -5.42 -7.35 -31.74
N HIS A 99 -4.95 -7.53 -32.97
CA HIS A 99 -5.53 -6.88 -34.15
C HIS A 99 -6.20 -7.96 -34.99
N GLY A 100 -7.52 -7.91 -35.07
CA GLY A 100 -8.29 -8.93 -35.77
C GLY A 100 -8.77 -10.01 -34.82
N GLU A 101 -9.98 -10.51 -35.05
CA GLU A 101 -10.56 -11.50 -34.17
C GLU A 101 -9.97 -12.87 -34.41
N PRO A 102 -10.01 -13.76 -33.42
CA PRO A 102 -9.53 -15.14 -33.63
C PRO A 102 -10.26 -15.80 -34.79
N SER A 103 -9.48 -16.41 -35.68
CA SER A 103 -10.02 -17.05 -36.87
C SER A 103 -8.90 -17.77 -37.62
N PRO A 104 -9.24 -18.66 -38.56
CA PRO A 104 -8.17 -19.27 -39.37
C PRO A 104 -7.37 -18.24 -40.15
N VAL A 105 -8.04 -17.24 -40.74
CA VAL A 105 -7.34 -16.26 -41.55
C VAL A 105 -6.43 -15.39 -40.69
N ASN A 106 -6.91 -14.98 -39.51
CA ASN A 106 -6.14 -14.11 -38.62
C ASN A 106 -5.10 -14.87 -37.80
N SER A 107 -5.01 -16.19 -37.96
CA SER A 107 -3.99 -16.96 -37.27
C SER A 107 -2.67 -16.87 -38.03
N HIS A 108 -1.59 -17.27 -37.35
CA HIS A 108 -0.26 -17.31 -37.94
C HIS A 108 0.09 -18.72 -38.35
N PRO A 109 1.01 -18.90 -39.31
CA PRO A 109 1.80 -17.89 -40.02
C PRO A 109 0.98 -17.05 -41.01
N GLN A 110 1.35 -15.77 -41.12
CA GLN A 110 0.79 -14.90 -42.15
C GLN A 110 1.62 -15.02 -43.42
N ARG A 111 0.94 -15.14 -44.55
CA ARG A 111 1.58 -15.35 -45.84
C ARG A 111 1.69 -14.03 -46.60
N SER A 112 2.61 -14.00 -47.56
CA SER A 112 2.82 -12.84 -48.41
C SER A 112 1.96 -12.84 -49.67
N ASP A 113 1.38 -13.98 -50.03
CA ASP A 113 0.56 -14.08 -51.24
C ASP A 113 -0.10 -15.46 -51.26
N LYS A 114 -1.00 -15.65 -52.23
CA LYS A 114 -1.76 -16.89 -52.32
C LYS A 114 -0.89 -18.11 -52.60
N ASN A 115 0.38 -17.91 -52.97
CA ASN A 115 1.31 -19.01 -53.20
C ASN A 115 2.27 -19.21 -52.03
N ASN A 116 2.13 -18.43 -50.95
CA ASN A 116 2.93 -18.62 -49.75
C ASN A 116 4.43 -18.50 -50.05
N GLU A 117 4.80 -17.52 -50.86
CA GLU A 117 6.21 -17.29 -51.15
C GLU A 117 6.98 -16.93 -49.89
N PHE A 118 6.35 -16.19 -48.98
CA PHE A 118 6.93 -15.86 -47.68
C PHE A 118 5.88 -16.07 -46.61
N ILE A 119 6.32 -16.57 -45.45
CA ILE A 119 5.45 -16.68 -44.28
C ILE A 119 6.24 -16.25 -43.05
N VAL A 120 5.51 -15.76 -42.03
CA VAL A 120 6.13 -15.22 -40.84
C VAL A 120 5.19 -15.46 -39.66
N ILE A 121 5.79 -15.70 -38.49
CA ILE A 121 5.06 -15.78 -37.23
C ILE A 121 5.55 -14.64 -36.35
N HIS A 122 4.64 -14.05 -35.57
CA HIS A 122 4.89 -12.77 -34.93
C HIS A 122 4.36 -12.79 -33.50
N ASN A 123 5.19 -12.33 -32.56
CA ASN A 123 4.77 -12.04 -31.20
C ASN A 123 4.89 -10.53 -30.98
N GLY A 124 3.75 -9.86 -30.79
CA GLY A 124 3.77 -8.44 -30.48
C GLY A 124 2.78 -7.62 -31.28
N ILE A 125 3.08 -6.34 -31.45
CA ILE A 125 2.20 -5.41 -32.17
C ILE A 125 3.06 -4.48 -33.02
N ILE A 126 2.68 -4.29 -34.27
CA ILE A 126 3.30 -3.32 -35.15
C ILE A 126 2.47 -2.04 -35.08
N THR A 127 3.03 -1.00 -34.46
CA THR A 127 2.28 0.23 -34.20
C THR A 127 1.88 0.92 -35.50
N ASN A 128 2.82 1.05 -36.43
CA ASN A 128 2.58 1.77 -37.68
C ASN A 128 2.00 0.89 -38.77
N TYR A 129 1.33 -0.21 -38.40
CA TYR A 129 0.79 -1.13 -39.40
C TYR A 129 -0.23 -0.45 -40.30
N LYS A 130 -0.82 0.66 -39.85
CA LYS A 130 -1.75 1.41 -40.69
C LYS A 130 -1.03 2.00 -41.90
N ASP A 131 0.01 2.81 -41.66
CA ASP A 131 0.75 3.42 -42.76
C ASP A 131 1.36 2.36 -43.66
N LEU A 132 1.88 1.28 -43.07
CA LEU A 132 2.50 0.22 -43.88
C LEU A 132 1.47 -0.44 -44.78
N LYS A 133 0.24 -0.63 -44.27
CA LYS A 133 -0.79 -1.27 -45.08
C LYS A 133 -1.24 -0.36 -46.22
N LYS A 134 -1.32 0.96 -45.97
CA LYS A 134 -1.66 1.88 -47.03
C LYS A 134 -0.62 1.86 -48.14
N PHE A 135 0.66 1.83 -47.78
CA PHE A 135 1.73 1.87 -48.77
C PHE A 135 1.67 0.63 -49.66
N LEU A 136 1.70 -0.56 -49.05
CA LEU A 136 1.74 -1.79 -49.83
C LEU A 136 0.51 -1.94 -50.71
N GLU A 137 -0.65 -1.47 -50.24
CA GLU A 137 -1.84 -1.52 -51.08
C GLU A 137 -1.68 -0.63 -52.31
N SER A 138 -1.12 0.56 -52.14
CA SER A 138 -0.91 1.45 -53.28
C SER A 138 0.07 0.84 -54.28
N LYS A 139 1.05 0.08 -53.80
CA LYS A 139 1.97 -0.63 -54.67
C LYS A 139 1.37 -1.91 -55.25
N GLY A 140 0.12 -2.23 -54.92
CA GLY A 140 -0.56 -3.36 -55.53
C GLY A 140 -0.43 -4.66 -54.77
N TYR A 141 -0.62 -4.60 -53.44
CA TYR A 141 -0.60 -5.78 -52.60
C TYR A 141 -1.92 -5.85 -51.83
N ASP A 142 -2.70 -6.90 -52.11
CA ASP A 142 -4.00 -7.07 -51.48
C ASP A 142 -3.86 -7.87 -50.19
N PHE A 143 -4.44 -7.34 -49.11
CA PHE A 143 -4.43 -8.00 -47.82
C PHE A 143 -5.70 -8.82 -47.63
N GLU A 144 -5.61 -9.82 -46.76
CA GLU A 144 -6.71 -10.74 -46.51
C GLU A 144 -7.07 -10.89 -45.04
N SER A 145 -6.26 -10.35 -44.13
CA SER A 145 -6.53 -10.46 -42.70
C SER A 145 -6.57 -9.07 -42.07
N GLU A 146 -7.17 -9.01 -40.88
CA GLU A 146 -7.20 -7.79 -40.09
C GLU A 146 -6.08 -7.76 -39.04
N THR A 147 -4.99 -8.49 -39.27
CA THR A 147 -3.87 -8.51 -38.34
C THR A 147 -2.81 -7.52 -38.81
N ASP A 148 -2.13 -6.92 -37.82
CA ASP A 148 -0.93 -6.14 -38.12
C ASP A 148 0.17 -7.01 -38.70
N THR A 149 0.16 -8.31 -38.37
CA THR A 149 1.24 -9.19 -38.80
C THR A 149 1.32 -9.28 -40.32
N GLU A 150 0.17 -9.27 -41.00
CA GLU A 150 0.17 -9.48 -42.44
C GLU A 150 0.99 -8.43 -43.17
N THR A 151 1.11 -7.22 -42.58
CA THR A 151 1.95 -6.20 -43.20
C THR A 151 3.41 -6.62 -43.25
N ILE A 152 3.86 -7.40 -42.27
CA ILE A 152 5.23 -7.91 -42.29
C ILE A 152 5.42 -8.85 -43.48
N ALA A 153 4.46 -9.77 -43.67
CA ALA A 153 4.59 -10.73 -44.76
C ALA A 153 4.55 -10.04 -46.12
N LYS A 154 3.65 -9.06 -46.29
CA LYS A 154 3.58 -8.36 -47.57
C LYS A 154 4.80 -7.48 -47.79
N LEU A 155 5.36 -6.92 -46.72
CA LEU A 155 6.50 -6.02 -46.87
C LEU A 155 7.76 -6.75 -47.27
N VAL A 156 8.00 -7.93 -46.69
CA VAL A 156 9.21 -8.67 -47.03
C VAL A 156 9.17 -9.11 -48.50
N LYS A 157 7.97 -9.37 -49.04
CA LYS A 157 7.88 -9.67 -50.46
C LYS A 157 8.07 -8.43 -51.30
N TYR A 158 7.64 -7.27 -50.81
CA TYR A 158 7.93 -6.02 -51.51
C TYR A 158 9.42 -5.81 -51.66
N MET A 159 10.17 -5.97 -50.57
CA MET A 159 11.62 -5.86 -50.63
C MET A 159 12.21 -6.88 -51.60
N TYR A 160 11.67 -8.09 -51.61
CA TYR A 160 12.13 -9.11 -52.56
C TYR A 160 11.80 -8.71 -53.99
N ASP A 161 10.57 -8.25 -54.23
CA ASP A 161 10.17 -7.85 -55.57
C ASP A 161 11.00 -6.69 -56.10
N ASN A 162 11.60 -5.89 -55.21
CA ASN A 162 12.37 -4.71 -55.61
C ASN A 162 13.85 -4.86 -55.23
N ARG A 163 14.35 -6.09 -55.20
CA ARG A 163 15.76 -6.32 -54.94
C ARG A 163 16.60 -5.88 -56.14
N GLU A 164 17.85 -5.48 -55.85
CA GLU A 164 18.73 -4.95 -56.89
C GLU A 164 19.42 -6.08 -57.66
N SER A 165 19.81 -7.14 -56.97
CA SER A 165 20.47 -8.28 -57.59
C SER A 165 19.64 -9.54 -57.36
N GLN A 166 19.86 -10.54 -58.22
CA GLN A 166 19.09 -11.78 -58.14
C GLN A 166 19.46 -12.62 -56.93
N ASP A 167 20.53 -12.28 -56.21
CA ASP A 167 21.02 -13.07 -55.09
C ASP A 167 21.21 -12.22 -53.85
N THR A 168 20.26 -11.32 -53.57
CA THR A 168 20.28 -10.60 -52.31
C THR A 168 19.91 -11.55 -51.18
N SER A 169 20.60 -11.41 -50.05
CA SER A 169 20.46 -12.39 -48.98
C SER A 169 19.13 -12.23 -48.25
N PHE A 170 18.64 -13.34 -47.70
CA PHE A 170 17.43 -13.31 -46.88
C PHE A 170 17.58 -12.32 -45.74
N THR A 171 18.77 -12.24 -45.15
CA THR A 171 19.01 -11.27 -44.07
C THR A 171 18.78 -9.85 -44.56
N THR A 172 19.36 -9.51 -45.72
CA THR A 172 19.22 -8.15 -46.24
C THR A 172 17.75 -7.76 -46.36
N LEU A 173 16.91 -8.67 -46.86
CA LEU A 173 15.50 -8.37 -46.99
C LEU A 173 14.87 -8.09 -45.63
N VAL A 174 15.14 -8.95 -44.65
CA VAL A 174 14.56 -8.78 -43.32
C VAL A 174 15.10 -7.51 -42.66
N GLU A 175 16.38 -7.20 -42.87
CA GLU A 175 16.92 -5.94 -42.35
C GLU A 175 16.12 -4.75 -42.86
N ARG A 176 15.81 -4.74 -44.16
CA ARG A 176 15.01 -3.65 -44.72
C ARG A 176 13.58 -3.64 -44.19
N VAL A 177 13.08 -4.79 -43.73
CA VAL A 177 11.72 -4.84 -43.19
C VAL A 177 11.68 -4.23 -41.80
N ILE A 178 12.55 -4.70 -40.89
CA ILE A 178 12.52 -4.22 -39.52
C ILE A 178 12.80 -2.72 -39.46
N GLN A 179 13.62 -2.22 -40.39
CA GLN A 179 13.87 -0.79 -40.45
C GLN A 179 12.61 0.01 -40.75
N GLN A 180 11.55 -0.64 -41.21
CA GLN A 180 10.27 0.02 -41.48
C GLN A 180 9.21 -0.25 -40.41
N LEU A 181 9.45 -1.22 -39.53
CA LEU A 181 8.46 -1.58 -38.52
C LEU A 181 8.62 -0.72 -37.28
N GLU A 182 7.51 -0.49 -36.59
CA GLU A 182 7.50 0.26 -35.34
C GLU A 182 6.67 -0.50 -34.33
N GLY A 183 7.19 -0.60 -33.10
CA GLY A 183 6.51 -1.30 -32.02
C GLY A 183 7.41 -2.39 -31.44
N ALA A 184 6.77 -3.49 -31.05
CA ALA A 184 7.48 -4.63 -30.47
C ALA A 184 7.16 -5.88 -31.27
N PHE A 185 8.17 -6.71 -31.50
CA PHE A 185 7.98 -7.88 -32.34
C PHE A 185 9.09 -8.91 -32.10
N ALA A 186 8.71 -10.19 -32.16
CA ALA A 186 9.62 -11.28 -32.36
C ALA A 186 9.16 -12.03 -33.60
N LEU A 187 10.09 -12.36 -34.49
CA LEU A 187 9.72 -12.85 -35.82
C LEU A 187 10.60 -14.04 -36.21
N VAL A 188 10.00 -14.94 -36.98
CA VAL A 188 10.71 -16.01 -37.68
C VAL A 188 10.16 -16.06 -39.10
N PHE A 189 11.05 -16.04 -40.08
CA PHE A 189 10.68 -15.99 -41.49
C PHE A 189 11.01 -17.31 -42.19
N LYS A 190 10.23 -17.62 -43.22
CA LYS A 190 10.47 -18.76 -44.09
C LYS A 190 10.01 -18.39 -45.49
N SER A 191 10.69 -18.93 -46.50
CA SER A 191 10.39 -18.56 -47.88
C SER A 191 10.81 -19.68 -48.83
N VAL A 192 10.04 -19.82 -49.91
CA VAL A 192 10.41 -20.77 -50.96
C VAL A 192 11.67 -20.31 -51.68
N HIS A 193 11.93 -19.00 -51.73
CA HIS A 193 13.11 -18.47 -52.40
C HIS A 193 14.38 -18.68 -51.60
N PHE A 194 14.28 -19.14 -50.34
CA PHE A 194 15.44 -19.43 -49.51
C PHE A 194 15.20 -20.76 -48.80
N PRO A 195 15.10 -21.85 -49.55
CA PRO A 195 14.73 -23.13 -48.96
C PRO A 195 15.73 -23.59 -47.92
N GLY A 196 15.22 -24.03 -46.78
CA GLY A 196 16.04 -24.52 -45.68
C GLY A 196 16.63 -23.44 -44.80
N GLN A 197 16.42 -22.17 -45.13
CA GLN A 197 16.99 -21.07 -44.37
C GLN A 197 15.95 -20.49 -43.42
N ALA A 198 16.43 -19.97 -42.29
CA ALA A 198 15.58 -19.30 -41.32
C ALA A 198 16.19 -17.95 -41.00
N VAL A 199 15.32 -16.97 -40.75
CA VAL A 199 15.75 -15.66 -40.27
C VAL A 199 14.86 -15.29 -39.09
N GLY A 200 15.49 -14.99 -37.97
CA GLY A 200 14.77 -14.56 -36.78
C GLY A 200 15.30 -13.23 -36.28
N THR A 201 14.37 -12.38 -35.85
CA THR A 201 14.75 -11.07 -35.34
C THR A 201 13.74 -10.64 -34.29
N ARG A 202 14.16 -9.74 -33.41
CA ARG A 202 13.31 -9.30 -32.33
C ARG A 202 13.57 -7.82 -32.03
N ARG A 203 12.55 -7.19 -31.46
CA ARG A 203 12.68 -5.85 -30.88
C ARG A 203 11.60 -5.74 -29.82
N GLY A 204 12.01 -5.72 -28.56
CA GLY A 204 11.06 -5.65 -27.47
C GLY A 204 10.24 -6.91 -27.27
N SER A 205 10.77 -8.07 -27.65
CA SER A 205 10.06 -9.33 -27.43
C SER A 205 11.06 -10.48 -27.45
N PRO A 206 11.01 -11.40 -26.48
CA PRO A 206 12.05 -12.43 -26.39
C PRO A 206 12.09 -13.35 -27.61
N LEU A 207 13.31 -13.71 -28.00
CA LEU A 207 13.52 -14.71 -29.03
C LEU A 207 14.88 -15.35 -28.79
N LEU A 208 14.93 -16.68 -28.74
CA LEU A 208 16.15 -17.41 -28.49
C LEU A 208 16.28 -18.55 -29.49
N ILE A 209 17.51 -19.08 -29.59
CA ILE A 209 17.81 -20.15 -30.52
C ILE A 209 18.53 -21.26 -29.75
N GLY A 210 17.99 -22.46 -29.81
CA GLY A 210 18.66 -23.64 -29.29
C GLY A 210 19.37 -24.38 -30.41
N VAL A 211 20.45 -25.07 -30.06
CA VAL A 211 21.27 -25.77 -31.05
C VAL A 211 21.66 -27.13 -30.51
N ARG A 212 21.63 -28.14 -31.38
CA ARG A 212 22.02 -29.50 -31.02
C ARG A 212 22.75 -30.16 -32.18
N SER A 213 23.83 -30.86 -31.86
CA SER A 213 24.60 -31.57 -32.86
C SER A 213 25.53 -32.56 -32.17
N GLU A 214 25.60 -33.78 -32.70
CA GLU A 214 26.55 -34.74 -32.15
C GLU A 214 27.99 -34.40 -32.48
N HIS A 215 28.22 -33.37 -33.30
CA HIS A 215 29.55 -32.96 -33.70
C HIS A 215 29.99 -31.71 -32.93
N LYS A 216 31.30 -31.51 -32.87
CA LYS A 216 31.83 -30.28 -32.28
C LYS A 216 31.26 -29.06 -32.99
N LEU A 217 30.85 -28.07 -32.21
CA LEU A 217 30.42 -26.80 -32.76
C LEU A 217 31.63 -25.87 -32.91
N SER A 218 31.55 -25.00 -33.91
CA SER A 218 32.69 -24.17 -34.28
C SER A 218 33.04 -23.15 -33.20
N THR A 219 32.09 -22.78 -32.34
CA THR A 219 32.34 -21.74 -31.35
C THR A 219 31.19 -21.70 -30.36
N ASP A 220 31.49 -21.16 -29.18
CA ASP A 220 30.47 -20.86 -28.17
C ASP A 220 30.25 -19.36 -28.01
N HIS A 221 30.66 -18.58 -29.01
CA HIS A 221 30.50 -17.12 -28.97
C HIS A 221 30.40 -16.65 -30.41
N ILE A 222 29.18 -16.34 -30.86
CA ILE A 222 28.91 -15.94 -32.24
C ILE A 222 29.24 -14.47 -32.40
N PRO A 223 30.26 -14.10 -33.18
CA PRO A 223 30.52 -12.67 -33.40
C PRO A 223 29.44 -12.04 -34.25
N ILE A 224 29.23 -10.75 -34.02
CA ILE A 224 28.25 -9.98 -34.78
C ILE A 224 28.89 -9.52 -36.09
N LEU A 225 28.18 -9.69 -37.19
CA LEU A 225 28.60 -9.21 -38.49
C LEU A 225 27.85 -7.92 -38.82
N TYR A 226 28.56 -6.95 -39.38
CA TYR A 226 28.00 -5.64 -39.68
C TYR A 226 27.96 -5.41 -41.18
N ARG A 227 27.02 -4.56 -41.60
CA ARG A 227 26.85 -4.24 -43.01
C ARG A 227 27.80 -3.13 -43.43
N SER A 243 32.84 -19.40 -41.79
CA SER A 243 34.06 -19.92 -41.22
C SER A 243 34.68 -18.91 -40.25
N THR A 244 34.74 -19.29 -38.96
CA THR A 244 35.25 -18.45 -37.89
C THR A 244 34.26 -17.35 -37.50
N THR A 245 33.32 -17.04 -38.38
CA THR A 245 32.37 -15.95 -38.18
C THR A 245 30.99 -16.43 -37.75
N CYS A 246 30.69 -17.72 -37.88
CA CYS A 246 29.36 -18.23 -37.59
C CYS A 246 29.48 -19.53 -36.81
N LEU A 247 28.32 -20.04 -36.38
CA LEU A 247 28.21 -21.29 -35.63
C LEU A 247 27.80 -22.41 -36.57
N PHE A 248 28.49 -23.54 -36.48
CA PHE A 248 28.20 -24.68 -37.35
C PHE A 248 28.96 -25.90 -36.83
N PRO A 249 28.52 -27.11 -37.19
CA PRO A 249 29.32 -28.30 -36.88
C PRO A 249 30.54 -28.39 -37.79
N VAL A 250 31.65 -28.83 -37.21
CA VAL A 250 32.95 -28.74 -37.88
C VAL A 250 33.10 -29.82 -38.94
N GLU A 251 33.26 -31.07 -38.50
CA GLU A 251 33.62 -32.15 -39.43
C GLU A 251 32.47 -32.61 -40.30
N GLU A 252 31.23 -32.39 -39.88
CA GLU A 252 30.07 -32.84 -40.65
C GLU A 252 29.03 -31.73 -40.65
N LYS A 253 27.93 -31.96 -41.39
CA LYS A 253 26.89 -30.96 -41.58
C LYS A 253 25.77 -31.04 -40.56
N ALA A 254 25.51 -32.23 -40.01
CA ALA A 254 24.31 -32.47 -39.23
C ALA A 254 24.20 -31.49 -38.06
N VAL A 255 23.04 -30.86 -37.94
CA VAL A 255 22.77 -29.93 -36.86
C VAL A 255 21.27 -29.68 -36.79
N GLU A 256 20.79 -29.28 -35.61
CA GLU A 256 19.39 -28.94 -35.40
C GLU A 256 19.33 -27.60 -34.69
N TYR A 257 18.46 -26.70 -35.17
CA TYR A 257 18.24 -25.40 -34.56
C TYR A 257 16.79 -25.29 -34.09
N TYR A 258 16.59 -24.62 -32.96
CA TYR A 258 15.27 -24.43 -32.36
C TYR A 258 15.10 -22.95 -32.05
N PHE A 259 14.33 -22.23 -32.87
CA PHE A 259 13.90 -20.88 -32.53
C PHE A 259 12.70 -20.96 -31.58
N ALA A 260 12.69 -20.09 -30.58
CA ALA A 260 11.58 -20.09 -29.64
C ALA A 260 11.53 -18.76 -28.89
N SER A 261 10.33 -18.41 -28.44
CA SER A 261 10.11 -17.23 -27.61
C SER A 261 10.15 -17.56 -26.13
N ASP A 262 10.31 -18.84 -25.78
CA ASP A 262 10.40 -19.26 -24.38
C ASP A 262 11.23 -20.54 -24.34
N ALA A 263 12.20 -20.59 -23.42
CA ALA A 263 13.08 -21.74 -23.33
C ALA A 263 12.32 -23.02 -23.02
N SER A 264 11.10 -22.93 -22.52
CA SER A 264 10.35 -24.14 -22.17
C SER A 264 10.10 -25.03 -23.39
N ALA A 265 10.10 -24.44 -24.58
CA ALA A 265 9.86 -25.20 -25.81
C ALA A 265 11.15 -25.79 -26.39
N VAL A 266 12.30 -25.50 -25.78
CA VAL A 266 13.59 -25.95 -26.29
C VAL A 266 14.29 -26.91 -25.34
N ILE A 267 14.00 -26.86 -24.04
CA ILE A 267 14.87 -27.49 -23.05
C ILE A 267 14.86 -29.02 -23.16
N GLU A 268 13.79 -29.61 -23.70
CA GLU A 268 13.76 -31.06 -23.85
C GLU A 268 14.68 -31.54 -24.96
N HIS A 269 14.94 -30.69 -25.95
CA HIS A 269 15.82 -31.05 -27.05
C HIS A 269 17.28 -30.70 -26.76
N THR A 270 17.51 -29.52 -26.19
CA THR A 270 18.86 -29.04 -25.94
C THR A 270 18.83 -27.99 -24.84
N ASN A 271 19.97 -27.82 -24.18
CA ASN A 271 20.14 -26.78 -23.18
C ASN A 271 21.20 -25.76 -23.60
N ARG A 272 21.62 -25.77 -24.87
CA ARG A 272 22.55 -24.78 -25.40
C ARG A 272 21.73 -23.77 -26.19
N VAL A 273 21.68 -22.53 -25.71
CA VAL A 273 20.81 -21.52 -26.28
C VAL A 273 21.57 -20.23 -26.51
N ILE A 274 21.13 -19.47 -27.51
CA ILE A 274 21.60 -18.12 -27.77
C ILE A 274 20.42 -17.18 -27.57
N PHE A 275 20.61 -16.15 -26.75
CA PHE A 275 19.58 -15.15 -26.49
C PHE A 275 19.79 -13.97 -27.41
N LEU A 276 18.88 -13.78 -28.36
CA LEU A 276 18.96 -12.64 -29.25
C LEU A 276 18.57 -11.36 -28.52
N GLU A 277 19.11 -10.24 -28.99
CA GLU A 277 18.86 -8.93 -28.41
C GLU A 277 18.22 -8.04 -29.46
N ASP A 278 17.78 -6.86 -29.02
CA ASP A 278 17.02 -5.97 -29.88
C ASP A 278 17.77 -5.69 -31.18
N ASP A 279 17.05 -5.88 -32.29
CA ASP A 279 17.50 -5.57 -33.64
C ASP A 279 18.54 -6.55 -34.17
N ASP A 280 18.88 -7.59 -33.41
CA ASP A 280 19.67 -8.68 -33.98
C ASP A 280 18.89 -9.35 -35.10
N VAL A 281 19.61 -9.78 -36.13
CA VAL A 281 19.03 -10.53 -37.24
C VAL A 281 19.84 -11.82 -37.35
N ALA A 282 19.29 -12.92 -36.84
CA ALA A 282 19.93 -14.22 -36.90
C ALA A 282 19.46 -14.97 -38.14
N ALA A 283 20.41 -15.59 -38.84
CA ALA A 283 20.12 -16.31 -40.07
C ALA A 283 20.83 -17.65 -40.08
N VAL A 284 20.14 -18.67 -40.58
CA VAL A 284 20.72 -19.98 -40.83
C VAL A 284 20.79 -20.16 -42.35
N VAL A 285 22.01 -20.22 -42.87
CA VAL A 285 22.24 -20.39 -44.31
C VAL A 285 23.20 -21.56 -44.47
N ASP A 286 22.80 -22.56 -45.25
CA ASP A 286 23.58 -23.79 -45.42
C ASP A 286 23.91 -24.41 -44.07
N GLY A 287 22.94 -24.37 -43.16
CA GLY A 287 23.10 -24.98 -41.86
C GLY A 287 24.06 -24.29 -40.92
N ARG A 288 24.40 -23.02 -41.18
CA ARG A 288 25.34 -22.25 -40.37
C ARG A 288 24.65 -21.01 -39.85
N LEU A 289 24.84 -20.71 -38.57
CA LEU A 289 24.12 -19.65 -37.89
C LEU A 289 25.02 -18.43 -37.71
N SER A 290 24.57 -17.30 -38.25
CA SER A 290 25.26 -16.03 -38.11
C SER A 290 24.27 -14.99 -37.59
N ILE A 291 24.80 -13.94 -36.98
CA ILE A 291 23.98 -12.89 -36.38
C ILE A 291 24.47 -11.56 -36.94
N HIS A 292 23.61 -10.91 -37.73
CA HIS A 292 23.96 -9.68 -38.42
C HIS A 292 23.35 -8.47 -37.72
N ARG A 293 23.91 -7.31 -38.01
CA ARG A 293 23.53 -6.08 -37.35
C ARG A 293 23.94 -4.92 -38.23
N ILE A 294 23.12 -3.89 -38.29
CA ILE A 294 23.41 -2.75 -39.16
C ILE A 294 24.26 -1.68 -38.46
N LYS A 295 24.18 -1.61 -37.13
CA LYS A 295 24.90 -0.59 -36.37
C LYS A 295 26.37 -0.55 -36.74
N HIS A 307 35.34 -7.19 -29.92
CA HIS A 307 34.50 -7.91 -30.86
C HIS A 307 33.21 -8.37 -30.19
N PRO A 308 32.13 -7.60 -30.34
CA PRO A 308 30.87 -7.98 -29.68
C PRO A 308 30.24 -9.20 -30.33
N GLY A 309 29.65 -10.05 -29.51
CA GLY A 309 29.04 -11.28 -30.00
C GLY A 309 27.98 -11.77 -29.04
N ARG A 310 27.40 -12.92 -29.38
CA ARG A 310 26.37 -13.56 -28.59
C ARG A 310 26.88 -14.91 -28.11
N ALA A 311 26.72 -15.17 -26.81
CA ALA A 311 27.25 -16.38 -26.21
C ALA A 311 26.29 -17.54 -26.38
N VAL A 312 26.85 -18.72 -26.61
CA VAL A 312 26.11 -19.98 -26.50
C VAL A 312 26.25 -20.43 -25.06
N GLN A 313 25.17 -20.34 -24.29
CA GLN A 313 25.22 -20.65 -22.87
C GLN A 313 24.38 -21.87 -22.55
N THR A 314 24.62 -22.41 -21.36
CA THR A 314 23.98 -23.63 -20.89
C THR A 314 22.92 -23.28 -19.87
N LEU A 315 21.68 -23.67 -20.14
CA LEU A 315 20.58 -23.46 -19.19
C LEU A 315 20.51 -24.62 -18.22
N GLN A 316 20.34 -24.30 -16.93
CA GLN A 316 20.15 -25.32 -15.91
C GLN A 316 18.68 -25.69 -15.73
N MET A 317 17.88 -25.51 -16.76
CA MET A 317 16.45 -25.83 -16.73
C MET A 317 16.23 -27.25 -17.21
N GLU A 318 15.28 -27.94 -16.60
CA GLU A 318 14.94 -29.31 -16.97
C GLU A 318 13.47 -29.41 -17.33
N LEU A 319 13.15 -30.35 -18.21
CA LEU A 319 11.77 -30.54 -18.65
C LEU A 319 10.84 -30.82 -17.48
N GLN A 320 11.32 -31.60 -16.51
CA GLN A 320 10.49 -31.91 -15.34
C GLN A 320 10.03 -30.65 -14.63
N GLN A 321 10.83 -29.58 -14.67
CA GLN A 321 10.49 -28.37 -13.94
C GLN A 321 9.29 -27.63 -14.52
N ILE A 322 8.81 -28.00 -15.71
CA ILE A 322 7.66 -27.35 -16.32
C ILE A 322 6.50 -28.32 -16.53
N MET A 323 6.50 -29.44 -15.81
CA MET A 323 5.44 -30.43 -15.89
C MET A 323 4.70 -30.48 -14.56
N LYS A 324 3.39 -30.71 -14.62
CA LYS A 324 2.59 -30.80 -13.40
C LYS A 324 3.01 -32.00 -12.56
N GLY A 325 3.44 -33.09 -13.19
CA GLY A 325 3.73 -34.29 -12.44
C GLY A 325 2.45 -34.91 -11.92
N ASN A 326 2.44 -35.24 -10.64
CA ASN A 326 1.27 -35.83 -10.00
C ASN A 326 0.29 -34.78 -9.49
N PHE A 327 0.63 -33.51 -9.56
CA PHE A 327 -0.27 -32.46 -9.11
C PHE A 327 -1.32 -32.16 -10.17
N SER A 328 -2.52 -31.80 -9.71
CA SER A 328 -3.62 -31.52 -10.62
C SER A 328 -3.53 -30.14 -11.25
N SER A 329 -2.69 -29.26 -10.71
CA SER A 329 -2.51 -27.92 -11.25
C SER A 329 -1.08 -27.47 -11.00
N PHE A 330 -0.63 -26.51 -11.81
CA PHE A 330 0.67 -25.92 -11.57
C PHE A 330 0.69 -25.08 -10.30
N MET A 331 -0.43 -24.44 -9.97
CA MET A 331 -0.49 -23.69 -8.73
C MET A 331 -0.24 -24.61 -7.54
N GLN A 332 -0.91 -25.76 -7.51
CA GLN A 332 -0.74 -26.69 -6.41
C GLN A 332 0.70 -27.21 -6.34
N LYS A 333 1.27 -27.57 -7.50
CA LYS A 333 2.66 -28.02 -7.52
C LYS A 333 3.59 -26.96 -6.96
N GLU A 334 3.50 -25.74 -7.46
CA GLU A 334 4.47 -24.72 -7.10
C GLU A 334 4.30 -24.24 -5.66
N ILE A 335 3.12 -24.44 -5.07
CA ILE A 335 2.97 -24.16 -3.64
C ILE A 335 3.61 -25.28 -2.81
N PHE A 336 3.29 -26.53 -3.14
CA PHE A 336 3.71 -27.67 -2.32
C PHE A 336 5.19 -28.03 -2.51
N GLU A 337 5.82 -27.59 -3.59
CA GLU A 337 7.23 -27.83 -3.80
C GLU A 337 8.12 -26.73 -3.21
N GLN A 338 7.52 -25.75 -2.52
CA GLN A 338 8.31 -24.66 -1.99
C GLN A 338 9.38 -25.10 -0.99
N PRO A 339 9.27 -26.24 -0.31
CA PRO A 339 10.44 -26.74 0.43
C PRO A 339 11.63 -26.96 -0.48
N GLU A 340 11.40 -27.41 -1.71
CA GLU A 340 12.50 -27.66 -2.63
C GLU A 340 13.01 -26.38 -3.27
N SER A 341 12.12 -25.50 -3.72
CA SER A 341 12.56 -24.29 -4.41
C SER A 341 13.36 -23.39 -3.47
N VAL A 342 12.96 -23.32 -2.20
CA VAL A 342 13.75 -22.58 -1.22
C VAL A 342 15.14 -23.17 -1.10
N VAL A 343 15.24 -24.50 -1.12
CA VAL A 343 16.54 -25.15 -1.10
C VAL A 343 17.32 -24.84 -2.36
N ASN A 344 16.64 -24.84 -3.52
CA ASN A 344 17.33 -24.52 -4.77
C ASN A 344 17.79 -23.06 -4.80
N THR A 345 17.06 -22.18 -4.11
CA THR A 345 17.48 -20.78 -4.05
C THR A 345 18.76 -20.61 -3.24
N MET A 346 18.94 -21.43 -2.21
CA MET A 346 20.10 -21.32 -1.33
C MET A 346 21.29 -22.14 -1.79
N ARG A 347 21.08 -23.10 -2.69
CA ARG A 347 22.13 -24.08 -2.98
C ARG A 347 23.40 -23.37 -3.46
N GLY A 348 24.53 -23.77 -2.89
CA GLY A 348 25.81 -23.18 -3.25
C GLY A 348 26.04 -21.79 -2.75
N ARG A 349 25.05 -21.18 -2.08
CA ARG A 349 25.15 -19.79 -1.65
C ARG A 349 25.20 -19.61 -0.15
N VAL A 350 24.77 -20.61 0.62
CA VAL A 350 24.81 -20.58 2.06
C VAL A 350 25.66 -21.74 2.54
N ASN A 351 26.48 -21.49 3.56
CA ASN A 351 27.37 -22.49 4.12
C ASN A 351 27.06 -22.54 5.62
N PHE A 352 26.20 -23.48 6.02
CA PHE A 352 25.89 -23.62 7.42
C PHE A 352 27.06 -24.16 8.23
N ASP A 353 28.09 -24.69 7.55
CA ASP A 353 29.25 -25.22 8.25
C ASP A 353 30.03 -24.10 8.94
N ASP A 354 30.12 -22.92 8.33
CA ASP A 354 30.82 -21.79 8.92
C ASP A 354 30.01 -20.50 8.87
N TYR A 355 28.72 -20.57 8.55
CA TYR A 355 27.81 -19.41 8.62
C TYR A 355 28.29 -18.29 7.71
N THR A 356 28.41 -18.61 6.42
CA THR A 356 28.81 -17.64 5.41
C THR A 356 27.82 -17.69 4.25
N VAL A 357 27.68 -16.55 3.57
CA VAL A 357 26.77 -16.38 2.46
C VAL A 357 27.56 -15.84 1.28
N ASN A 358 27.44 -16.49 0.13
CA ASN A 358 28.18 -16.09 -1.06
C ASN A 358 27.23 -16.15 -2.25
N LEU A 359 26.83 -14.99 -2.75
CA LEU A 359 26.00 -14.88 -3.94
C LEU A 359 26.93 -14.65 -5.12
N GLY A 360 27.15 -15.70 -5.92
CA GLY A 360 28.12 -15.62 -7.00
C GLY A 360 27.90 -14.45 -7.93
N GLY A 361 26.63 -14.06 -8.14
CA GLY A 361 26.32 -13.00 -9.07
C GLY A 361 26.73 -11.62 -8.61
N LEU A 362 27.08 -11.46 -7.33
CA LEU A 362 27.46 -10.17 -6.78
C LEU A 362 28.94 -10.09 -6.42
N LYS A 363 29.73 -11.10 -6.77
CA LYS A 363 31.12 -11.14 -6.33
C LYS A 363 31.89 -9.89 -6.78
N ASP A 364 31.70 -9.47 -8.03
CA ASP A 364 32.47 -8.38 -8.61
C ASP A 364 31.86 -7.00 -8.33
N HIS A 365 30.77 -6.93 -7.56
CA HIS A 365 30.10 -5.67 -7.29
C HIS A 365 29.76 -5.45 -5.82
N ILE A 366 29.96 -6.44 -4.95
CA ILE A 366 29.57 -6.28 -3.55
C ILE A 366 30.35 -5.15 -2.90
N LYS A 367 31.59 -4.92 -3.34
CA LYS A 367 32.40 -3.85 -2.77
C LYS A 367 31.79 -2.49 -3.06
N GLU A 368 31.39 -2.24 -4.30
CA GLU A 368 30.73 -0.99 -4.65
C GLU A 368 29.42 -0.83 -3.89
N ILE A 369 28.61 -1.90 -3.87
CA ILE A 369 27.31 -1.83 -3.21
C ILE A 369 27.46 -1.36 -1.76
N GLN A 370 28.51 -1.82 -1.10
CA GLN A 370 28.73 -1.45 0.30
C GLN A 370 29.19 -0.02 0.46
N ARG A 371 29.68 0.61 -0.62
CA ARG A 371 30.04 2.02 -0.59
C ARG A 371 28.89 2.94 -0.96
N CYS A 372 27.77 2.39 -1.43
CA CYS A 372 26.60 3.21 -1.74
C CYS A 372 25.87 3.60 -0.46
N ARG A 373 24.91 4.51 -0.61
CA ARG A 373 24.30 5.17 0.54
C ARG A 373 22.80 4.94 0.66
N ARG A 374 22.17 4.28 -0.30
CA ARG A 374 20.74 4.04 -0.23
C ARG A 374 20.39 2.86 -1.12
N LEU A 375 19.45 2.04 -0.65
CA LEU A 375 18.89 0.94 -1.42
C LEU A 375 17.48 1.32 -1.87
N ILE A 376 17.19 1.08 -3.15
CA ILE A 376 15.85 1.30 -3.69
C ILE A 376 15.41 0.00 -4.36
N LEU A 377 14.30 -0.56 -3.89
CA LEU A 377 13.70 -1.74 -4.47
C LEU A 377 12.51 -1.34 -5.33
N ILE A 378 12.52 -1.79 -6.58
CA ILE A 378 11.54 -1.38 -7.59
C ILE A 378 10.97 -2.63 -8.22
N ALA A 379 9.63 -2.71 -8.31
CA ALA A 379 8.96 -3.93 -8.73
C ALA A 379 7.47 -3.65 -8.85
N CYS A 380 6.75 -4.63 -9.40
CA CYS A 380 5.29 -4.60 -9.53
C CYS A 380 4.67 -5.78 -8.80
N GLY A 381 3.48 -5.55 -8.25
CA GLY A 381 2.68 -6.65 -7.73
C GLY A 381 3.38 -7.45 -6.66
N THR A 382 3.30 -8.79 -6.79
CA THR A 382 3.85 -9.66 -5.76
C THR A 382 5.35 -9.45 -5.59
N SER A 383 6.06 -9.15 -6.68
CA SER A 383 7.49 -8.88 -6.55
C SER A 383 7.73 -7.65 -5.70
N TYR A 384 6.84 -6.66 -5.76
CA TYR A 384 6.92 -5.52 -4.86
C TYR A 384 6.68 -5.95 -3.42
N HIS A 385 5.72 -6.84 -3.19
CA HIS A 385 5.48 -7.35 -1.85
C HIS A 385 6.72 -8.01 -1.28
N ALA A 386 7.55 -8.63 -2.13
CA ALA A 386 8.78 -9.24 -1.64
C ALA A 386 9.72 -8.19 -1.07
N GLY A 387 9.73 -6.99 -1.65
CA GLY A 387 10.52 -5.91 -1.08
C GLY A 387 10.00 -5.45 0.26
N VAL A 388 8.69 -5.26 0.36
CA VAL A 388 8.08 -4.87 1.64
C VAL A 388 8.37 -5.93 2.69
N ALA A 389 8.39 -7.20 2.30
CA ALA A 389 8.58 -8.30 3.25
C ALA A 389 10.00 -8.35 3.78
N THR A 390 10.97 -7.78 3.06
CA THR A 390 12.37 -7.82 3.45
C THR A 390 12.95 -6.43 3.73
N ARG A 391 12.13 -5.39 3.68
CA ARG A 391 12.62 -4.04 3.94
C ARG A 391 13.25 -3.93 5.32
N GLN A 392 12.56 -4.44 6.35
CA GLN A 392 13.03 -4.23 7.72
C GLN A 392 14.39 -4.88 7.94
N VAL A 393 14.58 -6.12 7.48
CA VAL A 393 15.85 -6.79 7.73
C VAL A 393 16.96 -6.16 6.89
N LEU A 394 16.65 -5.68 5.70
CA LEU A 394 17.65 -4.95 4.91
C LEU A 394 18.09 -3.70 5.65
N GLU A 395 17.14 -2.93 6.19
CA GLU A 395 17.49 -1.78 7.01
C GLU A 395 18.35 -2.18 8.19
N GLU A 396 17.95 -3.24 8.90
CA GLU A 396 18.65 -3.67 10.10
C GLU A 396 20.09 -4.08 9.79
N LEU A 397 20.28 -4.88 8.75
CA LEU A 397 21.58 -5.47 8.48
C LEU A 397 22.48 -4.60 7.62
N THR A 398 21.92 -3.77 6.73
CA THR A 398 22.74 -2.83 5.97
C THR A 398 22.89 -1.49 6.69
N GLU A 399 21.95 -1.13 7.55
CA GLU A 399 21.90 0.16 8.23
C GLU A 399 21.72 1.31 7.25
N LEU A 400 21.39 1.01 6.00
CA LEU A 400 21.17 2.02 4.98
C LEU A 400 19.68 2.33 4.85
N PRO A 401 19.34 3.53 4.37
CA PRO A 401 17.95 3.78 3.98
C PRO A 401 17.54 2.78 2.91
N VAL A 402 16.33 2.24 3.05
CA VAL A 402 15.75 1.29 2.11
C VAL A 402 14.41 1.85 1.67
N MET A 403 14.24 2.07 0.37
CA MET A 403 13.03 2.62 -0.21
C MET A 403 12.43 1.57 -1.14
N VAL A 404 11.14 1.26 -0.94
CA VAL A 404 10.44 0.25 -1.74
C VAL A 404 9.39 0.96 -2.57
N GLU A 405 9.47 0.80 -3.88
CA GLU A 405 8.70 1.60 -4.83
C GLU A 405 7.96 0.70 -5.81
N LEU A 406 6.68 1.02 -6.04
CA LEU A 406 5.91 0.42 -7.12
C LEU A 406 6.34 1.02 -8.44
N ALA A 407 6.77 0.17 -9.38
CA ALA A 407 7.43 0.67 -10.58
C ALA A 407 6.59 1.70 -11.32
N SER A 408 5.28 1.46 -11.48
CA SER A 408 4.45 2.38 -12.24
C SER A 408 4.45 3.78 -11.62
N ASP A 409 4.36 3.87 -10.29
CA ASP A 409 4.37 5.16 -9.61
C ASP A 409 5.77 5.76 -9.56
N PHE A 410 6.79 4.92 -9.41
CA PHE A 410 8.17 5.38 -9.47
C PHE A 410 8.42 6.17 -10.75
N LEU A 411 7.85 5.72 -11.86
CA LEU A 411 8.02 6.41 -13.13
C LEU A 411 7.15 7.66 -13.21
N ASP A 412 5.90 7.58 -12.74
CA ASP A 412 5.01 8.74 -12.84
C ASP A 412 5.60 9.95 -12.13
N ARG A 413 6.30 9.75 -11.01
CA ARG A 413 6.76 10.84 -10.18
C ARG A 413 8.11 11.40 -10.57
N ASN A 414 8.83 10.74 -11.48
CA ASN A 414 10.21 11.10 -11.80
C ASN A 414 11.07 11.09 -10.53
N THR A 415 11.05 9.96 -9.84
CA THR A 415 11.69 9.84 -8.55
C THR A 415 13.17 10.22 -8.63
N PRO A 416 13.67 11.10 -7.76
CA PRO A 416 15.10 11.42 -7.78
C PRO A 416 15.96 10.18 -7.50
N VAL A 417 16.96 9.98 -8.36
CA VAL A 417 17.90 8.87 -8.25
C VAL A 417 19.30 9.44 -8.49
N PHE A 418 20.27 8.96 -7.72
CA PHE A 418 21.61 9.51 -7.73
C PHE A 418 22.63 8.41 -8.03
N ARG A 419 23.87 8.86 -8.26
CA ARG A 419 24.94 7.95 -8.67
C ARG A 419 25.29 6.94 -7.59
N ASP A 420 25.07 7.27 -6.32
CA ASP A 420 25.41 6.38 -5.21
C ASP A 420 24.19 5.65 -4.66
N ASP A 421 23.12 5.54 -5.45
CA ASP A 421 22.00 4.67 -5.12
C ASP A 421 22.23 3.29 -5.69
N VAL A 422 21.80 2.27 -4.95
CA VAL A 422 21.75 0.90 -5.44
C VAL A 422 20.29 0.56 -5.66
N CYS A 423 19.91 0.38 -6.92
CA CYS A 423 18.53 0.11 -7.29
C CYS A 423 18.37 -1.37 -7.61
N PHE A 424 17.46 -2.02 -6.88
CA PHE A 424 17.14 -3.43 -7.07
C PHE A 424 15.86 -3.56 -7.88
N PHE A 425 15.84 -4.53 -8.79
CA PHE A 425 14.71 -4.75 -9.69
C PHE A 425 14.26 -6.20 -9.55
N LEU A 426 13.16 -6.39 -8.83
CA LEU A 426 12.62 -7.72 -8.53
C LEU A 426 11.61 -8.09 -9.60
N SER A 427 11.84 -9.22 -10.28
CA SER A 427 10.98 -9.62 -11.39
C SER A 427 11.18 -11.11 -11.67
N GLN A 428 10.11 -11.89 -11.52
CA GLN A 428 10.19 -13.32 -11.84
C GLN A 428 10.44 -13.54 -13.32
N SER A 429 9.71 -12.84 -14.17
CA SER A 429 9.84 -13.03 -15.61
C SER A 429 11.00 -12.23 -16.19
N GLY A 430 11.35 -11.11 -15.58
CA GLY A 430 12.39 -10.25 -16.11
C GLY A 430 11.98 -9.46 -17.34
N GLU A 431 10.67 -9.34 -17.60
CA GLU A 431 10.18 -8.63 -18.78
C GLU A 431 9.10 -7.60 -18.47
N THR A 432 8.64 -7.50 -17.22
CA THR A 432 7.60 -6.55 -16.86
C THR A 432 7.98 -5.15 -17.32
N ALA A 433 7.09 -4.52 -18.10
CA ALA A 433 7.44 -3.29 -18.78
C ALA A 433 7.83 -2.18 -17.81
N ASP A 434 7.02 -1.93 -16.78
CA ASP A 434 7.31 -0.82 -15.87
C ASP A 434 8.59 -1.05 -15.10
N THR A 435 8.79 -2.27 -14.59
CA THR A 435 10.04 -2.57 -13.89
C THR A 435 11.23 -2.38 -14.81
N LEU A 436 11.11 -2.79 -16.07
CA LEU A 436 12.20 -2.63 -17.03
C LEU A 436 12.47 -1.16 -17.32
N MET A 437 11.41 -0.36 -17.47
CA MET A 437 11.61 1.06 -17.74
C MET A 437 12.20 1.77 -16.53
N GLY A 438 11.80 1.37 -15.32
CA GLY A 438 12.46 1.88 -14.13
C GLY A 438 13.93 1.54 -14.10
N LEU A 439 14.29 0.34 -14.54
CA LEU A 439 15.69 -0.04 -14.63
C LEU A 439 16.46 0.90 -15.55
N ARG A 440 15.91 1.19 -16.73
CA ARG A 440 16.61 2.09 -17.64
C ARG A 440 16.62 3.52 -17.12
N TYR A 441 15.53 3.93 -16.44
CA TYR A 441 15.53 5.23 -15.79
C TYR A 441 16.74 5.38 -14.86
N CYS A 442 16.94 4.37 -14.00
CA CYS A 442 18.02 4.45 -13.00
C CYS A 442 19.39 4.33 -13.63
N LYS A 443 19.53 3.55 -14.70
CA LYS A 443 20.82 3.45 -15.39
C LYS A 443 21.19 4.79 -16.02
N GLU A 444 20.22 5.51 -16.56
CA GLU A 444 20.51 6.81 -17.17
C GLU A 444 21.07 7.78 -16.15
N ARG A 445 20.72 7.62 -14.87
CA ARG A 445 21.16 8.51 -13.82
C ARG A 445 22.38 7.98 -13.08
N GLY A 446 23.01 6.92 -13.58
CA GLY A 446 24.27 6.46 -13.05
C GLY A 446 24.18 5.60 -11.81
N ALA A 447 22.99 5.12 -11.45
CA ALA A 447 22.86 4.27 -10.29
C ALA A 447 23.38 2.87 -10.58
N LEU A 448 23.86 2.21 -9.54
CA LEU A 448 24.21 0.79 -9.61
C LEU A 448 22.92 -0.02 -9.60
N THR A 449 22.74 -0.87 -10.60
CA THR A 449 21.49 -1.63 -10.76
C THR A 449 21.73 -3.11 -10.51
N VAL A 450 20.83 -3.72 -9.74
CA VAL A 450 20.94 -5.11 -9.33
C VAL A 450 19.61 -5.79 -9.63
N GLY A 451 19.67 -6.95 -10.26
CA GLY A 451 18.48 -7.70 -10.61
C GLY A 451 18.25 -8.86 -9.64
N ILE A 452 17.00 -9.06 -9.27
CA ILE A 452 16.57 -10.24 -8.51
C ILE A 452 15.52 -10.91 -9.37
N THR A 453 15.96 -11.88 -10.16
CA THR A 453 15.16 -12.41 -11.27
C THR A 453 15.17 -13.93 -11.26
N ASN A 454 14.24 -14.50 -12.03
CA ASN A 454 14.08 -15.95 -12.13
C ASN A 454 14.06 -16.42 -13.57
N THR A 455 14.54 -15.60 -14.51
CA THR A 455 14.56 -15.97 -15.92
C THR A 455 15.92 -15.57 -16.50
N VAL A 456 16.73 -16.57 -16.85
CA VAL A 456 18.01 -16.29 -17.50
C VAL A 456 17.75 -15.74 -18.89
N GLY A 457 18.57 -14.78 -19.31
CA GLY A 457 18.43 -14.18 -20.62
C GLY A 457 17.30 -13.19 -20.76
N SER A 458 16.54 -12.94 -19.69
CA SER A 458 15.47 -11.96 -19.74
C SER A 458 16.04 -10.54 -19.77
N SER A 459 15.18 -9.59 -20.15
CA SER A 459 15.63 -8.22 -20.34
C SER A 459 16.22 -7.65 -19.06
N ILE A 460 15.57 -7.90 -17.91
CA ILE A 460 16.02 -7.30 -16.66
C ILE A 460 17.31 -7.96 -16.16
N SER A 461 17.50 -9.25 -16.45
CA SER A 461 18.77 -9.90 -16.11
C SER A 461 19.92 -9.32 -16.93
N ARG A 462 19.74 -9.21 -18.23
CA ARG A 462 20.81 -8.71 -19.09
C ARG A 462 21.18 -7.28 -18.73
N GLU A 463 20.18 -6.40 -18.65
CA GLU A 463 20.43 -4.96 -18.58
C GLU A 463 20.86 -4.47 -17.22
N THR A 464 20.72 -5.28 -16.16
CA THR A 464 21.25 -4.90 -14.86
C THR A 464 22.76 -5.12 -14.83
N ASP A 465 23.44 -4.26 -14.08
CA ASP A 465 24.89 -4.39 -13.92
C ASP A 465 25.26 -5.75 -13.37
N CYS A 466 24.44 -6.27 -12.45
CA CYS A 466 24.68 -7.53 -11.78
C CYS A 466 23.35 -7.99 -11.20
N GLY A 467 23.35 -9.16 -10.55
CA GLY A 467 22.15 -9.62 -9.89
C GLY A 467 22.27 -11.05 -9.42
N VAL A 468 21.14 -11.56 -8.97
CA VAL A 468 21.00 -12.92 -8.46
C VAL A 468 19.85 -13.57 -9.18
N HIS A 469 20.10 -14.72 -9.81
CA HIS A 469 19.03 -15.58 -10.29
C HIS A 469 18.57 -16.44 -9.12
N ILE A 470 17.30 -16.27 -8.73
CA ILE A 470 16.79 -16.91 -7.52
C ILE A 470 16.66 -18.42 -7.67
N ASN A 471 16.75 -18.95 -8.88
CA ASN A 471 16.84 -20.40 -9.11
C ASN A 471 15.68 -21.16 -8.47
N ALA A 472 14.48 -20.60 -8.56
CA ALA A 472 13.29 -21.28 -8.08
C ALA A 472 12.72 -22.26 -9.10
N GLY A 473 13.29 -22.31 -10.31
CA GLY A 473 12.71 -23.06 -11.39
C GLY A 473 11.65 -22.23 -12.08
N PRO A 474 11.34 -22.55 -13.33
CA PRO A 474 10.31 -21.79 -14.04
C PRO A 474 9.00 -21.79 -13.27
N GLU A 475 8.31 -20.66 -13.31
CA GLU A 475 7.00 -20.52 -12.68
C GLU A 475 5.94 -20.58 -13.76
N ILE A 476 5.22 -21.69 -13.83
CA ILE A 476 4.20 -21.89 -14.85
C ILE A 476 2.81 -21.46 -14.39
N GLY A 477 2.56 -21.42 -13.08
CA GLY A 477 1.26 -21.00 -12.60
C GLY A 477 1.00 -19.53 -12.81
N VAL A 478 -0.29 -19.18 -12.86
CA VAL A 478 -0.66 -17.80 -13.16
C VAL A 478 -0.18 -16.86 -12.05
N ALA A 479 -0.30 -17.29 -10.80
CA ALA A 479 0.05 -16.47 -9.65
C ALA A 479 1.43 -16.82 -9.14
N SER A 480 2.12 -15.81 -8.62
CA SER A 480 3.45 -16.00 -8.05
C SER A 480 3.33 -16.68 -6.69
N THR A 481 3.93 -17.86 -6.56
CA THR A 481 3.97 -18.57 -5.29
C THR A 481 5.41 -18.77 -4.87
N LYS A 482 6.10 -19.74 -5.48
CA LYS A 482 7.49 -20.02 -5.11
C LYS A 482 8.41 -18.86 -5.48
N ALA A 483 8.05 -18.06 -6.48
CA ALA A 483 8.86 -16.90 -6.83
C ALA A 483 8.89 -15.89 -5.69
N TYR A 484 7.76 -15.69 -5.03
CA TYR A 484 7.73 -14.76 -3.90
C TYR A 484 8.65 -15.22 -2.79
N THR A 485 8.56 -16.50 -2.41
CA THR A 485 9.36 -16.97 -1.28
C THR A 485 10.84 -17.06 -1.64
N SER A 486 11.16 -17.34 -2.92
CA SER A 486 12.55 -17.37 -3.34
C SER A 486 13.16 -15.97 -3.45
N GLN A 487 12.37 -14.99 -3.91
CA GLN A 487 12.79 -13.59 -3.84
C GLN A 487 13.04 -13.18 -2.39
N PHE A 488 12.10 -13.52 -1.50
CA PHE A 488 12.27 -13.31 -0.07
C PHE A 488 13.62 -13.84 0.40
N VAL A 489 13.86 -15.14 0.21
CA VAL A 489 15.11 -15.75 0.67
C VAL A 489 16.31 -15.07 0.04
N SER A 490 16.22 -14.74 -1.24
CA SER A 490 17.36 -14.15 -1.94
C SER A 490 17.71 -12.80 -1.34
N LEU A 491 16.71 -11.97 -1.03
CA LEU A 491 16.99 -10.66 -0.44
C LEU A 491 17.55 -10.80 0.97
N VAL A 492 17.05 -11.77 1.75
CA VAL A 492 17.63 -12.06 3.06
C VAL A 492 19.09 -12.45 2.92
N MET A 493 19.40 -13.31 1.94
CA MET A 493 20.80 -13.71 1.73
C MET A 493 21.67 -12.50 1.40
N PHE A 494 21.15 -11.58 0.58
CA PHE A 494 21.89 -10.35 0.28
C PHE A 494 22.13 -9.54 1.55
N ALA A 495 21.10 -9.41 2.39
CA ALA A 495 21.26 -8.72 3.67
C ALA A 495 22.36 -9.37 4.51
N LEU A 496 22.48 -10.70 4.43
CA LEU A 496 23.52 -11.40 5.20
C LEU A 496 24.91 -11.16 4.64
N MET A 497 25.04 -10.97 3.32
CA MET A 497 26.33 -10.58 2.76
C MET A 497 26.72 -9.18 3.20
N MET A 498 25.77 -8.26 3.22
CA MET A 498 26.08 -6.86 3.49
C MET A 498 26.64 -6.63 4.88
N CYS A 499 26.40 -7.55 5.83
CA CYS A 499 26.84 -7.36 7.21
C CYS A 499 27.83 -8.45 7.65
N ASP A 500 28.44 -9.17 6.72
CA ASP A 500 29.34 -10.25 7.09
C ASP A 500 30.64 -9.76 7.70
N ASP A 501 30.88 -8.46 7.79
CA ASP A 501 32.11 -7.93 8.36
C ASP A 501 31.86 -7.23 9.69
N ARG A 502 30.67 -7.35 10.27
CA ARG A 502 30.30 -6.65 11.50
C ARG A 502 30.33 -7.63 12.67
N ILE A 503 31.28 -7.44 13.58
CA ILE A 503 31.38 -8.31 14.76
C ILE A 503 30.07 -8.30 15.53
N SER A 504 29.49 -7.12 15.74
CA SER A 504 28.29 -6.98 16.56
C SER A 504 27.08 -7.69 15.97
N MET A 505 27.12 -8.11 14.70
CA MET A 505 25.99 -8.76 14.05
C MET A 505 26.20 -10.25 13.82
N GLN A 506 27.33 -10.81 14.26
CA GLN A 506 27.58 -12.23 14.02
C GLN A 506 26.48 -13.11 14.61
N GLU A 507 26.04 -12.80 15.83
CA GLU A 507 24.98 -13.59 16.46
C GLU A 507 23.69 -13.51 15.66
N ARG A 508 23.30 -12.31 15.24
CA ARG A 508 22.09 -12.15 14.45
C ARG A 508 22.18 -12.92 13.13
N ARG A 509 23.35 -12.87 12.49
CA ARG A 509 23.52 -13.61 11.24
C ARG A 509 23.40 -15.11 11.48
N LYS A 510 23.94 -15.61 12.58
CA LYS A 510 23.85 -17.03 12.88
C LYS A 510 22.40 -17.44 13.11
N GLU A 511 21.66 -16.65 13.91
CA GLU A 511 20.26 -16.94 14.15
C GLU A 511 19.47 -17.02 12.85
N ILE A 512 19.70 -16.07 11.94
CA ILE A 512 18.98 -16.06 10.68
C ILE A 512 19.36 -17.28 9.85
N MET A 513 20.63 -17.64 9.84
CA MET A 513 21.08 -18.75 8.99
C MET A 513 20.66 -20.10 9.54
N LEU A 514 20.55 -20.24 10.87
CA LEU A 514 19.95 -21.44 11.41
C LEU A 514 18.45 -21.47 11.11
N GLY A 515 17.82 -20.30 10.95
CA GLY A 515 16.44 -20.26 10.53
C GLY A 515 16.26 -20.73 9.10
N LEU A 516 17.16 -20.29 8.21
CA LEU A 516 17.14 -20.77 6.83
C LEU A 516 17.42 -22.27 6.79
N LYS A 517 18.35 -22.74 7.63
CA LYS A 517 18.67 -24.16 7.66
C LYS A 517 17.42 -25.00 7.95
N ARG A 518 16.58 -24.54 8.86
CA ARG A 518 15.37 -25.24 9.26
C ARG A 518 14.17 -24.88 8.41
N LEU A 519 14.27 -23.83 7.59
CA LEU A 519 13.10 -23.33 6.86
C LEU A 519 12.44 -24.40 5.99
N PRO A 520 13.16 -25.20 5.20
CA PRO A 520 12.48 -26.20 4.36
C PRO A 520 11.61 -27.15 5.15
N ASP A 521 12.08 -27.63 6.30
CA ASP A 521 11.27 -28.52 7.12
C ASP A 521 10.07 -27.77 7.72
N LEU A 522 10.26 -26.51 8.12
CA LEU A 522 9.15 -25.73 8.65
C LEU A 522 8.08 -25.51 7.58
N ILE A 523 8.49 -25.30 6.33
CA ILE A 523 7.51 -25.19 5.25
C ILE A 523 6.72 -26.49 5.12
N LYS A 524 7.39 -27.64 5.21
CA LYS A 524 6.68 -28.91 5.15
C LYS A 524 5.66 -29.02 6.28
N GLU A 525 6.03 -28.52 7.46
CA GLU A 525 5.09 -28.52 8.58
C GLU A 525 3.84 -27.72 8.24
N VAL A 526 4.02 -26.50 7.71
CA VAL A 526 2.88 -25.67 7.33
C VAL A 526 2.04 -26.36 6.28
N LEU A 527 2.69 -26.96 5.28
CA LEU A 527 1.94 -27.66 4.24
C LEU A 527 1.17 -28.84 4.80
N SER A 528 1.65 -29.43 5.90
CA SER A 528 0.94 -30.54 6.52
C SER A 528 -0.37 -30.10 7.19
N MET A 529 -0.61 -28.80 7.31
CA MET A 529 -1.86 -28.27 7.83
C MET A 529 -2.87 -27.99 6.72
N ASP A 530 -2.64 -28.50 5.52
CA ASP A 530 -3.53 -28.23 4.39
C ASP A 530 -4.98 -28.53 4.76
N ASP A 531 -5.22 -29.60 5.51
CA ASP A 531 -6.59 -29.93 5.91
C ASP A 531 -7.23 -28.79 6.69
N GLU A 532 -6.51 -28.22 7.65
CA GLU A 532 -7.03 -27.09 8.41
C GLU A 532 -7.35 -25.90 7.50
N ILE A 533 -6.57 -25.72 6.42
CA ILE A 533 -6.80 -24.61 5.52
C ILE A 533 -8.05 -24.85 4.68
N GLN A 534 -8.30 -26.10 4.30
CA GLN A 534 -9.52 -26.43 3.58
C GLN A 534 -10.75 -26.13 4.44
N LYS A 535 -10.71 -26.49 5.71
CA LYS A 535 -11.81 -26.15 6.62
C LYS A 535 -12.08 -24.66 6.59
N LEU A 536 -11.02 -23.84 6.63
CA LEU A 536 -11.20 -22.41 6.56
C LEU A 536 -11.78 -21.98 5.21
N ALA A 537 -11.40 -22.68 4.13
CA ALA A 537 -11.93 -22.33 2.81
C ALA A 537 -13.45 -22.51 2.76
N THR A 538 -13.96 -23.64 3.26
CA THR A 538 -15.40 -23.85 3.26
C THR A 538 -16.11 -22.82 4.13
N GLU A 539 -15.47 -22.34 5.19
CA GLU A 539 -16.08 -21.30 6.02
C GLU A 539 -16.19 -19.98 5.25
N LEU A 540 -15.25 -19.69 4.36
CA LEU A 540 -15.27 -18.48 3.55
C LEU A 540 -15.87 -18.71 2.17
N TYR A 541 -16.32 -19.93 1.89
CA TYR A 541 -16.80 -20.28 0.55
C TYR A 541 -17.81 -19.25 0.03
N HIS A 542 -18.75 -18.86 0.87
CA HIS A 542 -19.84 -17.98 0.48
C HIS A 542 -19.55 -16.51 0.74
N GLN A 543 -18.38 -16.17 1.29
CA GLN A 543 -18.09 -14.81 1.67
C GLN A 543 -17.66 -13.97 0.47
N LYS A 544 -17.96 -12.68 0.55
CA LYS A 544 -17.62 -11.74 -0.51
C LYS A 544 -16.42 -10.87 -0.17
N SER A 545 -16.08 -10.74 1.11
CA SER A 545 -14.93 -9.95 1.53
C SER A 545 -14.22 -10.66 2.67
N VAL A 546 -12.97 -10.27 2.88
CA VAL A 546 -12.18 -10.72 4.01
C VAL A 546 -11.07 -9.69 4.24
N LEU A 547 -10.91 -9.24 5.47
CA LEU A 547 -9.84 -8.33 5.84
C LEU A 547 -8.69 -9.13 6.43
N ILE A 548 -7.49 -8.88 5.94
CA ILE A 548 -6.29 -9.56 6.41
C ILE A 548 -5.40 -8.52 7.07
N MET A 549 -5.25 -8.63 8.39
CA MET A 549 -4.63 -7.59 9.21
C MET A 549 -3.32 -8.07 9.79
N GLY A 550 -2.32 -7.20 9.79
CA GLY A 550 -1.02 -7.51 10.34
C GLY A 550 -0.14 -6.29 10.30
N ARG A 551 1.01 -6.39 10.96
CA ARG A 551 1.96 -5.29 10.98
C ARG A 551 3.38 -5.83 11.02
N GLY A 552 4.33 -4.92 10.86
CA GLY A 552 5.73 -5.27 10.96
C GLY A 552 6.12 -6.22 9.84
N TYR A 553 6.77 -7.32 10.23
CA TYR A 553 7.23 -8.31 9.26
C TYR A 553 6.11 -8.91 8.45
N HIS A 554 4.86 -8.77 8.90
CA HIS A 554 3.72 -9.42 8.26
C HIS A 554 2.79 -8.43 7.58
N TYR A 555 3.19 -7.16 7.47
CA TYR A 555 2.48 -6.25 6.58
C TYR A 555 2.44 -6.81 5.16
N ALA A 556 3.58 -7.27 4.67
CA ALA A 556 3.65 -7.85 3.33
C ALA A 556 2.81 -9.11 3.22
N THR A 557 2.76 -9.90 4.30
CA THR A 557 1.92 -11.10 4.28
C THR A 557 0.47 -10.74 4.02
N CYS A 558 -0.02 -9.66 4.63
CA CYS A 558 -1.40 -9.22 4.41
C CYS A 558 -1.60 -8.76 2.97
N LEU A 559 -0.70 -7.92 2.47
CA LEU A 559 -0.84 -7.42 1.10
C LEU A 559 -0.77 -8.56 0.09
N GLU A 560 0.17 -9.48 0.30
CA GLU A 560 0.34 -10.58 -0.65
C GLU A 560 -0.82 -11.57 -0.56
N GLY A 561 -1.25 -11.88 0.66
CA GLY A 561 -2.41 -12.75 0.81
C GLY A 561 -3.67 -12.15 0.22
N ALA A 562 -3.82 -10.83 0.34
CA ALA A 562 -4.98 -10.18 -0.24
C ALA A 562 -4.92 -10.18 -1.76
N LEU A 563 -3.72 -10.01 -2.32
CA LEU A 563 -3.60 -10.03 -3.78
C LEU A 563 -3.87 -11.43 -4.32
N LYS A 564 -3.38 -12.48 -3.65
CA LYS A 564 -3.63 -13.83 -4.11
C LYS A 564 -5.12 -14.14 -4.15
N ILE A 565 -5.82 -13.85 -3.05
CA ILE A 565 -7.24 -14.15 -2.98
C ILE A 565 -8.03 -13.33 -4.00
N LYS A 566 -7.62 -12.10 -4.26
CA LYS A 566 -8.24 -11.32 -5.34
C LYS A 566 -8.01 -11.98 -6.68
N GLU A 567 -6.75 -12.35 -6.96
CA GLU A 567 -6.36 -12.81 -8.29
C GLU A 567 -6.92 -14.19 -8.60
N ILE A 568 -6.92 -15.09 -7.63
CA ILE A 568 -7.26 -16.50 -7.85
C ILE A 568 -8.71 -16.79 -7.54
N THR A 569 -9.25 -16.16 -6.48
CA THR A 569 -10.59 -16.47 -5.99
C THR A 569 -11.64 -15.44 -6.40
N TYR A 570 -11.23 -14.23 -6.75
CA TYR A 570 -12.13 -13.18 -7.21
C TYR A 570 -13.05 -12.68 -6.10
N MET A 571 -12.68 -12.81 -4.83
CA MET A 571 -13.39 -12.14 -3.75
C MET A 571 -12.58 -10.95 -3.26
N HIS A 572 -13.27 -10.03 -2.59
CA HIS A 572 -12.65 -8.76 -2.19
C HIS A 572 -11.89 -8.98 -0.89
N SER A 573 -10.65 -9.45 -1.04
CA SER A 573 -9.73 -9.52 0.08
C SER A 573 -8.86 -8.27 0.07
N GLU A 574 -8.60 -7.74 1.27
CA GLU A 574 -7.82 -6.52 1.42
C GLU A 574 -6.89 -6.64 2.61
N GLY A 575 -5.65 -6.21 2.43
CA GLY A 575 -4.68 -6.17 3.51
C GLY A 575 -4.75 -4.84 4.23
N ILE A 576 -4.81 -4.89 5.56
CA ILE A 576 -4.92 -3.70 6.40
C ILE A 576 -3.79 -3.73 7.41
N LEU A 577 -2.94 -2.70 7.38
CA LEU A 577 -1.92 -2.53 8.40
C LEU A 577 -2.58 -2.39 9.76
N ALA A 578 -2.24 -3.30 10.67
CA ALA A 578 -2.94 -3.36 11.95
C ALA A 578 -2.87 -2.03 12.69
N GLY A 579 -1.72 -1.37 12.66
CA GLY A 579 -1.56 -0.11 13.37
C GLY A 579 -2.41 1.03 12.86
N GLU A 580 -3.11 0.84 11.73
CA GLU A 580 -3.97 1.86 11.17
C GLU A 580 -5.44 1.66 11.50
N LEU A 581 -5.79 0.56 12.17
CA LEU A 581 -7.20 0.27 12.43
C LEU A 581 -7.91 1.46 13.07
N LYS A 582 -7.37 1.99 14.16
CA LYS A 582 -8.05 3.05 14.91
C LYS A 582 -8.08 4.37 14.15
N HIS A 583 -7.49 4.45 12.96
CA HIS A 583 -7.50 5.66 12.16
C HIS A 583 -8.56 5.63 11.07
N GLY A 584 -9.48 4.67 11.11
CA GLY A 584 -10.59 4.63 10.16
C GLY A 584 -11.06 3.23 9.81
N PRO A 585 -10.15 2.42 9.26
CA PRO A 585 -10.57 1.11 8.72
C PRO A 585 -11.26 0.20 9.72
N LEU A 586 -11.07 0.42 11.02
CA LEU A 586 -11.72 -0.43 12.01
C LEU A 586 -13.24 -0.36 11.93
N ALA A 587 -13.78 0.67 11.26
CA ALA A 587 -15.23 0.81 11.16
C ALA A 587 -15.87 -0.30 10.35
N LEU A 588 -15.09 -1.02 9.53
CA LEU A 588 -15.63 -2.13 8.77
C LEU A 588 -15.91 -3.36 9.63
N VAL A 589 -15.30 -3.46 10.81
CA VAL A 589 -15.45 -4.65 11.63
C VAL A 589 -16.85 -4.69 12.22
N ASP A 590 -17.51 -5.85 12.08
CA ASP A 590 -18.74 -6.18 12.80
C ASP A 590 -18.84 -7.69 12.83
N LYS A 591 -19.99 -8.21 13.25
CA LYS A 591 -20.13 -9.66 13.38
C LYS A 591 -20.17 -10.38 12.03
N LEU A 592 -20.33 -9.64 10.92
CA LEU A 592 -20.49 -10.25 9.62
C LEU A 592 -19.26 -10.18 8.72
N MET A 593 -18.29 -9.33 9.03
CA MET A 593 -17.12 -9.16 8.17
C MET A 593 -16.07 -10.21 8.50
N PRO A 594 -15.72 -11.11 7.57
CA PRO A 594 -14.61 -12.04 7.85
C PRO A 594 -13.30 -11.29 8.02
N VAL A 595 -12.49 -11.75 8.97
CA VAL A 595 -11.20 -11.13 9.28
C VAL A 595 -10.17 -12.23 9.51
N ILE A 596 -8.96 -12.02 9.01
CA ILE A 596 -7.81 -12.88 9.28
C ILE A 596 -6.71 -12.00 9.86
N MET A 597 -6.26 -12.35 11.07
CA MET A 597 -5.22 -11.59 11.75
C MET A 597 -3.96 -12.43 11.90
N ILE A 598 -2.81 -11.78 11.79
CA ILE A 598 -1.52 -12.43 11.88
C ILE A 598 -0.84 -11.93 13.15
N ILE A 599 -0.64 -12.84 14.10
CA ILE A 599 -0.05 -12.52 15.40
C ILE A 599 1.08 -13.52 15.61
N MET A 600 2.32 -13.07 15.45
CA MET A 600 3.48 -13.93 15.61
C MET A 600 4.28 -13.51 16.84
N ARG A 601 5.28 -14.33 17.16
CA ARG A 601 6.06 -14.16 18.39
C ARG A 601 7.32 -13.36 18.07
N ASP A 602 7.12 -12.09 17.75
CA ASP A 602 8.22 -11.15 17.52
C ASP A 602 7.96 -9.92 18.39
N HIS A 603 8.67 -8.83 18.10
CA HIS A 603 8.62 -7.63 18.95
C HIS A 603 7.29 -6.89 18.84
N THR A 604 6.49 -7.15 17.81
CA THR A 604 5.18 -6.52 17.68
C THR A 604 4.07 -7.34 18.29
N TYR A 605 4.41 -8.41 19.03
CA TYR A 605 3.39 -9.32 19.55
C TYR A 605 2.35 -8.57 20.37
N ALA A 606 2.79 -7.70 21.28
CA ALA A 606 1.85 -6.98 22.14
C ALA A 606 0.95 -6.05 21.31
N LYS A 607 1.52 -5.35 20.34
CA LYS A 607 0.71 -4.49 19.47
C LYS A 607 -0.27 -5.29 18.64
N CYS A 608 0.09 -6.51 18.27
CA CYS A 608 -0.84 -7.36 17.54
C CYS A 608 -1.98 -7.84 18.45
N GLN A 609 -1.68 -8.12 19.72
CA GLN A 609 -2.72 -8.45 20.67
C GLN A 609 -3.68 -7.29 20.87
N ASN A 610 -3.15 -6.06 20.98
CA ASN A 610 -4.00 -4.88 21.10
C ASN A 610 -4.97 -4.80 19.93
N ALA A 611 -4.45 -4.98 18.71
CA ALA A 611 -5.31 -4.96 17.53
C ALA A 611 -6.38 -6.05 17.62
N LEU A 612 -6.02 -7.22 18.14
CA LEU A 612 -7.01 -8.29 18.28
C LEU A 612 -8.09 -7.90 19.27
N GLN A 613 -7.72 -7.27 20.39
CA GLN A 613 -8.72 -6.80 21.34
C GLN A 613 -9.62 -5.73 20.72
N GLN A 614 -9.06 -4.88 19.86
CA GLN A 614 -9.86 -3.85 19.20
C GLN A 614 -10.91 -4.47 18.30
N VAL A 615 -10.52 -5.47 17.50
CA VAL A 615 -11.47 -6.14 16.61
C VAL A 615 -12.57 -6.81 17.42
N VAL A 616 -12.19 -7.66 18.38
CA VAL A 616 -13.16 -8.43 19.14
C VAL A 616 -14.14 -7.50 19.84
N ALA A 617 -13.66 -6.36 20.35
CA ALA A 617 -14.54 -5.43 21.05
C ALA A 617 -15.69 -4.95 20.16
N ARG A 618 -15.53 -5.04 18.84
CA ARG A 618 -16.54 -4.59 17.89
C ARG A 618 -17.26 -5.78 17.25
N GLN A 619 -17.38 -6.89 17.97
CA GLN A 619 -18.08 -8.10 17.55
C GLN A 619 -17.37 -8.85 16.43
N GLY A 620 -16.14 -8.48 16.08
CA GLY A 620 -15.39 -9.25 15.11
C GLY A 620 -14.93 -10.58 15.70
N ARG A 621 -14.96 -11.61 14.87
CA ARG A 621 -14.56 -12.97 15.27
C ARG A 621 -13.51 -13.47 14.29
N PRO A 622 -12.27 -13.03 14.43
CA PRO A 622 -11.27 -13.30 13.38
C PRO A 622 -10.64 -14.67 13.49
N VAL A 623 -10.12 -15.12 12.35
CA VAL A 623 -9.24 -16.26 12.29
C VAL A 623 -7.81 -15.75 12.44
N VAL A 624 -7.03 -16.42 13.29
CA VAL A 624 -5.70 -15.94 13.64
C VAL A 624 -4.67 -16.93 13.12
N ILE A 625 -3.70 -16.43 12.37
CA ILE A 625 -2.49 -17.17 12.03
C ILE A 625 -1.46 -16.82 13.10
N CYS A 626 -1.05 -17.83 13.89
CA CYS A 626 -0.17 -17.59 15.02
C CYS A 626 0.82 -18.75 15.15
N ASP A 627 1.76 -18.56 16.08
CA ASP A 627 2.76 -19.57 16.39
C ASP A 627 2.12 -20.74 17.13
N LYS A 628 2.65 -21.95 16.88
CA LYS A 628 2.11 -23.16 17.50
C LYS A 628 2.00 -23.03 19.00
N GLU A 629 2.97 -22.36 19.63
CA GLU A 629 3.10 -22.33 21.08
C GLU A 629 2.55 -21.04 21.68
N ASP A 630 1.71 -20.32 20.95
CA ASP A 630 1.02 -19.14 21.49
C ASP A 630 -0.28 -19.58 22.14
N THR A 631 -0.14 -20.25 23.28
CA THR A 631 -1.29 -20.87 23.94
C THR A 631 -2.37 -19.86 24.28
N GLU A 632 -1.98 -18.62 24.60
CA GLU A 632 -2.96 -17.62 25.02
C GLU A 632 -3.97 -17.35 23.92
N THR A 633 -3.49 -17.07 22.70
CA THR A 633 -4.39 -16.73 21.61
C THR A 633 -5.16 -17.94 21.11
N ILE A 634 -4.58 -19.14 21.24
CA ILE A 634 -5.24 -20.34 20.74
C ILE A 634 -6.50 -20.63 21.56
N LYS A 635 -6.45 -20.38 22.87
CA LYS A 635 -7.61 -20.66 23.72
C LYS A 635 -8.69 -19.60 23.58
N ASN A 636 -8.29 -18.34 23.40
CA ASN A 636 -9.23 -17.23 23.32
C ASN A 636 -9.71 -16.97 21.90
N THR A 637 -9.21 -17.70 20.92
CA THR A 637 -9.66 -17.58 19.54
C THR A 637 -10.19 -18.94 19.08
N LYS A 638 -11.37 -18.94 18.46
CA LYS A 638 -11.98 -20.18 18.02
C LYS A 638 -11.08 -20.89 17.01
N ARG A 639 -10.95 -20.33 15.81
CA ARG A 639 -10.14 -20.94 14.76
C ARG A 639 -8.78 -20.26 14.70
N THR A 640 -7.72 -21.05 14.76
CA THR A 640 -6.36 -20.54 14.66
C THR A 640 -5.55 -21.45 13.74
N ILE A 641 -4.83 -20.85 12.81
CA ILE A 641 -3.88 -21.55 11.96
C ILE A 641 -2.51 -21.43 12.64
N LYS A 642 -1.98 -22.55 13.11
CA LYS A 642 -0.84 -22.58 14.02
C LYS A 642 0.39 -22.99 13.23
N VAL A 643 1.23 -22.01 12.86
CA VAL A 643 2.44 -22.30 12.10
C VAL A 643 3.61 -22.43 13.06
N PRO A 644 4.69 -23.10 12.68
CA PRO A 644 5.85 -23.17 13.56
C PRO A 644 6.62 -21.85 13.59
N HIS A 645 7.35 -21.66 14.68
CA HIS A 645 8.09 -20.43 14.89
C HIS A 645 9.44 -20.50 14.19
N SER A 646 9.80 -19.40 13.54
CA SER A 646 11.11 -19.26 12.93
C SER A 646 11.71 -17.92 13.35
N VAL A 647 12.85 -17.54 12.77
CA VAL A 647 13.39 -16.22 13.01
C VAL A 647 12.34 -15.19 12.61
N ASP A 648 12.32 -14.06 13.33
CA ASP A 648 11.29 -13.07 13.09
C ASP A 648 11.30 -12.56 11.65
N CYS A 649 12.50 -12.39 11.07
CA CYS A 649 12.62 -11.91 9.70
C CYS A 649 12.44 -13.00 8.66
N LEU A 650 12.13 -14.23 9.08
CA LEU A 650 11.76 -15.29 8.16
C LEU A 650 10.32 -15.75 8.31
N GLN A 651 9.64 -15.38 9.41
CA GLN A 651 8.28 -15.87 9.65
C GLN A 651 7.34 -15.50 8.51
N GLY A 652 7.62 -14.42 7.79
CA GLY A 652 6.75 -14.00 6.69
C GLY A 652 6.58 -15.07 5.63
N ILE A 653 7.58 -15.91 5.44
CA ILE A 653 7.47 -17.01 4.49
C ILE A 653 6.48 -18.06 4.99
N LEU A 654 6.48 -18.33 6.29
CA LEU A 654 5.60 -19.35 6.86
C LEU A 654 4.16 -18.84 7.02
N SER A 655 3.98 -17.54 7.23
CA SER A 655 2.64 -17.00 7.45
C SER A 655 1.89 -16.72 6.16
N VAL A 656 2.58 -16.56 5.03
CA VAL A 656 1.91 -16.33 3.76
C VAL A 656 1.46 -17.63 3.10
N ILE A 657 2.11 -18.75 3.41
CA ILE A 657 1.77 -20.02 2.75
C ILE A 657 0.34 -20.44 3.07
N PRO A 658 -0.16 -20.33 4.30
CA PRO A 658 -1.57 -20.63 4.53
C PRO A 658 -2.50 -19.76 3.70
N LEU A 659 -2.07 -18.56 3.30
CA LEU A 659 -2.90 -17.70 2.46
C LEU A 659 -2.78 -18.09 0.99
N GLN A 660 -1.62 -18.59 0.57
CA GLN A 660 -1.51 -19.20 -0.75
C GLN A 660 -2.47 -20.38 -0.88
N LEU A 661 -2.46 -21.29 0.10
CA LEU A 661 -3.34 -22.44 0.07
C LEU A 661 -4.81 -22.04 0.17
N LEU A 662 -5.10 -21.04 1.01
CA LEU A 662 -6.48 -20.60 1.15
C LEU A 662 -7.02 -20.12 -0.19
N ALA A 663 -6.27 -19.30 -0.90
CA ALA A 663 -6.69 -18.85 -2.22
C ALA A 663 -6.92 -20.04 -3.14
N PHE A 664 -6.03 -21.02 -3.08
CA PHE A 664 -6.13 -22.19 -3.95
C PHE A 664 -7.40 -22.97 -3.67
N HIS A 665 -7.66 -23.27 -2.39
CA HIS A 665 -8.81 -24.10 -2.06
C HIS A 665 -10.13 -23.38 -2.31
N LEU A 666 -10.19 -22.07 -2.05
CA LEU A 666 -11.43 -21.33 -2.32
C LEU A 666 -11.78 -21.39 -3.80
N ALA A 667 -10.78 -21.22 -4.67
CA ALA A 667 -11.03 -21.27 -6.11
C ALA A 667 -11.48 -22.65 -6.54
N VAL A 668 -10.83 -23.69 -6.03
CA VAL A 668 -11.24 -25.04 -6.38
C VAL A 668 -12.68 -25.29 -5.96
N LEU A 669 -13.06 -24.81 -4.77
CA LEU A 669 -14.42 -25.01 -4.29
C LEU A 669 -15.43 -24.32 -5.19
N ARG A 670 -15.08 -23.15 -5.72
CA ARG A 670 -15.99 -22.35 -6.53
C ARG A 670 -15.97 -22.72 -8.01
N GLY A 671 -15.31 -23.82 -8.38
CA GLY A 671 -15.30 -24.30 -9.74
C GLY A 671 -14.35 -23.59 -10.67
N TYR A 672 -13.49 -22.73 -10.16
CA TYR A 672 -12.55 -22.00 -11.00
C TYR A 672 -11.35 -22.88 -11.36
N ASP A 673 -10.72 -22.52 -12.47
CA ASP A 673 -9.51 -23.19 -12.95
C ASP A 673 -8.33 -22.32 -12.56
N VAL A 674 -7.58 -22.77 -11.55
CA VAL A 674 -6.50 -21.95 -10.99
C VAL A 674 -5.42 -21.67 -12.01
N ASP A 675 -5.26 -22.54 -13.00
CA ASP A 675 -4.25 -22.37 -14.04
C ASP A 675 -4.79 -21.60 -15.24
N PHE A 676 -5.99 -21.02 -15.14
CA PHE A 676 -6.55 -20.19 -16.20
C PHE A 676 -6.30 -18.73 -15.89
N PRO A 677 -5.63 -17.95 -16.77
CA PRO A 677 -5.34 -16.54 -16.43
C PRO A 677 -6.57 -15.70 -16.12
N ARG A 678 -7.48 -15.59 -17.09
CA ARG A 678 -8.64 -14.71 -17.02
C ARG A 678 -8.24 -13.26 -17.24
N ASN A 679 -7.33 -12.75 -16.41
CA ASN A 679 -6.88 -11.36 -16.51
C ASN A 679 -6.40 -11.05 -17.93
N LEU A 680 -7.30 -10.59 -18.78
CA LEU A 680 -7.00 -10.27 -20.17
C LEU A 680 -6.81 -8.77 -20.35
N ALA A 681 -5.96 -8.41 -21.32
CA ALA A 681 -5.67 -7.01 -21.61
C ALA A 681 -6.86 -6.34 -22.29
N LYS A 682 -6.62 -5.19 -22.92
CA LYS A 682 -7.69 -4.48 -23.61
C LYS A 682 -8.31 -5.39 -24.68
N SER A 683 -9.50 -4.98 -25.14
CA SER A 683 -10.24 -5.78 -26.10
C SER A 683 -9.49 -5.86 -27.43
N VAL A 684 -10.04 -6.66 -28.34
CA VAL A 684 -9.44 -6.89 -29.65
C VAL A 684 -9.89 -5.79 -30.60
N THR A 685 -8.92 -5.07 -31.18
CA THR A 685 -9.22 -4.02 -32.14
C THR A 685 -9.61 -4.67 -33.47
N VAL A 686 -10.85 -4.47 -33.88
CA VAL A 686 -11.36 -5.09 -35.10
C VAL A 686 -11.04 -4.26 -36.34
N GLU A 687 -10.96 -2.94 -36.21
CA GLU A 687 -10.68 -2.07 -37.35
C GLU A 687 -11.75 -2.23 -38.42
N CYS B 2 -11.15 10.09 24.41
CA CYS B 2 -11.81 10.29 25.69
C CYS B 2 -11.70 11.76 26.12
N GLY B 3 -12.76 12.26 26.76
CA GLY B 3 -12.82 13.66 27.15
C GLY B 3 -13.06 13.82 28.65
N ILE B 4 -12.54 14.92 29.19
CA ILE B 4 -12.67 15.25 30.60
C ILE B 4 -13.36 16.60 30.73
N PHE B 5 -14.23 16.71 31.73
CA PHE B 5 -14.91 17.97 32.01
C PHE B 5 -15.42 17.96 33.45
N ALA B 6 -15.26 19.09 34.13
CA ALA B 6 -15.75 19.23 35.49
C ALA B 6 -16.17 20.68 35.70
N TYR B 7 -17.06 20.89 36.66
CA TYR B 7 -17.63 22.20 36.95
C TYR B 7 -17.55 22.46 38.44
N LEU B 8 -16.80 23.49 38.82
CA LEU B 8 -16.62 23.87 40.23
C LEU B 8 -17.11 25.31 40.39
N ASN B 9 -18.28 25.47 41.00
CA ASN B 9 -18.87 26.78 41.26
C ASN B 9 -18.68 27.11 42.73
N TYR B 10 -17.76 28.03 43.03
CA TYR B 10 -17.45 28.39 44.40
C TYR B 10 -18.19 29.68 44.76
N HIS B 11 -19.13 29.57 45.69
CA HIS B 11 -19.96 30.71 46.12
C HIS B 11 -20.72 31.31 44.93
N VAL B 12 -21.03 30.48 43.94
CA VAL B 12 -21.90 30.87 42.83
C VAL B 12 -23.09 29.93 42.85
N PRO B 13 -24.18 30.27 43.55
CA PRO B 13 -25.31 29.34 43.70
C PRO B 13 -25.79 28.75 42.38
N ARG B 14 -25.75 27.43 42.28
CA ARG B 14 -26.28 26.70 41.13
C ARG B 14 -27.15 25.55 41.65
N THR B 15 -28.33 25.40 41.07
CA THR B 15 -29.19 24.26 41.42
C THR B 15 -28.61 22.97 40.83
N ARG B 16 -29.03 21.84 41.40
CA ARG B 16 -28.53 20.55 40.94
C ARG B 16 -28.84 20.30 39.47
N ARG B 17 -29.84 20.98 38.91
CA ARG B 17 -30.11 20.87 37.49
C ARG B 17 -29.12 21.69 36.67
N GLU B 18 -28.84 22.93 37.11
CA GLU B 18 -27.88 23.77 36.40
C GLU B 18 -26.51 23.13 36.34
N ILE B 19 -26.14 22.34 37.36
CA ILE B 19 -24.82 21.71 37.38
C ILE B 19 -24.80 20.51 36.42
N LEU B 20 -25.83 19.67 36.48
CA LEU B 20 -25.86 18.49 35.61
C LEU B 20 -25.96 18.89 34.14
N GLU B 21 -26.77 19.90 33.83
CA GLU B 21 -26.85 20.39 32.46
C GLU B 21 -25.53 21.01 31.99
N THR B 22 -24.67 21.42 32.92
CA THR B 22 -23.36 21.94 32.54
C THR B 22 -22.35 20.80 32.32
N LEU B 23 -22.46 19.72 33.10
CA LEU B 23 -21.59 18.56 32.88
C LEU B 23 -21.91 17.88 31.56
N ILE B 24 -23.20 17.70 31.26
CA ILE B 24 -23.58 17.11 29.98
C ILE B 24 -23.19 18.02 28.83
N LYS B 25 -23.46 19.32 28.95
CA LYS B 25 -23.12 20.25 27.89
C LYS B 25 -21.62 20.30 27.66
N GLY B 26 -20.82 19.98 28.67
CA GLY B 26 -19.38 19.91 28.54
C GLY B 26 -18.92 18.66 27.84
N LEU B 27 -19.59 17.53 28.12
CA LEU B 27 -19.27 16.29 27.43
C LEU B 27 -19.69 16.36 25.96
N GLN B 28 -20.79 17.04 25.66
CA GLN B 28 -21.19 17.21 24.26
C GLN B 28 -20.10 17.91 23.46
N ARG B 29 -19.45 18.91 24.06
CA ARG B 29 -18.34 19.58 23.40
C ARG B 29 -17.15 18.64 23.18
N LEU B 30 -17.05 17.56 23.96
CA LEU B 30 -15.93 16.63 23.88
C LEU B 30 -16.34 15.26 23.34
N GLU B 31 -17.62 15.09 22.96
CA GLU B 31 -18.10 13.77 22.58
C GLU B 31 -17.32 13.19 21.40
N TYR B 32 -16.82 14.04 20.50
CA TYR B 32 -16.13 13.55 19.31
C TYR B 32 -14.81 12.84 19.64
N ARG B 33 -14.30 12.98 20.87
CA ARG B 33 -13.09 12.31 21.28
C ARG B 33 -13.34 10.91 21.85
N GLY B 34 -14.61 10.53 22.00
CA GLY B 34 -14.97 9.24 22.56
C GLY B 34 -16.44 9.22 22.94
N TYR B 35 -17.22 8.36 22.27
CA TYR B 35 -18.67 8.33 22.45
C TYR B 35 -19.19 6.91 22.64
N ASP B 36 -18.39 6.05 23.26
CA ASP B 36 -18.82 4.68 23.57
C ASP B 36 -19.55 4.59 24.90
N SER B 37 -19.31 5.52 25.81
CA SER B 37 -20.00 5.56 27.09
C SER B 37 -19.73 6.92 27.72
N ALA B 38 -20.41 7.19 28.82
CA ALA B 38 -20.29 8.48 29.49
C ALA B 38 -20.70 8.32 30.95
N GLY B 39 -20.34 9.30 31.76
CA GLY B 39 -20.68 9.29 33.17
C GLY B 39 -20.41 10.63 33.80
N VAL B 40 -21.02 10.82 34.98
CA VAL B 40 -20.87 12.04 35.76
C VAL B 40 -20.74 11.67 37.23
N GLY B 41 -20.16 12.60 38.00
CA GLY B 41 -20.00 12.41 39.43
C GLY B 41 -20.26 13.69 40.21
N PHE B 42 -21.35 13.71 40.98
CA PHE B 42 -21.78 14.88 41.72
C PHE B 42 -22.13 14.47 43.14
N ASP B 43 -22.52 15.47 43.95
CA ASP B 43 -22.88 15.22 45.35
C ASP B 43 -24.35 14.83 45.46
N GLY B 44 -24.60 13.81 46.26
CA GLY B 44 -25.94 13.30 46.49
C GLY B 44 -26.61 13.95 47.68
N GLY B 45 -27.53 13.21 48.29
CA GLY B 45 -28.27 13.72 49.43
C GLY B 45 -29.26 14.81 49.03
N ASN B 46 -30.30 15.00 49.84
CA ASN B 46 -31.34 15.98 49.58
C ASN B 46 -31.58 16.83 50.82
N ASP B 47 -30.53 17.51 51.28
CA ASP B 47 -30.60 18.41 52.41
C ASP B 47 -30.58 19.85 51.91
N LYS B 48 -31.52 20.67 52.40
CA LYS B 48 -31.59 22.06 51.98
C LYS B 48 -30.25 22.75 52.17
N ASP B 49 -29.61 22.55 53.33
CA ASP B 49 -28.28 23.09 53.57
C ASP B 49 -27.27 22.30 52.75
N TRP B 50 -26.73 22.95 51.71
CA TRP B 50 -25.79 22.28 50.81
C TRP B 50 -24.56 21.76 51.54
N GLU B 51 -24.27 22.25 52.74
CA GLU B 51 -23.09 21.82 53.48
C GLU B 51 -23.21 20.36 53.93
N ALA B 52 -24.43 19.91 54.25
CA ALA B 52 -24.67 18.55 54.72
C ALA B 52 -24.87 17.56 53.59
N ASN B 53 -24.34 17.85 52.39
CA ASN B 53 -24.48 16.96 51.24
C ASN B 53 -23.16 16.62 50.57
N ALA B 54 -22.07 17.32 50.88
CA ALA B 54 -20.78 17.04 50.25
C ALA B 54 -20.20 15.70 50.64
N CYS B 55 -20.75 15.05 51.67
CA CYS B 55 -20.25 13.77 52.13
C CYS B 55 -20.85 12.59 51.37
N LYS B 56 -21.74 12.84 50.41
CA LYS B 56 -22.44 11.79 49.67
C LYS B 56 -22.18 12.02 48.18
N ILE B 57 -21.48 11.07 47.56
CA ILE B 57 -21.14 11.15 46.14
C ILE B 57 -22.10 10.27 45.35
N GLN B 58 -22.57 10.79 44.21
CA GLN B 58 -23.49 10.07 43.33
C GLN B 58 -22.81 9.89 41.98
N LEU B 59 -22.86 8.67 41.44
CA LEU B 59 -22.29 8.34 40.14
C LEU B 59 -23.40 7.84 39.23
N ILE B 60 -23.58 8.52 38.11
CA ILE B 60 -24.54 8.12 37.08
C ILE B 60 -23.73 7.87 35.80
N LYS B 61 -23.59 6.59 35.45
CA LYS B 61 -22.83 6.19 34.28
C LYS B 61 -23.69 5.27 33.43
N LYS B 62 -23.60 5.43 32.10
CA LYS B 62 -24.41 4.63 31.20
C LYS B 62 -23.69 4.44 29.88
N LYS B 63 -23.99 3.33 29.23
CA LYS B 63 -23.42 3.01 27.93
C LYS B 63 -24.11 3.81 26.83
N GLY B 64 -23.36 4.09 25.77
CA GLY B 64 -23.85 4.87 24.65
C GLY B 64 -23.21 6.24 24.60
N LYS B 65 -23.74 7.08 23.70
CA LYS B 65 -23.26 8.44 23.56
C LYS B 65 -23.70 9.26 24.78
N VAL B 66 -23.44 10.57 24.74
CA VAL B 66 -23.83 11.42 25.85
C VAL B 66 -25.34 11.56 25.94
N LYS B 67 -26.05 11.39 24.82
CA LYS B 67 -27.50 11.51 24.83
C LYS B 67 -28.15 10.39 25.64
N ALA B 68 -27.49 9.22 25.71
CA ALA B 68 -28.00 8.15 26.56
C ALA B 68 -27.83 8.47 28.03
N LEU B 69 -26.73 9.15 28.38
CA LEU B 69 -26.51 9.54 29.77
C LEU B 69 -27.40 10.71 30.16
N ASP B 70 -27.58 11.67 29.25
CA ASP B 70 -28.42 12.84 29.56
C ASP B 70 -29.83 12.41 29.94
N GLU B 71 -30.34 11.32 29.35
CA GLU B 71 -31.65 10.81 29.71
C GLU B 71 -31.60 9.96 30.98
N GLU B 72 -30.46 9.31 31.25
CA GLU B 72 -30.33 8.54 32.48
C GLU B 72 -30.29 9.45 33.69
N VAL B 73 -29.64 10.62 33.57
CA VAL B 73 -29.60 11.57 34.67
C VAL B 73 -31.02 12.03 35.03
N HIS B 74 -31.75 12.53 34.04
CA HIS B 74 -33.11 12.98 34.26
C HIS B 74 -34.00 11.80 34.58
N LYS B 75 -35.28 12.10 34.82
CA LYS B 75 -36.31 11.09 35.12
C LYS B 75 -35.80 10.04 36.11
N GLN B 76 -35.16 10.51 37.17
CA GLN B 76 -34.77 9.66 38.28
C GLN B 76 -35.65 9.98 39.49
N GLN B 77 -35.84 8.99 40.35
CA GLN B 77 -36.77 9.08 41.46
C GLN B 77 -36.10 9.41 42.79
N ASP B 78 -34.77 9.56 42.80
CA ASP B 78 -34.02 9.83 44.03
C ASP B 78 -33.35 11.19 44.03
N MET B 79 -32.85 11.65 42.90
CA MET B 79 -32.13 12.92 42.83
C MET B 79 -33.13 14.06 42.67
N ASP B 80 -33.13 14.99 43.64
CA ASP B 80 -33.94 16.19 43.55
C ASP B 80 -33.10 17.28 42.91
N LEU B 81 -33.50 17.71 41.71
CA LEU B 81 -32.74 18.67 40.92
C LEU B 81 -32.98 20.12 41.34
N ASP B 82 -33.40 20.37 42.58
CA ASP B 82 -33.73 21.71 43.03
C ASP B 82 -32.84 22.22 44.15
N ILE B 83 -31.93 21.40 44.66
CA ILE B 83 -31.08 21.81 45.77
C ILE B 83 -30.11 22.87 45.29
N GLU B 84 -30.03 23.98 46.02
CA GLU B 84 -29.11 25.07 45.72
C GLU B 84 -27.76 24.79 46.37
N PHE B 85 -26.70 24.84 45.57
CA PHE B 85 -25.34 24.61 46.05
C PHE B 85 -24.54 25.89 45.89
N ASP B 86 -24.14 26.48 47.02
CA ASP B 86 -23.25 27.64 46.96
C ASP B 86 -21.83 27.23 46.60
N VAL B 87 -21.42 26.02 46.99
CA VAL B 87 -20.14 25.45 46.61
C VAL B 87 -20.38 24.00 46.20
N HIS B 88 -19.87 23.61 45.05
CA HIS B 88 -20.06 22.25 44.54
C HIS B 88 -19.01 21.95 43.49
N LEU B 89 -18.62 20.68 43.43
CA LEU B 89 -17.68 20.18 42.43
C LEU B 89 -18.30 18.97 41.73
N GLY B 90 -18.31 18.99 40.40
CA GLY B 90 -18.82 17.88 39.63
C GLY B 90 -17.90 17.49 38.51
N ILE B 91 -17.64 16.18 38.35
CA ILE B 91 -16.73 15.68 37.33
C ILE B 91 -17.51 14.81 36.35
N ALA B 92 -17.08 14.83 35.10
CA ALA B 92 -17.73 14.07 34.03
C ALA B 92 -16.67 13.49 33.12
N HIS B 93 -17.09 12.60 32.23
CA HIS B 93 -16.14 11.92 31.35
C HIS B 93 -16.88 11.16 30.26
N THR B 94 -16.37 11.22 29.04
CA THR B 94 -16.81 10.39 27.92
C THR B 94 -15.65 9.51 27.48
N ARG B 95 -15.94 8.23 27.24
CA ARG B 95 -14.92 7.20 27.12
C ARG B 95 -14.93 6.59 25.72
N TRP B 96 -13.73 6.38 25.17
CA TRP B 96 -13.54 5.63 23.93
C TRP B 96 -13.09 4.23 24.34
N ALA B 97 -14.04 3.29 24.38
CA ALA B 97 -13.78 1.92 24.83
C ALA B 97 -13.12 1.14 23.70
N THR B 98 -11.79 1.28 23.60
CA THR B 98 -11.04 0.54 22.59
C THR B 98 -10.94 -0.95 22.94
N HIS B 99 -11.00 -1.28 24.23
CA HIS B 99 -10.95 -2.65 24.70
C HIS B 99 -12.23 -2.97 25.47
N GLY B 100 -12.45 -4.26 25.69
CA GLY B 100 -13.57 -4.73 26.48
C GLY B 100 -14.91 -4.14 26.10
N GLU B 101 -15.89 -4.30 26.97
CA GLU B 101 -17.24 -3.79 26.71
C GLU B 101 -17.38 -2.36 27.23
N PRO B 102 -18.13 -1.49 26.53
CA PRO B 102 -18.37 -0.12 27.01
C PRO B 102 -19.47 -0.06 28.08
N SER B 103 -19.34 -0.90 29.11
CA SER B 103 -20.35 -1.01 30.13
C SER B 103 -20.25 0.14 31.13
N PRO B 104 -21.32 0.40 31.89
CA PRO B 104 -21.24 1.47 32.91
C PRO B 104 -20.17 1.23 33.94
N VAL B 105 -19.83 -0.03 34.24
CA VAL B 105 -18.82 -0.31 35.25
C VAL B 105 -17.44 0.11 34.75
N ASN B 106 -17.18 -0.04 33.45
CA ASN B 106 -15.91 0.35 32.86
C ASN B 106 -15.85 1.83 32.52
N SER B 107 -16.96 2.55 32.59
CA SER B 107 -16.95 3.98 32.32
C SER B 107 -16.46 4.73 33.56
N HIS B 108 -16.14 6.00 33.36
CA HIS B 108 -15.65 6.87 34.42
C HIS B 108 -16.79 7.78 34.89
N PRO B 109 -16.68 8.36 36.09
CA PRO B 109 -15.58 8.25 37.06
C PRO B 109 -15.49 6.88 37.75
N GLN B 110 -14.27 6.43 38.01
CA GLN B 110 -14.06 5.24 38.84
C GLN B 110 -14.15 5.63 40.31
N ARG B 111 -14.39 4.62 41.15
CA ARG B 111 -14.54 4.81 42.58
C ARG B 111 -13.53 3.95 43.33
N SER B 112 -13.27 4.33 44.58
CA SER B 112 -12.30 3.64 45.42
C SER B 112 -12.95 2.67 46.39
N ASP B 113 -14.27 2.73 46.57
CA ASP B 113 -14.96 1.87 47.52
C ASP B 113 -16.46 1.98 47.25
N LYS B 114 -17.23 1.16 47.98
CA LYS B 114 -18.68 1.15 47.84
C LYS B 114 -19.35 2.36 48.47
N ASN B 115 -18.59 3.28 49.05
CA ASN B 115 -19.12 4.53 49.61
C ASN B 115 -18.65 5.76 48.85
N ASN B 116 -17.83 5.60 47.81
CA ASN B 116 -17.35 6.70 46.98
C ASN B 116 -16.68 7.78 47.83
N GLU B 117 -15.53 7.40 48.38
CA GLU B 117 -14.69 8.34 49.10
C GLU B 117 -13.74 9.10 48.17
N PHE B 118 -13.34 8.48 47.07
CA PHE B 118 -12.51 9.10 46.05
C PHE B 118 -12.99 8.64 44.69
N ILE B 119 -13.26 9.60 43.80
CA ILE B 119 -13.64 9.29 42.42
C ILE B 119 -12.72 10.08 41.48
N VAL B 120 -12.28 9.42 40.40
CA VAL B 120 -11.31 9.99 39.49
C VAL B 120 -11.75 9.74 38.05
N ILE B 121 -11.45 10.69 37.18
CA ILE B 121 -11.66 10.54 35.73
C ILE B 121 -10.29 10.61 35.07
N HIS B 122 -10.05 9.70 34.13
CA HIS B 122 -8.72 9.47 33.58
C HIS B 122 -8.76 9.47 32.06
N ASN B 123 -7.76 10.14 31.47
CA ASN B 123 -7.52 10.10 30.03
C ASN B 123 -6.10 9.61 29.81
N GLY B 124 -5.97 8.43 29.20
CA GLY B 124 -4.66 7.85 28.93
C GLY B 124 -4.57 6.38 29.27
N ILE B 125 -3.37 5.92 29.59
CA ILE B 125 -3.14 4.52 29.94
C ILE B 125 -2.10 4.44 31.05
N ILE B 126 -2.31 3.54 32.00
CA ILE B 126 -1.33 3.23 33.04
C ILE B 126 -0.63 1.95 32.61
N THR B 127 0.67 2.06 32.30
CA THR B 127 1.43 0.95 31.76
C THR B 127 1.82 -0.09 32.81
N ASN B 128 1.47 0.13 34.08
CA ASN B 128 1.81 -0.81 35.15
C ASN B 128 0.64 -1.05 36.08
N TYR B 129 -0.60 -0.85 35.61
CA TYR B 129 -1.76 -1.04 36.45
C TYR B 129 -1.91 -2.48 36.92
N LYS B 130 -1.34 -3.45 36.20
CA LYS B 130 -1.39 -4.84 36.63
C LYS B 130 -0.63 -5.03 37.93
N ASP B 131 0.59 -4.48 38.02
CA ASP B 131 1.36 -4.56 39.25
C ASP B 131 0.68 -3.82 40.39
N LEU B 132 0.12 -2.64 40.09
CA LEU B 132 -0.61 -1.89 41.11
C LEU B 132 -1.86 -2.62 41.57
N LYS B 133 -2.48 -3.41 40.69
CA LYS B 133 -3.69 -4.12 41.07
C LYS B 133 -3.39 -5.23 42.06
N LYS B 134 -2.27 -5.93 41.89
CA LYS B 134 -1.92 -7.01 42.80
C LYS B 134 -1.51 -6.47 44.17
N PHE B 135 -0.79 -5.35 44.20
CA PHE B 135 -0.41 -4.75 45.48
C PHE B 135 -1.64 -4.29 46.26
N LEU B 136 -2.61 -3.70 45.57
CA LEU B 136 -3.80 -3.20 46.25
C LEU B 136 -4.72 -4.32 46.70
N GLU B 137 -4.75 -5.44 45.96
CA GLU B 137 -5.60 -6.56 46.35
C GLU B 137 -5.09 -7.24 47.62
N SER B 138 -3.79 -7.21 47.86
CA SER B 138 -3.23 -7.85 49.05
C SER B 138 -3.51 -7.04 50.31
N LYS B 139 -3.59 -5.71 50.19
CA LYS B 139 -3.83 -4.86 51.35
C LYS B 139 -5.30 -4.83 51.78
N GLY B 140 -6.20 -5.37 50.96
CA GLY B 140 -7.60 -5.49 51.34
C GLY B 140 -8.57 -4.73 50.44
N TYR B 141 -8.11 -4.36 49.24
CA TYR B 141 -8.93 -3.62 48.30
C TYR B 141 -9.47 -4.56 47.22
N ASP B 142 -10.79 -4.50 46.99
CA ASP B 142 -11.45 -5.34 46.01
C ASP B 142 -11.71 -4.55 44.74
N PHE B 143 -11.41 -5.17 43.59
CA PHE B 143 -11.58 -4.54 42.29
C PHE B 143 -12.85 -5.05 41.62
N GLU B 144 -13.53 -4.16 40.91
CA GLU B 144 -14.79 -4.46 40.23
C GLU B 144 -14.70 -4.35 38.73
N SER B 145 -13.97 -3.36 38.20
CA SER B 145 -13.88 -3.13 36.77
C SER B 145 -12.56 -3.66 36.22
N GLU B 146 -12.50 -3.75 34.89
CA GLU B 146 -11.32 -4.22 34.19
C GLU B 146 -10.45 -3.09 33.66
N THR B 147 -10.79 -1.85 33.95
CA THR B 147 -10.05 -0.70 33.44
C THR B 147 -8.80 -0.44 34.29
N ASP B 148 -7.82 0.19 33.66
CA ASP B 148 -6.63 0.64 34.36
C ASP B 148 -6.88 1.87 35.21
N THR B 149 -8.04 2.51 35.07
CA THR B 149 -8.34 3.70 35.85
C THR B 149 -8.67 3.36 37.30
N GLU B 150 -9.23 2.17 37.55
CA GLU B 150 -9.61 1.79 38.91
C GLU B 150 -8.39 1.69 39.81
N THR B 151 -7.24 1.27 39.28
CA THR B 151 -6.02 1.22 40.08
C THR B 151 -5.56 2.59 40.54
N ILE B 152 -6.09 3.66 39.94
CA ILE B 152 -5.79 5.01 40.41
C ILE B 152 -6.73 5.42 41.54
N ALA B 153 -7.98 4.96 41.52
CA ALA B 153 -8.91 5.27 42.59
C ALA B 153 -8.62 4.46 43.85
N LYS B 154 -8.31 3.17 43.68
CA LYS B 154 -7.97 2.32 44.83
C LYS B 154 -6.62 2.69 45.44
N LEU B 155 -5.80 3.45 44.72
CA LEU B 155 -4.47 3.81 45.21
C LEU B 155 -4.48 5.15 45.95
N VAL B 156 -5.24 6.13 45.46
CA VAL B 156 -5.34 7.40 46.17
C VAL B 156 -5.98 7.21 47.54
N LYS B 157 -6.81 6.18 47.68
CA LYS B 157 -7.36 5.84 48.99
C LYS B 157 -6.34 5.14 49.88
N TYR B 158 -5.44 4.36 49.27
CA TYR B 158 -4.38 3.72 50.04
C TYR B 158 -3.42 4.77 50.61
N MET B 159 -3.12 5.81 49.84
CA MET B 159 -2.31 6.91 50.35
C MET B 159 -3.06 7.73 51.40
N TYR B 160 -4.39 7.65 51.44
CA TYR B 160 -5.18 8.32 52.45
C TYR B 160 -5.32 7.50 53.72
N ASP B 161 -5.33 6.17 53.62
CA ASP B 161 -5.44 5.29 54.78
C ASP B 161 -4.12 5.08 55.49
N ASN B 162 -3.02 5.66 54.99
CA ASN B 162 -1.71 5.49 55.60
C ASN B 162 -0.96 6.81 55.66
N ARG B 163 -1.68 7.93 55.82
CA ARG B 163 -1.04 9.23 55.91
C ARG B 163 -0.42 9.42 57.29
N GLU B 164 0.48 10.41 57.38
CA GLU B 164 1.21 10.67 58.62
C GLU B 164 0.46 11.64 59.54
N SER B 165 -0.19 12.64 58.98
CA SER B 165 -0.92 13.63 59.75
C SER B 165 -2.41 13.53 59.45
N GLN B 166 -3.22 14.08 60.36
CA GLN B 166 -4.67 14.00 60.23
C GLN B 166 -5.19 14.85 59.08
N ASP B 167 -4.43 15.85 58.62
CA ASP B 167 -4.89 16.76 57.58
C ASP B 167 -3.79 16.94 56.53
N THR B 168 -3.44 15.85 55.85
CA THR B 168 -2.55 15.93 54.70
C THR B 168 -3.32 16.48 53.51
N SER B 169 -2.77 17.52 52.89
CA SER B 169 -3.45 18.17 51.78
C SER B 169 -3.80 17.15 50.69
N PHE B 170 -4.88 17.44 49.97
CA PHE B 170 -5.28 16.56 48.87
C PHE B 170 -4.16 16.43 47.84
N THR B 171 -3.34 17.48 47.67
CA THR B 171 -2.23 17.42 46.74
C THR B 171 -1.24 16.32 47.13
N THR B 172 -0.90 16.24 48.42
CA THR B 172 0.04 15.23 48.88
C THR B 172 -0.44 13.83 48.54
N LEU B 173 -1.74 13.56 48.69
CA LEU B 173 -2.28 12.25 48.34
C LEU B 173 -2.12 11.97 46.86
N VAL B 174 -2.49 12.93 46.01
CA VAL B 174 -2.35 12.76 44.56
C VAL B 174 -0.88 12.65 44.18
N GLU B 175 -0.02 13.44 44.83
CA GLU B 175 1.40 13.40 44.51
C GLU B 175 2.00 12.02 44.77
N ARG B 176 1.54 11.35 45.83
CA ARG B 176 2.02 10.00 46.12
C ARG B 176 1.48 8.99 45.12
N VAL B 177 0.33 9.27 44.51
CA VAL B 177 -0.23 8.36 43.52
C VAL B 177 0.56 8.42 42.22
N ILE B 178 0.71 9.62 41.66
CA ILE B 178 1.38 9.76 40.37
C ILE B 178 2.80 9.21 40.42
N GLN B 179 3.44 9.23 41.60
CA GLN B 179 4.77 8.66 41.71
C GLN B 179 4.79 7.16 41.51
N GLN B 180 3.64 6.49 41.67
CA GLN B 180 3.54 5.05 41.46
C GLN B 180 2.95 4.70 40.10
N LEU B 181 2.42 5.67 39.36
CA LEU B 181 1.80 5.43 38.07
C LEU B 181 2.84 5.56 36.96
N GLU B 182 2.79 4.63 36.02
CA GLU B 182 3.62 4.67 34.82
C GLU B 182 2.74 4.97 33.61
N GLY B 183 3.35 5.59 32.60
CA GLY B 183 2.62 5.95 31.39
C GLY B 183 2.10 7.38 31.47
N ALA B 184 1.14 7.66 30.60
CA ALA B 184 0.52 8.97 30.51
C ALA B 184 -0.85 8.97 31.17
N PHE B 185 -1.28 10.16 31.61
CA PHE B 185 -2.56 10.28 32.31
C PHE B 185 -2.90 11.75 32.48
N ALA B 186 -4.20 12.04 32.49
CA ALA B 186 -4.74 13.36 32.82
C ALA B 186 -5.89 13.13 33.80
N LEU B 187 -5.65 13.41 35.08
CA LEU B 187 -6.55 13.02 36.15
C LEU B 187 -7.25 14.24 36.75
N VAL B 188 -8.45 14.01 37.25
CA VAL B 188 -9.23 15.01 38.00
C VAL B 188 -9.92 14.26 39.13
N PHE B 189 -9.54 14.58 40.37
CA PHE B 189 -10.02 13.85 41.53
C PHE B 189 -11.14 14.62 42.23
N LYS B 190 -11.98 13.87 42.95
CA LYS B 190 -12.99 14.45 43.83
C LYS B 190 -13.20 13.48 44.98
N SER B 191 -13.25 14.03 46.20
CA SER B 191 -13.37 13.21 47.40
C SER B 191 -14.34 13.86 48.37
N VAL B 192 -15.01 13.02 49.17
CA VAL B 192 -15.89 13.52 50.22
C VAL B 192 -15.08 14.16 51.34
N HIS B 193 -13.88 13.63 51.61
CA HIS B 193 -13.05 14.18 52.67
C HIS B 193 -12.60 15.60 52.37
N PHE B 194 -12.35 15.90 51.09
CA PHE B 194 -11.97 17.24 50.67
C PHE B 194 -13.13 17.86 49.91
N PRO B 195 -14.19 18.32 50.59
CA PRO B 195 -15.37 18.83 49.88
C PRO B 195 -15.03 20.06 49.06
N GLY B 196 -15.41 20.02 47.77
CA GLY B 196 -15.18 21.12 46.87
C GLY B 196 -13.78 21.24 46.33
N GLN B 197 -12.83 20.49 46.87
CA GLN B 197 -11.44 20.57 46.45
C GLN B 197 -11.20 19.63 45.26
N ALA B 198 -10.74 20.19 44.15
CA ALA B 198 -10.38 19.44 42.96
C ALA B 198 -8.87 19.45 42.78
N VAL B 199 -8.35 18.37 42.20
CA VAL B 199 -6.93 18.23 41.92
C VAL B 199 -6.77 17.74 40.49
N GLY B 200 -5.97 18.47 39.70
CA GLY B 200 -5.76 18.11 38.30
C GLY B 200 -4.30 18.03 37.93
N THR B 201 -3.80 16.80 37.81
CA THR B 201 -2.42 16.56 37.40
C THR B 201 -2.40 15.86 36.05
N ARG B 202 -1.35 16.13 35.27
CA ARG B 202 -1.20 15.57 33.94
C ARG B 202 0.22 15.06 33.73
N ARG B 203 0.39 14.30 32.65
CA ARG B 203 1.70 13.81 32.24
C ARG B 203 1.57 13.17 30.87
N GLY B 204 1.82 13.94 29.81
CA GLY B 204 1.66 13.44 28.47
C GLY B 204 0.24 13.38 27.98
N SER B 205 -0.69 14.08 28.64
CA SER B 205 -2.09 14.12 28.25
C SER B 205 -2.62 15.51 28.55
N PRO B 206 -3.37 16.13 27.63
CA PRO B 206 -3.83 17.50 27.87
C PRO B 206 -4.73 17.62 29.10
N LEU B 207 -4.69 18.80 29.71
CA LEU B 207 -5.54 19.11 30.86
C LEU B 207 -5.36 20.57 31.26
N LEU B 208 -6.33 21.42 30.93
CA LEU B 208 -6.31 22.82 31.27
C LEU B 208 -7.36 23.12 32.34
N ILE B 209 -7.33 24.35 32.85
CA ILE B 209 -8.26 24.81 33.88
C ILE B 209 -8.81 26.16 33.45
N GLY B 210 -10.11 26.22 33.19
CA GLY B 210 -10.75 27.48 32.89
C GLY B 210 -11.18 28.22 34.15
N VAL B 211 -11.37 29.52 34.01
CA VAL B 211 -11.76 30.37 35.14
C VAL B 211 -12.67 31.47 34.63
N ARG B 212 -13.72 31.76 35.40
CA ARG B 212 -14.62 32.87 35.11
C ARG B 212 -15.00 33.55 36.41
N SER B 213 -15.05 34.88 36.38
CA SER B 213 -15.42 35.66 37.55
C SER B 213 -15.60 37.12 37.19
N GLU B 214 -16.72 37.71 37.60
CA GLU B 214 -16.95 39.13 37.36
C GLU B 214 -15.95 40.02 38.11
N HIS B 215 -15.19 39.46 39.05
CA HIS B 215 -14.22 40.22 39.81
C HIS B 215 -12.83 40.11 39.17
N LYS B 216 -11.92 40.97 39.64
CA LYS B 216 -10.55 40.95 39.14
C LYS B 216 -9.78 39.79 39.74
N LEU B 217 -8.91 39.19 38.94
CA LEU B 217 -8.09 38.08 39.38
C LEU B 217 -6.82 38.60 40.04
N SER B 218 -6.29 37.79 40.97
CA SER B 218 -5.14 38.22 41.76
C SER B 218 -3.82 38.16 40.98
N THR B 219 -3.79 37.47 39.85
CA THR B 219 -2.56 37.38 39.06
C THR B 219 -2.89 36.78 37.70
N ASP B 220 -1.88 36.77 36.83
CA ASP B 220 -1.98 36.11 35.53
C ASP B 220 -0.77 35.21 35.27
N HIS B 221 -0.02 34.87 36.33
CA HIS B 221 1.16 34.00 36.20
C HIS B 221 1.29 33.25 37.53
N ILE B 222 0.53 32.16 37.66
CA ILE B 222 0.55 31.34 38.88
C ILE B 222 1.94 30.75 39.03
N PRO B 223 2.65 31.01 40.14
CA PRO B 223 4.01 30.46 40.29
C PRO B 223 3.97 29.00 40.72
N ILE B 224 4.61 28.13 39.92
CA ILE B 224 4.69 26.73 40.28
C ILE B 224 5.48 26.58 41.58
N LEU B 225 5.03 25.67 42.43
CA LEU B 225 5.61 25.46 43.76
C LEU B 225 6.31 24.11 43.82
N TYR B 226 7.03 23.90 44.92
CA TYR B 226 7.75 22.66 45.17
C TYR B 226 7.59 22.27 46.63
N ARG B 227 7.30 21.00 46.87
CA ARG B 227 7.10 20.49 48.23
C ARG B 227 8.40 20.55 49.02
N SER B 243 -1.82 34.25 49.49
CA SER B 243 -2.47 35.43 48.93
C SER B 243 -1.75 35.87 47.66
N THR B 244 -0.42 35.81 47.69
CA THR B 244 0.42 36.17 46.54
C THR B 244 0.94 34.94 45.80
N THR B 245 0.15 33.86 45.79
CA THR B 245 0.53 32.62 45.11
C THR B 245 -0.62 31.96 44.35
N CYS B 246 -1.87 32.15 44.76
CA CYS B 246 -3.01 31.46 44.18
C CYS B 246 -3.81 32.42 43.31
N LEU B 247 -4.48 31.86 42.30
CA LEU B 247 -5.38 32.63 41.44
C LEU B 247 -6.78 32.58 42.05
N PHE B 248 -7.35 33.75 42.33
CA PHE B 248 -8.64 33.83 42.99
C PHE B 248 -9.15 35.26 42.89
N PRO B 249 -10.46 35.47 43.04
CA PRO B 249 -10.99 36.83 43.06
C PRO B 249 -10.50 37.59 44.28
N VAL B 250 -10.16 38.87 44.06
CA VAL B 250 -9.54 39.68 45.10
C VAL B 250 -10.51 39.94 46.24
N GLU B 251 -11.51 40.78 46.00
CA GLU B 251 -12.37 41.25 47.09
C GLU B 251 -13.41 40.21 47.47
N GLU B 252 -14.00 39.52 46.50
CA GLU B 252 -15.08 38.57 46.76
C GLU B 252 -14.61 37.16 46.43
N LYS B 253 -15.54 36.20 46.55
CA LYS B 253 -15.25 34.79 46.34
C LYS B 253 -15.91 34.22 45.08
N ALA B 254 -16.81 34.95 44.43
CA ALA B 254 -17.52 34.44 43.28
C ALA B 254 -16.54 34.03 42.18
N VAL B 255 -16.35 32.72 42.00
CA VAL B 255 -15.45 32.20 40.97
C VAL B 255 -16.01 30.89 40.47
N GLU B 256 -15.79 30.62 39.18
CA GLU B 256 -16.20 29.37 38.54
C GLU B 256 -15.01 28.81 37.78
N TYR B 257 -14.63 27.58 38.11
CA TYR B 257 -13.55 26.88 37.42
C TYR B 257 -14.12 25.88 36.41
N TYR B 258 -13.27 25.49 35.45
CA TYR B 258 -13.68 24.57 34.39
C TYR B 258 -12.47 23.70 34.04
N PHE B 259 -12.36 22.55 34.69
CA PHE B 259 -11.40 21.55 34.29
C PHE B 259 -11.86 20.87 33.01
N ALA B 260 -10.92 20.62 32.10
CA ALA B 260 -11.28 20.01 30.83
C ALA B 260 -10.01 19.60 30.10
N SER B 261 -10.14 18.55 29.29
CA SER B 261 -9.04 18.08 28.46
C SER B 261 -8.97 18.77 27.11
N ASP B 262 -9.89 19.70 26.83
CA ASP B 262 -9.86 20.47 25.60
C ASP B 262 -10.53 21.81 25.85
N ALA B 263 -10.14 22.82 25.06
CA ALA B 263 -10.65 24.17 25.24
C ALA B 263 -12.05 24.38 24.66
N SER B 264 -12.55 23.44 23.86
CA SER B 264 -13.88 23.60 23.28
C SER B 264 -14.97 23.52 24.34
N ALA B 265 -14.77 22.70 25.37
CA ALA B 265 -15.75 22.57 26.44
C ALA B 265 -15.75 23.76 27.39
N VAL B 266 -14.81 24.69 27.24
CA VAL B 266 -14.71 25.84 28.13
C VAL B 266 -14.94 27.17 27.43
N ILE B 267 -14.74 27.25 26.11
CA ILE B 267 -14.89 28.53 25.41
C ILE B 267 -16.30 29.07 25.59
N GLU B 268 -17.31 28.18 25.66
CA GLU B 268 -18.68 28.64 25.79
C GLU B 268 -18.91 29.39 27.09
N HIS B 269 -18.17 29.05 28.14
CA HIS B 269 -18.31 29.70 29.43
C HIS B 269 -17.30 30.80 29.68
N THR B 270 -16.08 30.68 29.16
CA THR B 270 -15.06 31.70 29.35
C THR B 270 -13.88 31.40 28.44
N ASN B 271 -13.07 32.43 28.19
CA ASN B 271 -11.86 32.32 27.39
C ASN B 271 -10.63 32.67 28.21
N ARG B 272 -10.58 32.18 29.45
CA ARG B 272 -9.45 32.39 30.36
C ARG B 272 -9.10 31.04 30.97
N VAL B 273 -8.06 30.39 30.43
CA VAL B 273 -7.65 29.08 30.86
C VAL B 273 -6.20 29.13 31.33
N ILE B 274 -5.77 28.05 31.99
CA ILE B 274 -4.40 27.91 32.47
C ILE B 274 -3.92 26.54 32.02
N PHE B 275 -3.28 26.48 30.87
CA PHE B 275 -2.75 25.22 30.37
C PHE B 275 -1.67 24.68 31.31
N LEU B 276 -1.92 23.50 31.88
CA LEU B 276 -0.95 22.88 32.76
C LEU B 276 0.16 22.21 31.96
N GLU B 277 1.15 21.68 32.67
CA GLU B 277 2.28 21.01 32.05
C GLU B 277 2.50 19.67 32.74
N ASP B 278 3.41 18.88 32.18
CA ASP B 278 3.70 17.56 32.74
C ASP B 278 4.09 17.67 34.21
N ASP B 279 3.42 16.88 35.05
CA ASP B 279 3.70 16.77 36.48
C ASP B 279 3.29 18.01 37.26
N ASP B 280 2.60 18.97 36.64
CA ASP B 280 2.02 20.09 37.37
C ASP B 280 0.75 19.61 38.08
N VAL B 281 0.74 19.70 39.41
CA VAL B 281 -0.37 19.21 40.22
C VAL B 281 -1.16 20.44 40.67
N ALA B 282 -2.15 20.82 39.86
CA ALA B 282 -3.02 21.92 40.22
C ALA B 282 -4.01 21.49 41.29
N ALA B 283 -4.49 22.46 42.07
CA ALA B 283 -5.41 22.17 43.16
C ALA B 283 -6.21 23.42 43.47
N VAL B 284 -7.53 23.26 43.57
CA VAL B 284 -8.44 24.35 43.94
C VAL B 284 -8.87 24.10 45.38
N VAL B 285 -8.41 24.95 46.29
CA VAL B 285 -8.73 24.84 47.71
C VAL B 285 -9.32 26.17 48.17
N ASP B 286 -10.49 26.11 48.80
CA ASP B 286 -11.22 27.31 49.22
C ASP B 286 -11.47 28.23 48.02
N GLY B 287 -11.61 27.65 46.83
CA GLY B 287 -11.81 28.44 45.64
C GLY B 287 -10.58 29.16 45.14
N ARG B 288 -9.39 28.68 45.50
CA ARG B 288 -8.12 29.28 45.08
C ARG B 288 -7.31 28.25 44.33
N LEU B 289 -6.97 28.56 43.07
CA LEU B 289 -6.19 27.66 42.24
C LEU B 289 -4.70 27.85 42.53
N SER B 290 -4.02 26.76 42.84
CA SER B 290 -2.58 26.77 43.09
C SER B 290 -1.96 25.55 42.45
N ILE B 291 -0.80 25.76 41.81
CA ILE B 291 -0.08 24.70 41.11
C ILE B 291 1.07 24.23 41.97
N HIS B 292 1.34 22.92 41.95
CA HIS B 292 2.38 22.30 42.75
C HIS B 292 3.26 21.45 41.85
N ARG B 293 4.43 21.07 42.37
CA ARG B 293 5.37 20.27 41.60
C ARG B 293 6.52 19.78 42.49
N ARG B 310 2.96 28.71 35.17
CA ARG B 310 1.64 28.88 34.60
C ARG B 310 1.47 30.29 34.02
N ALA B 311 0.32 30.53 33.39
CA ALA B 311 0.05 31.84 32.81
C ALA B 311 -1.40 31.93 32.37
N VAL B 312 -2.22 32.67 33.13
CA VAL B 312 -3.61 32.89 32.78
C VAL B 312 -3.65 33.68 31.47
N GLN B 313 -4.12 33.03 30.41
CA GLN B 313 -4.06 33.59 29.06
C GLN B 313 -5.45 33.54 28.42
N THR B 314 -5.58 34.24 27.30
CA THR B 314 -6.83 34.30 26.55
C THR B 314 -6.76 33.34 25.37
N LEU B 315 -7.90 32.72 25.07
CA LEU B 315 -8.00 31.78 23.96
C LEU B 315 -8.34 32.53 22.67
N GLN B 316 -7.61 32.20 21.60
CA GLN B 316 -7.84 32.81 20.30
C GLN B 316 -8.81 31.97 19.48
N MET B 317 -10.00 31.78 20.05
CA MET B 317 -11.02 30.95 19.44
C MET B 317 -12.40 31.54 19.72
N GLU B 318 -13.24 31.56 18.69
CA GLU B 318 -14.63 31.99 18.83
C GLU B 318 -15.54 30.78 18.88
N LEU B 319 -16.68 30.93 19.57
CA LEU B 319 -17.63 29.83 19.69
C LEU B 319 -18.16 29.39 18.33
N GLN B 320 -18.34 30.33 17.40
CA GLN B 320 -18.85 30.00 16.08
C GLN B 320 -17.97 28.98 15.37
N GLN B 321 -16.70 28.86 15.78
CA GLN B 321 -15.80 27.92 15.12
C GLN B 321 -16.10 26.47 15.47
N ILE B 322 -16.88 26.22 16.53
CA ILE B 322 -17.20 24.86 16.96
C ILE B 322 -18.72 24.66 16.95
N MET B 323 -19.40 25.40 16.08
CA MET B 323 -20.84 25.27 15.89
C MET B 323 -21.13 24.83 14.47
N LYS B 324 -22.12 23.94 14.32
CA LYS B 324 -22.50 23.43 13.01
C LYS B 324 -23.09 24.51 12.11
N GLY B 325 -23.45 25.66 12.65
CA GLY B 325 -24.07 26.70 11.84
C GLY B 325 -25.42 26.23 11.35
N ASN B 326 -25.65 26.35 10.04
CA ASN B 326 -26.86 25.89 9.41
C ASN B 326 -26.68 24.54 8.72
N PHE B 327 -25.67 23.78 9.10
CA PHE B 327 -25.45 22.43 8.57
C PHE B 327 -25.95 21.40 9.57
N SER B 328 -26.47 20.29 9.03
CA SER B 328 -26.98 19.22 9.87
C SER B 328 -25.88 18.37 10.50
N SER B 329 -24.62 18.56 10.10
CA SER B 329 -23.51 17.78 10.62
C SER B 329 -22.24 18.60 10.53
N PHE B 330 -21.31 18.33 11.47
CA PHE B 330 -20.01 19.01 11.42
C PHE B 330 -19.25 18.66 10.16
N MET B 331 -19.27 17.39 9.75
CA MET B 331 -18.52 16.98 8.57
C MET B 331 -19.00 17.75 7.34
N GLN B 332 -20.32 17.86 7.17
CA GLN B 332 -20.85 18.60 6.02
C GLN B 332 -20.39 20.05 6.04
N LYS B 333 -20.49 20.71 7.20
CA LYS B 333 -19.94 22.05 7.34
C LYS B 333 -18.48 22.10 6.93
N GLU B 334 -17.66 21.22 7.50
CA GLU B 334 -16.22 21.28 7.27
C GLU B 334 -15.85 20.97 5.82
N ILE B 335 -16.69 20.22 5.10
CA ILE B 335 -16.45 20.03 3.67
C ILE B 335 -16.77 21.30 2.90
N PHE B 336 -17.99 21.83 3.08
CA PHE B 336 -18.43 23.01 2.34
C PHE B 336 -17.69 24.28 2.74
N GLU B 337 -16.97 24.28 3.86
CA GLU B 337 -16.19 25.45 4.26
C GLU B 337 -14.75 25.38 3.76
N GLN B 338 -14.40 24.38 2.97
CA GLN B 338 -13.04 24.28 2.46
C GLN B 338 -12.63 25.46 1.58
N PRO B 339 -13.53 26.13 0.86
CA PRO B 339 -13.12 27.38 0.20
C PRO B 339 -12.55 28.40 1.18
N GLU B 340 -13.11 28.47 2.38
CA GLU B 340 -12.66 29.43 3.38
C GLU B 340 -11.41 28.94 4.11
N SER B 341 -11.36 27.65 4.49
CA SER B 341 -10.21 27.14 5.23
C SER B 341 -8.97 27.11 4.35
N VAL B 342 -9.13 26.91 3.03
CA VAL B 342 -7.99 27.02 2.13
C VAL B 342 -7.46 28.44 2.13
N VAL B 343 -8.36 29.42 2.16
CA VAL B 343 -7.95 30.82 2.20
C VAL B 343 -7.23 31.12 3.51
N ASN B 344 -7.75 30.62 4.63
CA ASN B 344 -7.13 30.87 5.92
C ASN B 344 -5.75 30.22 5.99
N THR B 345 -5.57 29.07 5.33
CA THR B 345 -4.26 28.44 5.33
C THR B 345 -3.22 29.31 4.63
N MET B 346 -3.63 30.03 3.59
CA MET B 346 -2.73 30.87 2.83
C MET B 346 -2.67 32.31 3.35
N ARG B 347 -3.52 32.66 4.32
CA ARG B 347 -3.60 34.04 4.79
C ARG B 347 -2.28 34.50 5.37
N GLY B 348 -1.84 35.70 4.94
CA GLY B 348 -0.60 36.26 5.43
C GLY B 348 0.64 35.49 5.03
N ARG B 349 0.53 34.56 4.09
CA ARG B 349 1.64 33.72 3.67
C ARG B 349 1.86 33.70 2.17
N VAL B 350 0.86 34.04 1.36
CA VAL B 350 0.95 34.01 -0.08
C VAL B 350 0.57 35.38 -0.61
N ASN B 351 1.44 35.96 -1.44
CA ASN B 351 1.21 37.26 -2.05
C ASN B 351 1.15 37.06 -3.56
N PHE B 352 -0.05 37.19 -4.14
CA PHE B 352 -0.20 36.93 -5.55
C PHE B 352 0.22 38.10 -6.42
N ASP B 353 0.31 39.31 -5.86
CA ASP B 353 0.78 40.46 -6.64
C ASP B 353 2.21 40.24 -7.12
N ASP B 354 3.09 39.80 -6.23
CA ASP B 354 4.49 39.57 -6.57
C ASP B 354 4.89 38.10 -6.53
N TYR B 355 3.94 37.19 -6.28
CA TYR B 355 4.22 35.75 -6.30
C TYR B 355 5.32 35.39 -5.30
N THR B 356 5.03 35.65 -4.02
CA THR B 356 5.94 35.32 -2.94
C THR B 356 5.21 34.46 -1.90
N VAL B 357 5.97 33.58 -1.27
CA VAL B 357 5.46 32.69 -0.23
C VAL B 357 6.35 32.84 0.99
N ASN B 358 5.74 33.16 2.13
CA ASN B 358 6.47 33.28 3.39
C ASN B 358 5.70 32.54 4.47
N LEU B 359 6.30 31.48 4.99
CA LEU B 359 5.77 30.73 6.13
C LEU B 359 6.58 31.17 7.35
N GLY B 360 5.97 32.00 8.20
CA GLY B 360 6.69 32.58 9.32
C GLY B 360 7.35 31.53 10.20
N GLY B 361 6.67 30.41 10.42
CA GLY B 361 7.21 29.36 11.27
C GLY B 361 8.48 28.71 10.77
N LEU B 362 8.84 28.93 9.49
CA LEU B 362 10.01 28.31 8.90
C LEU B 362 11.04 29.34 8.45
N LYS B 363 10.94 30.58 8.93
CA LYS B 363 11.88 31.60 8.49
C LYS B 363 13.27 31.35 9.04
N ASP B 364 13.38 31.00 10.33
CA ASP B 364 14.67 30.79 10.96
C ASP B 364 15.27 29.42 10.68
N HIS B 365 14.63 28.60 9.83
CA HIS B 365 15.13 27.27 9.55
C HIS B 365 15.19 26.93 8.06
N ILE B 366 14.54 27.70 7.19
CA ILE B 366 14.47 27.35 5.78
C ILE B 366 15.86 27.19 5.18
N LYS B 367 16.82 27.97 5.67
CA LYS B 367 18.19 27.86 5.16
C LYS B 367 18.80 26.51 5.50
N GLU B 368 18.68 26.09 6.78
CA GLU B 368 19.24 24.81 7.19
C GLU B 368 18.48 23.63 6.58
N ILE B 369 17.17 23.76 6.38
CA ILE B 369 16.41 22.72 5.71
C ILE B 369 16.99 22.46 4.32
N GLN B 370 17.40 23.52 3.62
CA GLN B 370 17.91 23.36 2.26
C GLN B 370 19.29 22.71 2.23
N ARG B 371 20.03 22.74 3.34
CA ARG B 371 21.32 22.05 3.40
C ARG B 371 21.18 20.57 3.75
N CYS B 372 19.97 20.10 4.02
CA CYS B 372 19.74 18.69 4.29
C CYS B 372 19.60 17.91 3.00
N ARG B 373 19.58 16.58 3.12
CA ARG B 373 19.69 15.71 1.97
C ARG B 373 18.47 14.83 1.70
N ARG B 374 17.50 14.79 2.61
CA ARG B 374 16.33 13.96 2.41
C ARG B 374 15.18 14.50 3.25
N LEU B 375 13.97 14.35 2.71
CA LEU B 375 12.73 14.66 3.41
C LEU B 375 12.01 13.37 3.77
N ILE B 376 11.49 13.31 4.99
CA ILE B 376 10.70 12.16 5.45
C ILE B 376 9.39 12.70 6.03
N LEU B 377 8.27 12.26 5.46
CA LEU B 377 6.95 12.65 5.95
C LEU B 377 6.36 11.49 6.74
N ILE B 378 5.98 11.76 7.99
CA ILE B 378 5.53 10.72 8.91
C ILE B 378 4.17 11.13 9.48
N ALA B 379 3.20 10.23 9.40
CA ALA B 379 1.84 10.51 9.85
C ALA B 379 1.02 9.22 9.78
N CYS B 380 -0.23 9.31 10.24
CA CYS B 380 -1.17 8.21 10.17
C CYS B 380 -2.37 8.64 9.34
N GLY B 381 -3.05 7.65 8.75
CA GLY B 381 -4.37 7.86 8.17
C GLY B 381 -4.41 8.95 7.12
N THR B 382 -5.43 9.81 7.22
CA THR B 382 -5.62 10.87 6.24
C THR B 382 -4.43 11.81 6.19
N SER B 383 -3.82 12.10 7.35
CA SER B 383 -2.63 12.94 7.34
C SER B 383 -1.49 12.30 6.57
N TYR B 384 -1.40 10.97 6.60
CA TYR B 384 -0.42 10.27 5.77
C TYR B 384 -0.77 10.39 4.29
N HIS B 385 -2.07 10.38 3.96
CA HIS B 385 -2.47 10.57 2.57
C HIS B 385 -2.07 11.95 2.06
N ALA B 386 -2.09 12.97 2.93
CA ALA B 386 -1.66 14.30 2.52
C ALA B 386 -0.20 14.29 2.05
N GLY B 387 0.65 13.48 2.70
CA GLY B 387 2.02 13.36 2.23
C GLY B 387 2.13 12.65 0.90
N VAL B 388 1.34 11.58 0.72
CA VAL B 388 1.27 10.91 -0.57
C VAL B 388 0.80 11.89 -1.65
N ALA B 389 -0.17 12.74 -1.30
CA ALA B 389 -0.76 13.67 -2.27
C ALA B 389 0.23 14.74 -2.74
N THR B 390 1.27 15.01 -1.94
CA THR B 390 2.21 16.07 -2.26
C THR B 390 3.64 15.57 -2.46
N ARG B 391 3.86 14.25 -2.38
CA ARG B 391 5.20 13.70 -2.53
C ARG B 391 5.82 14.11 -3.86
N GLN B 392 5.05 14.04 -4.94
CA GLN B 392 5.62 14.27 -6.26
C GLN B 392 6.07 15.71 -6.44
N VAL B 393 5.26 16.68 -5.98
CA VAL B 393 5.64 18.07 -6.17
C VAL B 393 6.80 18.44 -5.26
N LEU B 394 6.84 17.87 -4.06
CA LEU B 394 8.00 18.08 -3.19
C LEU B 394 9.28 17.58 -3.85
N GLU B 395 9.22 16.39 -4.47
CA GLU B 395 10.38 15.87 -5.19
C GLU B 395 10.76 16.79 -6.35
N GLU B 396 9.75 17.33 -7.04
CA GLU B 396 10.01 18.18 -8.20
C GLU B 396 10.70 19.47 -7.79
N LEU B 397 10.17 20.16 -6.78
CA LEU B 397 10.61 21.51 -6.47
C LEU B 397 11.80 21.57 -5.52
N THR B 398 11.97 20.59 -4.65
CA THR B 398 13.15 20.52 -3.81
C THR B 398 14.27 19.69 -4.43
N GLU B 399 13.92 18.76 -5.33
CA GLU B 399 14.87 17.84 -5.96
C GLU B 399 15.52 16.90 -4.96
N LEU B 400 15.00 16.85 -3.72
CA LEU B 400 15.50 15.94 -2.70
C LEU B 400 14.69 14.65 -2.72
N PRO B 401 15.29 13.54 -2.27
CA PRO B 401 14.47 12.34 -2.03
C PRO B 401 13.40 12.66 -1.00
N VAL B 402 12.21 12.10 -1.22
CA VAL B 402 11.08 12.29 -0.31
C VAL B 402 10.52 10.90 -0.01
N MET B 403 10.45 10.58 1.27
CA MET B 403 9.96 9.29 1.75
C MET B 403 8.76 9.56 2.64
N VAL B 404 7.67 8.82 2.40
CA VAL B 404 6.42 9.00 3.13
C VAL B 404 6.18 7.72 3.92
N GLU B 405 6.13 7.84 5.24
CA GLU B 405 6.07 6.69 6.13
C GLU B 405 4.81 6.75 6.99
N LEU B 406 4.17 5.59 7.13
CA LEU B 406 3.12 5.41 8.13
C LEU B 406 3.77 5.28 9.49
N ALA B 407 3.34 6.10 10.44
CA ALA B 407 4.03 6.20 11.72
C ALA B 407 4.17 4.84 12.40
N SER B 408 3.08 4.07 12.46
CA SER B 408 3.11 2.80 13.18
C SER B 408 4.15 1.86 12.58
N ASP B 409 4.24 1.81 11.25
CA ASP B 409 5.24 0.96 10.59
C ASP B 409 6.63 1.56 10.70
N PHE B 410 6.73 2.89 10.56
CA PHE B 410 8.01 3.57 10.76
C PHE B 410 8.66 3.13 12.07
N LEU B 411 7.85 3.01 13.13
CA LEU B 411 8.38 2.62 14.44
C LEU B 411 8.69 1.11 14.50
N ASP B 412 7.81 0.27 13.93
CA ASP B 412 8.06 -1.17 13.98
C ASP B 412 9.40 -1.52 13.34
N ARG B 413 9.75 -0.89 12.23
CA ARG B 413 10.96 -1.26 11.50
C ARG B 413 12.23 -0.61 12.03
N ASN B 414 12.12 0.34 12.97
CA ASN B 414 13.26 1.14 13.42
C ASN B 414 13.98 1.76 12.22
N THR B 415 13.21 2.55 11.47
CA THR B 415 13.70 3.11 10.22
C THR B 415 14.98 3.91 10.44
N PRO B 416 16.00 3.74 9.58
CA PRO B 416 17.20 4.57 9.73
C PRO B 416 16.90 6.04 9.51
N VAL B 417 17.37 6.87 10.43
CA VAL B 417 17.27 8.32 10.35
C VAL B 417 18.62 8.93 10.68
N PHE B 418 18.95 10.03 10.02
CA PHE B 418 20.29 10.61 10.11
C PHE B 418 20.21 12.09 10.45
N ARG B 419 21.38 12.64 10.79
CA ARG B 419 21.44 14.03 11.25
C ARG B 419 21.03 15.01 10.17
N ASP B 420 21.25 14.67 8.89
CA ASP B 420 20.88 15.56 7.80
C ASP B 420 19.56 15.17 7.15
N ASP B 421 18.70 14.43 7.85
CA ASP B 421 17.32 14.22 7.42
C ASP B 421 16.44 15.33 7.98
N VAL B 422 15.47 15.76 7.17
CA VAL B 422 14.41 16.66 7.59
C VAL B 422 13.13 15.84 7.66
N CYS B 423 12.56 15.73 8.85
CA CYS B 423 11.41 14.86 9.08
C CYS B 423 10.19 15.72 9.35
N PHE B 424 9.17 15.56 8.52
CA PHE B 424 7.90 16.27 8.67
C PHE B 424 6.90 15.37 9.37
N PHE B 425 6.11 15.97 10.27
CA PHE B 425 5.13 15.22 11.06
C PHE B 425 3.78 15.90 10.85
N LEU B 426 2.92 15.24 10.07
CA LEU B 426 1.62 15.78 9.71
C LEU B 426 0.59 15.23 10.70
N SER B 427 -0.02 16.11 11.48
CA SER B 427 -0.95 15.70 12.52
C SER B 427 -1.92 16.85 12.76
N GLN B 428 -3.18 16.64 12.41
CA GLN B 428 -4.21 17.64 12.67
C GLN B 428 -4.30 17.95 14.16
N SER B 429 -4.34 16.91 14.99
CA SER B 429 -4.51 17.09 16.42
C SER B 429 -3.19 17.38 17.13
N GLY B 430 -2.06 17.03 16.51
CA GLY B 430 -0.80 17.21 17.19
C GLY B 430 -0.61 16.33 18.41
N GLU B 431 -1.41 15.28 18.56
CA GLU B 431 -1.32 14.39 19.71
C GLU B 431 -1.32 12.92 19.35
N THR B 432 -1.41 12.56 18.07
CA THR B 432 -1.41 11.15 17.67
C THR B 432 -0.20 10.44 18.27
N ALA B 433 -0.47 9.33 18.97
CA ALA B 433 0.58 8.65 19.72
C ALA B 433 1.71 8.19 18.81
N ASP B 434 1.38 7.50 17.71
CA ASP B 434 2.43 6.99 16.83
C ASP B 434 3.20 8.12 16.19
N THR B 435 2.51 9.13 15.65
CA THR B 435 3.22 10.26 15.05
C THR B 435 4.12 10.94 16.07
N LEU B 436 3.62 11.10 17.30
CA LEU B 436 4.42 11.74 18.35
C LEU B 436 5.64 10.91 18.71
N MET B 437 5.50 9.59 18.83
CA MET B 437 6.65 8.76 19.13
C MET B 437 7.64 8.74 17.97
N GLY B 438 7.15 8.80 16.73
CA GLY B 438 8.06 8.97 15.62
C GLY B 438 8.86 10.25 15.71
N LEU B 439 8.22 11.32 16.19
CA LEU B 439 8.91 12.60 16.37
C LEU B 439 10.08 12.46 17.34
N ARG B 440 9.82 11.88 18.52
CA ARG B 440 10.88 11.71 19.49
C ARG B 440 11.96 10.76 18.98
N TYR B 441 11.55 9.72 18.26
CA TYR B 441 12.51 8.83 17.61
C TYR B 441 13.49 9.63 16.76
N CYS B 442 12.96 10.51 15.90
CA CYS B 442 13.80 11.26 14.98
C CYS B 442 14.67 12.29 15.72
N LYS B 443 14.11 12.95 16.73
CA LYS B 443 14.89 13.92 17.50
C LYS B 443 16.08 13.25 18.18
N GLU B 444 15.89 12.05 18.71
CA GLU B 444 16.99 11.35 19.33
C GLU B 444 18.11 11.07 18.36
N ARG B 445 17.84 11.06 17.05
CA ARG B 445 18.84 10.78 16.03
C ARG B 445 19.35 12.04 15.35
N GLY B 446 19.03 13.23 15.87
CA GLY B 446 19.62 14.46 15.41
C GLY B 446 18.97 15.08 14.20
N ALA B 447 17.90 14.48 13.68
CA ALA B 447 17.24 15.04 12.51
C ALA B 447 16.58 16.37 12.85
N LEU B 448 16.50 17.24 11.86
CA LEU B 448 15.70 18.46 11.94
C LEU B 448 14.22 18.08 11.79
N THR B 449 13.39 18.47 12.75
CA THR B 449 12.00 18.05 12.80
C THR B 449 11.09 19.24 12.51
N VAL B 450 10.10 19.01 11.64
CA VAL B 450 9.18 20.04 11.17
C VAL B 450 7.77 19.54 11.40
N GLY B 451 6.91 20.38 11.96
CA GLY B 451 5.54 20.02 12.27
C GLY B 451 4.56 20.71 11.33
N ILE B 452 3.63 19.92 10.80
CA ILE B 452 2.49 20.44 10.04
C ILE B 452 1.25 20.08 10.84
N THR B 453 0.80 21.00 11.70
CA THR B 453 -0.24 20.73 12.66
C THR B 453 -1.36 21.75 12.53
N ASN B 454 -2.50 21.42 13.15
CA ASN B 454 -3.66 22.30 13.19
C ASN B 454 -4.07 22.64 14.62
N THR B 455 -3.21 22.36 15.60
CA THR B 455 -3.52 22.58 17.00
C THR B 455 -2.32 23.25 17.67
N VAL B 456 -2.47 24.53 17.99
CA VAL B 456 -1.40 25.27 18.66
C VAL B 456 -1.23 24.73 20.08
N GLY B 457 0.01 24.63 20.53
CA GLY B 457 0.31 24.11 21.84
C GLY B 457 0.26 22.60 21.96
N SER B 458 -0.06 21.90 20.88
CA SER B 458 -0.06 20.44 20.92
C SER B 458 1.35 19.90 21.07
N SER B 459 1.44 18.64 21.49
CA SER B 459 2.75 18.03 21.72
C SER B 459 3.62 18.12 20.47
N ILE B 460 3.06 17.80 19.30
CA ILE B 460 3.86 17.74 18.08
C ILE B 460 4.33 19.14 17.66
N SER B 461 3.50 20.16 17.86
CA SER B 461 3.93 21.51 17.48
C SER B 461 4.97 22.06 18.46
N ARG B 462 4.86 21.71 19.74
CA ARG B 462 5.85 22.16 20.72
C ARG B 462 7.19 21.49 20.50
N GLU B 463 7.19 20.16 20.37
CA GLU B 463 8.43 19.38 20.39
C GLU B 463 9.16 19.39 19.04
N THR B 464 8.54 19.91 17.99
CA THR B 464 9.23 20.05 16.72
C THR B 464 10.10 21.30 16.73
N ASP B 465 11.20 21.25 15.99
CA ASP B 465 12.11 22.39 15.93
C ASP B 465 11.43 23.60 15.31
N CYS B 466 10.55 23.36 14.35
CA CYS B 466 9.78 24.42 13.70
C CYS B 466 8.56 23.77 13.06
N GLY B 467 7.82 24.54 12.28
CA GLY B 467 6.68 23.98 11.58
C GLY B 467 5.71 25.08 11.16
N VAL B 468 4.55 24.62 10.70
CA VAL B 468 3.50 25.50 10.21
C VAL B 468 2.19 25.06 10.85
N HIS B 469 1.45 26.02 11.39
CA HIS B 469 0.07 25.77 11.81
C HIS B 469 -0.82 26.03 10.60
N ILE B 470 -1.50 24.98 10.12
CA ILE B 470 -2.22 25.08 8.86
C ILE B 470 -3.41 26.04 8.95
N ASN B 471 -3.85 26.38 10.17
CA ASN B 471 -4.87 27.42 10.38
C ASN B 471 -6.17 27.09 9.64
N ALA B 472 -6.61 25.84 9.76
CA ALA B 472 -7.87 25.42 9.18
C ALA B 472 -9.04 25.62 10.11
N GLY B 473 -8.79 25.97 11.38
CA GLY B 473 -9.84 26.06 12.36
C GLY B 473 -10.15 24.69 12.94
N PRO B 474 -10.89 24.66 14.05
CA PRO B 474 -11.18 23.38 14.71
C PRO B 474 -11.90 22.43 13.76
N GLU B 475 -11.47 21.17 13.79
CA GLU B 475 -12.10 20.09 13.03
C GLU B 475 -12.81 19.19 14.05
N ILE B 476 -14.13 19.15 13.98
CA ILE B 476 -14.95 18.42 14.95
C ILE B 476 -15.32 17.04 14.42
N GLY B 477 -15.74 16.95 13.16
CA GLY B 477 -16.07 15.66 12.57
C GLY B 477 -14.95 14.67 12.76
N VAL B 478 -15.28 13.41 13.05
CA VAL B 478 -14.25 12.40 13.24
C VAL B 478 -13.40 12.26 11.99
N ALA B 479 -14.04 12.24 10.82
CA ALA B 479 -13.33 12.06 9.56
C ALA B 479 -12.76 13.41 9.12
N SER B 480 -11.45 13.48 8.94
CA SER B 480 -10.80 14.72 8.55
C SER B 480 -11.20 15.09 7.12
N THR B 481 -11.53 16.35 6.91
CA THR B 481 -11.85 16.85 5.58
C THR B 481 -11.01 18.07 5.26
N LYS B 482 -11.29 19.19 5.94
CA LYS B 482 -10.53 20.40 5.70
C LYS B 482 -9.08 20.30 6.18
N ALA B 483 -8.80 19.41 7.13
CA ALA B 483 -7.41 19.22 7.56
C ALA B 483 -6.57 18.64 6.44
N TYR B 484 -7.15 17.74 5.63
CA TYR B 484 -6.41 17.17 4.53
C TYR B 484 -6.06 18.22 3.48
N THR B 485 -7.05 19.00 3.06
CA THR B 485 -6.79 19.99 2.02
C THR B 485 -5.91 21.12 2.52
N SER B 486 -6.00 21.45 3.81
CA SER B 486 -5.13 22.49 4.37
C SER B 486 -3.70 21.99 4.53
N GLN B 487 -3.53 20.72 4.93
CA GLN B 487 -2.19 20.11 4.95
C GLN B 487 -1.62 20.07 3.54
N PHE B 488 -2.40 19.60 2.57
CA PHE B 488 -2.03 19.65 1.16
C PHE B 488 -1.50 21.02 0.79
N VAL B 489 -2.32 22.06 0.96
CA VAL B 489 -1.92 23.41 0.59
C VAL B 489 -0.65 23.81 1.33
N SER B 490 -0.55 23.47 2.61
CA SER B 490 0.62 23.87 3.39
C SER B 490 1.90 23.26 2.83
N LEU B 491 1.87 21.97 2.49
CA LEU B 491 3.06 21.35 1.93
C LEU B 491 3.40 21.92 0.56
N VAL B 492 2.40 22.38 -0.20
CA VAL B 492 2.69 23.03 -1.48
C VAL B 492 3.40 24.36 -1.25
N MET B 493 2.94 25.15 -0.28
CA MET B 493 3.60 26.42 0.01
C MET B 493 5.05 26.20 0.43
N PHE B 494 5.31 25.18 1.24
CA PHE B 494 6.68 24.85 1.60
C PHE B 494 7.51 24.58 0.35
N ALA B 495 7.04 23.69 -0.51
CA ALA B 495 7.73 23.44 -1.77
C ALA B 495 8.03 24.74 -2.50
N LEU B 496 7.07 25.66 -2.53
CA LEU B 496 7.28 26.91 -3.25
C LEU B 496 8.42 27.71 -2.64
N MET B 497 8.60 27.64 -1.32
CA MET B 497 9.73 28.32 -0.69
C MET B 497 11.04 27.67 -1.07
N MET B 498 11.09 26.34 -1.04
CA MET B 498 12.34 25.62 -1.27
C MET B 498 12.95 25.91 -2.64
N CYS B 499 12.18 26.42 -3.59
CA CYS B 499 12.68 26.66 -4.95
C CYS B 499 12.63 28.12 -5.36
N ASP B 500 12.38 29.05 -4.43
CA ASP B 500 12.21 30.46 -4.79
C ASP B 500 13.51 31.14 -5.22
N ASP B 501 14.62 30.42 -5.27
CA ASP B 501 15.90 30.98 -5.72
C ASP B 501 16.38 30.31 -7.01
N ARG B 502 15.55 29.50 -7.66
CA ARG B 502 15.90 28.82 -8.89
C ARG B 502 15.27 29.56 -10.06
N ILE B 503 16.12 30.08 -10.95
CA ILE B 503 15.62 30.79 -12.13
C ILE B 503 14.77 29.85 -12.99
N SER B 504 15.26 28.63 -13.21
CA SER B 504 14.61 27.69 -14.11
C SER B 504 13.21 27.29 -13.65
N MET B 505 12.88 27.50 -12.38
CA MET B 505 11.59 27.09 -11.83
C MET B 505 10.65 28.26 -11.59
N GLN B 506 11.02 29.47 -12.03
CA GLN B 506 10.21 30.64 -11.72
C GLN B 506 8.81 30.52 -12.34
N GLU B 507 8.73 30.11 -13.61
CA GLU B 507 7.43 30.00 -14.26
C GLU B 507 6.57 28.94 -13.60
N ARG B 508 7.16 27.77 -13.31
CA ARG B 508 6.43 26.73 -12.61
C ARG B 508 5.84 27.24 -11.29
N ARG B 509 6.61 28.06 -10.58
CA ARG B 509 6.10 28.64 -9.32
C ARG B 509 4.90 29.54 -9.58
N LYS B 510 4.98 30.40 -10.61
CA LYS B 510 3.85 31.25 -10.95
C LYS B 510 2.63 30.42 -11.32
N GLU B 511 2.83 29.38 -12.13
CA GLU B 511 1.72 28.51 -12.51
C GLU B 511 1.00 27.98 -11.28
N ILE B 512 1.75 27.41 -10.33
CA ILE B 512 1.15 26.84 -9.13
C ILE B 512 0.43 27.92 -8.33
N MET B 513 1.08 29.07 -8.14
CA MET B 513 0.51 30.12 -7.31
C MET B 513 -0.76 30.69 -7.93
N LEU B 514 -0.78 30.86 -9.25
CA LEU B 514 -2.02 31.23 -9.92
C LEU B 514 -3.09 30.18 -9.71
N GLY B 515 -2.70 28.90 -9.64
CA GLY B 515 -3.65 27.86 -9.31
C GLY B 515 -4.21 28.02 -7.91
N LEU B 516 -3.34 28.36 -6.95
CA LEU B 516 -3.80 28.59 -5.58
C LEU B 516 -4.73 29.78 -5.50
N LYS B 517 -4.46 30.84 -6.27
CA LYS B 517 -5.35 31.99 -6.27
C LYS B 517 -6.74 31.63 -6.75
N ARG B 518 -6.85 30.67 -7.66
CA ARG B 518 -8.14 30.26 -8.22
C ARG B 518 -8.74 29.06 -7.51
N LEU B 519 -8.02 28.43 -6.60
CA LEU B 519 -8.51 27.20 -5.97
C LEU B 519 -9.78 27.42 -5.18
N PRO B 520 -9.90 28.45 -4.33
CA PRO B 520 -11.14 28.60 -3.55
C PRO B 520 -12.39 28.62 -4.40
N ASP B 521 -12.38 29.31 -5.55
CA ASP B 521 -13.56 29.37 -6.39
C ASP B 521 -13.79 28.05 -7.11
N LEU B 522 -12.72 27.37 -7.53
CA LEU B 522 -12.89 26.06 -8.15
C LEU B 522 -13.45 25.05 -7.15
N ILE B 523 -13.07 25.17 -5.87
CA ILE B 523 -13.69 24.33 -4.84
C ILE B 523 -15.19 24.60 -4.78
N LYS B 524 -15.59 25.87 -4.84
CA LYS B 524 -17.01 26.18 -4.84
C LYS B 524 -17.71 25.55 -6.03
N GLU B 525 -17.05 25.53 -7.20
CA GLU B 525 -17.64 24.90 -8.36
C GLU B 525 -17.88 23.41 -8.12
N VAL B 526 -16.91 22.73 -7.48
CA VAL B 526 -17.07 21.31 -7.17
C VAL B 526 -18.21 21.10 -6.19
N LEU B 527 -18.31 21.98 -5.18
CA LEU B 527 -19.38 21.82 -4.20
C LEU B 527 -20.75 21.99 -4.83
N SER B 528 -20.87 22.79 -5.89
CA SER B 528 -22.16 23.00 -6.52
C SER B 528 -22.69 21.72 -7.16
N MET B 529 -21.84 20.72 -7.36
CA MET B 529 -22.27 19.42 -7.87
C MET B 529 -22.76 18.50 -6.76
N ASP B 530 -23.00 19.03 -5.56
CA ASP B 530 -23.43 18.20 -4.44
C ASP B 530 -24.63 17.35 -4.81
N ASP B 531 -25.61 17.92 -5.52
CA ASP B 531 -26.79 17.16 -5.89
C ASP B 531 -26.45 16.02 -6.85
N GLU B 532 -25.58 16.28 -7.82
CA GLU B 532 -25.20 15.23 -8.76
C GLU B 532 -24.49 14.08 -8.04
N ILE B 533 -23.66 14.38 -7.04
CA ILE B 533 -23.02 13.34 -6.26
C ILE B 533 -24.05 12.53 -5.49
N GLN B 534 -25.05 13.22 -4.91
CA GLN B 534 -26.08 12.53 -4.15
C GLN B 534 -26.85 11.54 -5.04
N LYS B 535 -27.18 11.96 -6.27
CA LYS B 535 -27.84 11.05 -7.20
C LYS B 535 -27.02 9.78 -7.39
N LEU B 536 -25.71 9.95 -7.59
CA LEU B 536 -24.85 8.79 -7.80
C LEU B 536 -24.77 7.92 -6.55
N ALA B 537 -24.80 8.52 -5.37
CA ALA B 537 -24.79 7.75 -4.14
C ALA B 537 -26.02 6.84 -4.04
N THR B 538 -27.16 7.27 -4.60
CA THR B 538 -28.34 6.42 -4.57
C THR B 538 -28.18 5.20 -5.47
N GLU B 539 -27.23 5.22 -6.40
CA GLU B 539 -26.94 4.09 -7.25
C GLU B 539 -25.86 3.18 -6.69
N LEU B 540 -25.37 3.46 -5.47
CA LEU B 540 -24.29 2.68 -4.87
C LEU B 540 -24.48 2.35 -3.40
N TYR B 541 -25.45 2.94 -2.71
CA TYR B 541 -25.56 2.77 -1.27
C TYR B 541 -25.78 1.31 -0.89
N HIS B 542 -26.37 0.52 -1.79
CA HIS B 542 -26.69 -0.86 -1.47
C HIS B 542 -25.51 -1.81 -1.71
N GLN B 543 -24.50 -1.40 -2.46
CA GLN B 543 -23.38 -2.26 -2.78
C GLN B 543 -22.55 -2.57 -1.53
N LYS B 544 -21.77 -3.64 -1.61
CA LYS B 544 -20.88 -4.06 -0.54
C LYS B 544 -19.45 -3.59 -0.72
N SER B 545 -19.01 -3.40 -1.96
CA SER B 545 -17.64 -2.98 -2.23
C SER B 545 -17.62 -1.91 -3.30
N VAL B 546 -16.52 -1.18 -3.35
CA VAL B 546 -16.25 -0.24 -4.42
C VAL B 546 -14.75 -0.06 -4.53
N LEU B 547 -14.21 -0.25 -5.73
CA LEU B 547 -12.80 -0.04 -6.01
C LEU B 547 -12.61 1.37 -6.57
N ILE B 548 -11.68 2.12 -6.00
CA ILE B 548 -11.35 3.47 -6.46
C ILE B 548 -9.94 3.45 -7.02
N MET B 549 -9.80 3.84 -8.29
CA MET B 549 -8.57 3.66 -9.04
C MET B 549 -8.05 5.00 -9.53
N GLY B 550 -6.76 5.21 -9.37
CA GLY B 550 -6.09 6.42 -9.85
C GLY B 550 -4.60 6.24 -9.73
N ARG B 551 -3.87 7.13 -10.40
CA ARG B 551 -2.41 7.09 -10.36
C ARG B 551 -1.85 8.50 -10.35
N GLY B 552 -0.53 8.58 -10.18
CA GLY B 552 0.14 9.87 -10.16
C GLY B 552 -0.34 10.71 -9.00
N TYR B 553 -0.67 11.98 -9.30
CA TYR B 553 -1.14 12.90 -8.28
C TYR B 553 -2.42 12.43 -7.61
N HIS B 554 -3.13 11.47 -8.21
CA HIS B 554 -4.43 11.04 -7.71
C HIS B 554 -4.38 9.65 -7.10
N TYR B 555 -3.20 9.11 -6.88
CA TYR B 555 -3.08 7.94 -6.01
C TYR B 555 -3.64 8.25 -4.63
N ALA B 556 -3.16 9.33 -4.00
CA ALA B 556 -3.64 9.70 -2.67
C ALA B 556 -5.14 9.93 -2.68
N THR B 557 -5.67 10.48 -3.77
CA THR B 557 -7.11 10.71 -3.85
C THR B 557 -7.88 9.41 -3.69
N CYS B 558 -7.44 8.34 -4.37
CA CYS B 558 -8.18 7.08 -4.29
C CYS B 558 -7.94 6.36 -2.97
N LEU B 559 -6.77 6.57 -2.33
CA LEU B 559 -6.56 6.03 -0.99
C LEU B 559 -7.41 6.77 0.04
N GLU B 560 -7.39 8.10 0.00
CA GLU B 560 -8.19 8.88 0.94
C GLU B 560 -9.69 8.69 0.70
N GLY B 561 -10.11 8.68 -0.57
CA GLY B 561 -11.50 8.38 -0.87
C GLY B 561 -11.94 7.03 -0.33
N ALA B 562 -11.10 6.00 -0.50
CA ALA B 562 -11.43 4.69 0.03
C ALA B 562 -11.50 4.71 1.56
N LEU B 563 -10.61 5.46 2.20
CA LEU B 563 -10.62 5.53 3.67
C LEU B 563 -11.92 6.16 4.17
N LYS B 564 -12.32 7.28 3.56
CA LYS B 564 -13.54 7.96 3.99
C LYS B 564 -14.75 7.03 3.88
N ILE B 565 -14.93 6.41 2.72
CA ILE B 565 -16.08 5.53 2.51
C ILE B 565 -16.07 4.38 3.52
N LYS B 566 -14.90 3.82 3.79
CA LYS B 566 -14.79 2.84 4.87
C LYS B 566 -15.30 3.40 6.19
N GLU B 567 -14.85 4.61 6.53
CA GLU B 567 -14.94 5.09 7.90
C GLU B 567 -16.39 5.43 8.28
N ILE B 568 -17.12 6.11 7.40
CA ILE B 568 -18.45 6.61 7.75
C ILE B 568 -19.59 5.86 7.06
N THR B 569 -19.35 5.20 5.93
CA THR B 569 -20.39 4.44 5.26
C THR B 569 -20.29 2.94 5.55
N TYR B 570 -19.11 2.45 5.93
CA TYR B 570 -18.86 1.05 6.27
C TYR B 570 -18.95 0.14 5.06
N MET B 571 -18.98 0.69 3.84
CA MET B 571 -18.78 -0.10 2.64
C MET B 571 -17.31 -0.51 2.53
N HIS B 572 -17.07 -1.65 1.89
CA HIS B 572 -15.70 -2.13 1.71
C HIS B 572 -15.10 -1.47 0.47
N SER B 573 -14.61 -0.25 0.67
CA SER B 573 -13.97 0.50 -0.40
C SER B 573 -12.46 0.37 -0.30
N GLU B 574 -11.81 0.25 -1.46
CA GLU B 574 -10.37 0.02 -1.51
C GLU B 574 -9.77 0.84 -2.63
N GLY B 575 -8.66 1.52 -2.34
CA GLY B 575 -7.94 2.27 -3.34
C GLY B 575 -6.93 1.36 -4.04
N ILE B 576 -6.91 1.43 -5.36
CA ILE B 576 -6.02 0.60 -6.17
C ILE B 576 -5.25 1.50 -7.11
N LEU B 577 -3.93 1.46 -7.03
CA LEU B 577 -3.07 2.16 -7.98
C LEU B 577 -3.38 1.67 -9.38
N ALA B 578 -3.80 2.58 -10.26
CA ALA B 578 -4.25 2.19 -11.58
C ALA B 578 -3.22 1.33 -12.31
N GLY B 579 -1.93 1.71 -12.20
CA GLY B 579 -0.88 0.95 -12.87
C GLY B 579 -0.72 -0.47 -12.35
N GLU B 580 -1.34 -0.81 -11.22
CA GLU B 580 -1.21 -2.13 -10.64
C GLU B 580 -2.33 -3.07 -11.04
N LEU B 581 -3.34 -2.59 -11.77
CA LEU B 581 -4.46 -3.44 -12.17
C LEU B 581 -3.98 -4.70 -12.89
N LYS B 582 -3.17 -4.53 -13.93
CA LYS B 582 -2.74 -5.67 -14.74
C LYS B 582 -1.99 -6.73 -13.94
N HIS B 583 -1.54 -6.43 -12.73
CA HIS B 583 -0.73 -7.35 -11.95
C HIS B 583 -1.55 -8.15 -10.93
N GLY B 584 -2.87 -8.20 -11.08
CA GLY B 584 -3.69 -9.07 -10.27
C GLY B 584 -5.06 -8.53 -9.93
N PRO B 585 -5.11 -7.35 -9.30
CA PRO B 585 -6.39 -6.83 -8.80
C PRO B 585 -7.46 -6.66 -9.87
N LEU B 586 -7.08 -6.60 -11.15
CA LEU B 586 -8.08 -6.46 -12.21
C LEU B 586 -8.99 -7.67 -12.29
N ALA B 587 -8.54 -8.83 -11.78
CA ALA B 587 -9.37 -10.03 -11.82
C ALA B 587 -10.66 -9.84 -11.04
N LEU B 588 -10.69 -8.90 -10.10
CA LEU B 588 -11.86 -8.67 -9.28
C LEU B 588 -12.95 -7.88 -10.00
N VAL B 589 -12.65 -7.28 -11.14
CA VAL B 589 -13.58 -6.42 -11.83
C VAL B 589 -14.50 -7.26 -12.71
N ASP B 590 -15.81 -7.05 -12.57
CA ASP B 590 -16.79 -7.59 -13.50
C ASP B 590 -17.95 -6.61 -13.56
N LYS B 591 -18.98 -6.98 -14.32
CA LYS B 591 -20.12 -6.07 -14.50
C LYS B 591 -20.81 -5.73 -13.19
N LEU B 592 -20.57 -6.51 -12.13
CA LEU B 592 -21.24 -6.27 -10.85
C LEU B 592 -20.40 -5.45 -9.89
N MET B 593 -19.09 -5.39 -10.04
CA MET B 593 -18.24 -4.71 -9.08
C MET B 593 -18.26 -3.21 -9.34
N PRO B 594 -18.71 -2.38 -8.40
CA PRO B 594 -18.63 -0.92 -8.61
C PRO B 594 -17.18 -0.45 -8.68
N VAL B 595 -16.93 0.50 -9.55
CA VAL B 595 -15.59 1.03 -9.78
C VAL B 595 -15.68 2.53 -9.97
N ILE B 596 -14.77 3.27 -9.34
CA ILE B 596 -14.60 4.70 -9.55
C ILE B 596 -13.18 4.93 -10.03
N MET B 597 -13.04 5.63 -11.15
CA MET B 597 -11.73 5.95 -11.72
C MET B 597 -11.54 7.46 -11.78
N ILE B 598 -10.29 7.88 -11.62
CA ILE B 598 -9.91 9.28 -11.67
C ILE B 598 -9.00 9.46 -12.86
N ILE B 599 -9.43 10.29 -13.81
CA ILE B 599 -8.70 10.52 -15.05
C ILE B 599 -8.65 12.02 -15.24
N MET B 600 -7.51 12.63 -14.95
CA MET B 600 -7.32 14.06 -15.08
C MET B 600 -6.37 14.36 -16.23
N ARG B 601 -6.41 15.61 -16.69
CA ARG B 601 -5.60 16.03 -17.84
C ARG B 601 -4.22 16.47 -17.36
N ASP B 602 -3.43 15.47 -16.97
CA ASP B 602 -2.02 15.66 -16.64
C ASP B 602 -1.23 14.65 -17.46
N HIS B 603 0.03 14.43 -17.08
CA HIS B 603 0.94 13.64 -17.91
C HIS B 603 0.59 12.14 -17.90
N THR B 604 -0.26 11.67 -17.00
CA THR B 604 -0.65 10.28 -16.94
C THR B 604 -1.99 10.00 -17.63
N TYR B 605 -2.51 10.98 -18.37
CA TYR B 605 -3.82 10.85 -18.99
C TYR B 605 -3.91 9.58 -19.84
N ALA B 606 -2.97 9.40 -20.76
CA ALA B 606 -3.02 8.24 -21.64
C ALA B 606 -2.97 6.93 -20.85
N LYS B 607 -2.11 6.88 -19.83
CA LYS B 607 -2.03 5.66 -19.01
C LYS B 607 -3.33 5.43 -18.26
N CYS B 608 -4.00 6.51 -17.83
CA CYS B 608 -5.29 6.38 -17.19
C CYS B 608 -6.35 5.89 -18.18
N GLN B 609 -6.25 6.28 -19.44
CA GLN B 609 -7.20 5.79 -20.43
C GLN B 609 -7.05 4.30 -20.64
N ASN B 610 -5.80 3.81 -20.67
CA ASN B 610 -5.56 2.38 -20.81
C ASN B 610 -6.18 1.61 -19.65
N ALA B 611 -5.98 2.08 -18.42
CA ALA B 611 -6.60 1.44 -17.27
C ALA B 611 -8.12 1.42 -17.42
N LEU B 612 -8.70 2.53 -17.88
CA LEU B 612 -10.15 2.57 -18.09
C LEU B 612 -10.59 1.56 -19.14
N GLN B 613 -9.81 1.43 -20.22
CA GLN B 613 -10.14 0.44 -21.25
C GLN B 613 -10.05 -0.98 -20.69
N GLN B 614 -9.09 -1.23 -19.80
CA GLN B 614 -9.00 -2.55 -19.19
C GLN B 614 -10.25 -2.85 -18.35
N VAL B 615 -10.66 -1.89 -17.52
CA VAL B 615 -11.85 -2.07 -16.70
C VAL B 615 -13.07 -2.35 -17.57
N VAL B 616 -13.22 -1.60 -18.67
CA VAL B 616 -14.34 -1.81 -19.57
C VAL B 616 -14.27 -3.20 -20.20
N ALA B 617 -13.07 -3.61 -20.64
CA ALA B 617 -12.92 -4.92 -21.26
C ALA B 617 -13.34 -6.04 -20.33
N ARG B 618 -13.20 -5.84 -19.02
CA ARG B 618 -13.68 -6.79 -18.02
C ARG B 618 -15.16 -6.57 -17.68
N GLN B 619 -15.90 -5.86 -18.53
CA GLN B 619 -17.31 -5.56 -18.35
C GLN B 619 -17.58 -4.58 -17.20
N GLY B 620 -16.56 -3.92 -16.67
CA GLY B 620 -16.78 -2.91 -15.66
C GLY B 620 -17.55 -1.71 -16.21
N ARG B 621 -18.30 -1.06 -15.32
CA ARG B 621 -19.10 0.12 -15.67
C ARG B 621 -18.76 1.22 -14.67
N PRO B 622 -17.59 1.84 -14.83
CA PRO B 622 -17.07 2.71 -13.77
C PRO B 622 -17.64 4.12 -13.81
N VAL B 623 -17.61 4.75 -12.64
CA VAL B 623 -17.84 6.18 -12.51
C VAL B 623 -16.48 6.87 -12.65
N VAL B 624 -16.38 7.80 -13.59
CA VAL B 624 -15.12 8.46 -13.89
C VAL B 624 -15.20 9.89 -13.37
N ILE B 625 -14.20 10.27 -12.56
CA ILE B 625 -13.99 11.65 -12.17
C ILE B 625 -12.99 12.24 -13.15
N CYS B 626 -13.43 13.20 -13.97
CA CYS B 626 -12.61 13.72 -15.05
C CYS B 626 -12.76 15.24 -15.12
N ASP B 627 -11.98 15.84 -16.01
CA ASP B 627 -12.02 17.27 -16.26
C ASP B 627 -13.22 17.61 -17.15
N LYS B 628 -13.74 18.84 -16.98
CA LYS B 628 -14.91 19.26 -17.76
C LYS B 628 -14.63 19.23 -19.25
N GLU B 629 -13.42 19.63 -19.66
CA GLU B 629 -13.07 19.68 -21.07
C GLU B 629 -12.75 18.30 -21.65
N ASP B 630 -12.54 17.30 -20.80
CA ASP B 630 -12.22 15.96 -21.26
C ASP B 630 -13.40 15.35 -22.02
N THR B 631 -13.66 15.87 -23.22
CA THR B 631 -14.85 15.47 -23.96
C THR B 631 -14.79 13.99 -24.35
N GLU B 632 -13.61 13.49 -24.71
CA GLU B 632 -13.49 12.09 -25.09
C GLU B 632 -13.99 11.18 -23.98
N THR B 633 -13.59 11.45 -22.74
CA THR B 633 -14.00 10.63 -21.62
C THR B 633 -15.49 10.81 -21.32
N ILE B 634 -15.99 12.04 -21.46
CA ILE B 634 -17.37 12.32 -21.11
C ILE B 634 -18.33 11.65 -22.09
N LYS B 635 -17.94 11.56 -23.37
CA LYS B 635 -18.81 10.93 -24.36
C LYS B 635 -18.91 9.43 -24.14
N ASN B 636 -17.76 8.77 -23.93
CA ASN B 636 -17.73 7.32 -23.87
C ASN B 636 -18.09 6.76 -22.49
N THR B 637 -18.37 7.60 -21.51
CA THR B 637 -18.68 7.16 -20.16
C THR B 637 -20.05 7.69 -19.75
N LYS B 638 -20.89 6.82 -19.22
CA LYS B 638 -22.23 7.21 -18.83
C LYS B 638 -22.21 8.12 -17.61
N ARG B 639 -21.63 7.63 -16.51
CA ARG B 639 -21.55 8.40 -15.27
C ARG B 639 -20.20 9.09 -15.20
N THR B 640 -20.20 10.42 -15.23
CA THR B 640 -18.98 11.19 -15.09
C THR B 640 -19.22 12.34 -14.12
N ILE B 641 -18.25 12.55 -13.22
CA ILE B 641 -18.22 13.71 -12.34
C ILE B 641 -17.19 14.67 -12.91
N LYS B 642 -17.66 15.76 -13.51
CA LYS B 642 -16.82 16.68 -14.25
C LYS B 642 -16.38 17.80 -13.31
N VAL B 643 -15.12 17.77 -12.90
CA VAL B 643 -14.57 18.81 -12.02
C VAL B 643 -13.79 19.79 -12.88
N PRO B 644 -13.59 21.02 -12.43
CA PRO B 644 -12.80 21.98 -13.22
C PRO B 644 -11.32 21.63 -13.20
N HIS B 645 -10.64 22.07 -14.24
CA HIS B 645 -9.21 21.83 -14.37
C HIS B 645 -8.42 22.82 -13.53
N SER B 646 -7.32 22.35 -12.97
CA SER B 646 -6.40 23.19 -12.21
C SER B 646 -4.98 22.74 -12.57
N VAL B 647 -4.01 23.24 -11.82
CA VAL B 647 -2.62 22.79 -11.98
C VAL B 647 -2.53 21.33 -11.56
N ASP B 648 -1.69 20.57 -12.26
CA ASP B 648 -1.63 19.12 -12.01
C ASP B 648 -1.37 18.82 -10.54
N CYS B 649 -0.46 19.57 -9.90
CA CYS B 649 -0.09 19.32 -8.52
C CYS B 649 -1.09 19.91 -7.52
N LEU B 650 -2.18 20.50 -8.00
CA LEU B 650 -3.29 20.89 -7.14
C LEU B 650 -4.57 20.15 -7.43
N GLN B 651 -4.67 19.48 -8.59
CA GLN B 651 -5.91 18.83 -8.97
C GLN B 651 -6.38 17.83 -7.92
N GLY B 652 -5.45 17.26 -7.16
CA GLY B 652 -5.83 16.30 -6.13
C GLY B 652 -6.78 16.86 -5.10
N ILE B 653 -6.71 18.17 -4.85
CA ILE B 653 -7.66 18.79 -3.92
C ILE B 653 -9.06 18.76 -4.52
N LEU B 654 -9.18 18.98 -5.83
CA LEU B 654 -10.49 19.03 -6.47
C LEU B 654 -11.06 17.65 -6.72
N SER B 655 -10.20 16.64 -6.89
CA SER B 655 -10.67 15.29 -7.18
C SER B 655 -11.07 14.53 -5.92
N VAL B 656 -10.57 14.94 -4.75
CA VAL B 656 -10.92 14.27 -3.51
C VAL B 656 -12.23 14.79 -2.92
N ILE B 657 -12.56 16.06 -3.16
CA ILE B 657 -13.78 16.64 -2.59
C ILE B 657 -15.01 15.85 -3.03
N PRO B 658 -15.17 15.49 -4.31
CA PRO B 658 -16.32 14.64 -4.67
C PRO B 658 -16.41 13.36 -3.86
N LEU B 659 -15.28 12.78 -3.47
CA LEU B 659 -15.29 11.55 -2.69
C LEU B 659 -15.61 11.81 -1.22
N GLN B 660 -15.23 12.97 -0.70
CA GLN B 660 -15.75 13.39 0.59
C GLN B 660 -17.27 13.49 0.55
N LEU B 661 -17.80 14.11 -0.50
CA LEU B 661 -19.24 14.28 -0.64
C LEU B 661 -19.91 12.93 -0.86
N LEU B 662 -19.31 12.06 -1.68
CA LEU B 662 -19.91 10.75 -1.91
C LEU B 662 -20.03 9.96 -0.61
N ALA B 663 -18.95 9.92 0.17
CA ALA B 663 -18.99 9.20 1.43
C ALA B 663 -20.06 9.77 2.35
N PHE B 664 -20.18 11.11 2.39
CA PHE B 664 -21.22 11.73 3.20
C PHE B 664 -22.60 11.24 2.79
N HIS B 665 -22.92 11.32 1.49
CA HIS B 665 -24.25 10.94 1.03
C HIS B 665 -24.51 9.45 1.22
N LEU B 666 -23.51 8.60 0.91
CA LEU B 666 -23.67 7.18 1.12
C LEU B 666 -24.03 6.86 2.57
N ALA B 667 -23.40 7.55 3.53
CA ALA B 667 -23.69 7.31 4.92
C ALA B 667 -25.13 7.68 5.26
N VAL B 668 -25.61 8.81 4.74
CA VAL B 668 -26.99 9.21 5.00
C VAL B 668 -27.96 8.21 4.41
N LEU B 669 -27.70 7.73 3.19
CA LEU B 669 -28.57 6.73 2.59
C LEU B 669 -28.62 5.47 3.44
N ARG B 670 -27.47 5.03 3.95
CA ARG B 670 -27.42 3.81 4.75
C ARG B 670 -27.85 4.04 6.20
N GLY B 671 -28.27 5.25 6.55
CA GLY B 671 -28.79 5.51 7.88
C GLY B 671 -27.74 5.63 8.97
N TYR B 672 -26.54 6.08 8.62
CA TYR B 672 -25.45 6.22 9.58
C TYR B 672 -25.17 7.68 9.86
N ASP B 673 -24.51 7.93 11.00
CA ASP B 673 -24.18 9.28 11.44
C ASP B 673 -22.77 9.64 10.97
N VAL B 674 -22.66 10.68 10.15
CA VAL B 674 -21.38 11.01 9.55
C VAL B 674 -20.39 11.55 10.57
N ASP B 675 -20.87 12.11 11.68
CA ASP B 675 -19.98 12.69 12.68
C ASP B 675 -19.55 11.69 13.75
N PHE B 676 -20.23 10.55 13.86
CA PHE B 676 -19.94 9.55 14.89
C PHE B 676 -19.91 8.17 14.28
N PRO B 677 -18.90 7.88 13.45
CA PRO B 677 -18.76 6.52 12.91
C PRO B 677 -18.52 5.51 14.01
N ARG B 678 -19.00 4.28 13.77
CA ARG B 678 -18.87 3.24 14.78
C ARG B 678 -17.41 2.83 14.96
N ASN B 679 -17.14 2.20 16.10
CA ASN B 679 -15.91 1.48 16.41
C ASN B 679 -14.72 2.39 16.74
N LEU B 680 -14.86 3.71 16.68
CA LEU B 680 -13.71 4.57 16.89
C LEU B 680 -14.19 5.98 17.27
N ALA B 681 -13.22 6.88 17.42
CA ALA B 681 -13.49 8.30 17.66
C ALA B 681 -12.40 9.09 16.94
N LYS B 682 -12.16 10.33 17.36
CA LYS B 682 -11.20 11.21 16.71
C LYS B 682 -9.91 11.31 17.52
N SER B 683 -8.78 11.30 16.80
CA SER B 683 -7.45 11.46 17.39
C SER B 683 -7.04 10.25 18.21
N VAL B 684 -6.06 9.49 17.71
CA VAL B 684 -5.59 8.27 18.37
C VAL B 684 -4.39 8.67 19.23
N THR B 685 -4.67 8.96 20.50
CA THR B 685 -3.64 9.42 21.44
C THR B 685 -3.12 8.31 22.35
N VAL B 686 -3.62 7.09 22.21
CA VAL B 686 -3.15 5.96 23.01
C VAL B 686 -2.78 4.81 22.08
N GLU B 687 -2.42 3.66 22.67
CA GLU B 687 -2.05 2.48 21.89
C GLU B 687 -3.18 2.06 20.97
#